data_6JEC
# 
_entry.id   6JEC 
# 
_audit_conform.dict_name       mmcif_pdbx.dic 
_audit_conform.dict_version    5.403 
_audit_conform.dict_location   http://mmcif.pdb.org/dictionaries/ascii/mmcif_pdbx.dic 
# 
loop_
_database_2.database_id 
_database_2.database_code 
_database_2.pdbx_database_accession 
_database_2.pdbx_DOI 
PDB   6JEC         pdb_00006jec 10.2210/pdb6jec/pdb 
WWPDB D_1300010963 ?            ?                   
# 
loop_
_pdbx_audit_revision_history.ordinal 
_pdbx_audit_revision_history.data_content_type 
_pdbx_audit_revision_history.major_revision 
_pdbx_audit_revision_history.minor_revision 
_pdbx_audit_revision_history.revision_date 
_pdbx_audit_revision_history.part_number 
1 'Structure model' 1 0 2020-02-05 ? 
2 'Structure model' 1 1 2025-04-09 ? 
# 
_pdbx_audit_revision_details.ordinal             1 
_pdbx_audit_revision_details.revision_ordinal    1 
_pdbx_audit_revision_details.data_content_type   'Structure model' 
_pdbx_audit_revision_details.provider            repository 
_pdbx_audit_revision_details.type                'Initial release' 
_pdbx_audit_revision_details.description         ? 
_pdbx_audit_revision_details.details             ? 
# 
loop_
_pdbx_audit_revision_group.ordinal 
_pdbx_audit_revision_group.revision_ordinal 
_pdbx_audit_revision_group.data_content_type 
_pdbx_audit_revision_group.group 
1 2 'Structure model' 'Data collection'     
2 2 'Structure model' 'Database references' 
3 2 'Structure model' 'Structure summary'   
# 
loop_
_pdbx_audit_revision_category.ordinal 
_pdbx_audit_revision_category.revision_ordinal 
_pdbx_audit_revision_category.data_content_type 
_pdbx_audit_revision_category.category 
1 2 'Structure model' chem_comp_atom            
2 2 'Structure model' chem_comp_bond            
3 2 'Structure model' database_2                
4 2 'Structure model' pdbx_entry_details        
5 2 'Structure model' pdbx_modification_feature 
# 
loop_
_pdbx_audit_revision_item.ordinal 
_pdbx_audit_revision_item.revision_ordinal 
_pdbx_audit_revision_item.data_content_type 
_pdbx_audit_revision_item.item 
1 2 'Structure model' '_database_2.pdbx_DOI'                
2 2 'Structure model' '_database_2.pdbx_database_accession' 
# 
_pdbx_database_status.status_code                     REL 
_pdbx_database_status.status_code_sf                  REL 
_pdbx_database_status.status_code_mr                  ? 
_pdbx_database_status.entry_id                        6JEC 
_pdbx_database_status.recvd_initial_deposition_date   2019-02-05 
_pdbx_database_status.SG_entry                        N 
_pdbx_database_status.deposit_site                    PDBJ 
_pdbx_database_status.process_site                    PDBJ 
_pdbx_database_status.status_code_cs                  ? 
_pdbx_database_status.methods_development_category    ? 
_pdbx_database_status.pdb_format_compatible           Y 
_pdbx_database_status.status_code_nmr_data            ? 
# 
loop_
_audit_author.name 
_audit_author.pdbx_ordinal 
_audit_author.identifier_ORCID 
'Yang, X.'  1 ? 
'Zhu, Y.'   2 ? 
'Ye, S.'    3 ? 
'Zhang, R.' 4 ? 
# 
_citation.abstract                  ? 
_citation.abstract_id_CAS           ? 
_citation.book_id_ISBN              ? 
_citation.book_publisher            ? 
_citation.book_publisher_city       ? 
_citation.book_title                ? 
_citation.coordinate_linkage        ? 
_citation.country                   ? 
_citation.database_id_Medline       ? 
_citation.details                   ? 
_citation.id                        primary 
_citation.journal_abbrev            'To Be Published' 
_citation.journal_id_ASTM           ? 
_citation.journal_id_CSD            0353 
_citation.journal_id_ISSN           ? 
_citation.journal_full              ? 
_citation.journal_issue             ? 
_citation.journal_volume            ? 
_citation.language                  ? 
_citation.page_first                ? 
_citation.page_last                 ? 
_citation.title                     'Structure of a triple-helix region of human collagen type II.' 
_citation.year                      ? 
_citation.database_id_CSD           ? 
_citation.pdbx_database_id_DOI      ? 
_citation.pdbx_database_id_PubMed   ? 
_citation.unpublished_flag          ? 
# 
loop_
_citation_author.citation_id 
_citation_author.name 
_citation_author.ordinal 
_citation_author.identifier_ORCID 
primary 'Yang, X.'  1 ? 
primary 'Zhu, Y.'   2 ? 
primary 'Ye, S.'    3 ? 
primary 'Zhang, R.' 4 ? 
primary 'Lu, L.'    5 ? 
# 
loop_
_entity.id 
_entity.type 
_entity.src_method 
_entity.pdbx_description 
_entity.formula_weight 
_entity.pdbx_number_of_molecules 
_entity.pdbx_ec 
_entity.pdbx_mutation 
_entity.pdbx_fragment 
_entity.details 
1 polymer syn 'human collagen type II' 2739.927 3   ? ? ? ? 
2 water   nat water                    18.015   127 ? ? ? ? 
# 
_entity_poly.entity_id                      1 
_entity_poly.type                           'polypeptide(L)' 
_entity_poly.nstd_linkage                   no 
_entity_poly.nstd_monomer                   yes 
_entity_poly.pdbx_seq_one_letter_code       '(ACE)P(HYP)GP(HYP)GP(HYP)GRAGEPGLQGPAGP(HYP)GP(HYP)GP(HYP)G' 
_entity_poly.pdbx_seq_one_letter_code_can   XPPGPPGPPGRAGEPGLQGPAGPPGPPGPPG 
_entity_poly.pdbx_strand_id                 A,B,C 
_entity_poly.pdbx_target_identifier         ? 
# 
_pdbx_entity_nonpoly.entity_id   2 
_pdbx_entity_nonpoly.name        water 
_pdbx_entity_nonpoly.comp_id     HOH 
# 
loop_
_entity_poly_seq.entity_id 
_entity_poly_seq.num 
_entity_poly_seq.mon_id 
_entity_poly_seq.hetero 
1 1  ACE n 
1 2  PRO n 
1 3  HYP n 
1 4  GLY n 
1 5  PRO n 
1 6  HYP n 
1 7  GLY n 
1 8  PRO n 
1 9  HYP n 
1 10 GLY n 
1 11 ARG n 
1 12 ALA n 
1 13 GLY n 
1 14 GLU n 
1 15 PRO n 
1 16 GLY n 
1 17 LEU n 
1 18 GLN n 
1 19 GLY n 
1 20 PRO n 
1 21 ALA n 
1 22 GLY n 
1 23 PRO n 
1 24 HYP n 
1 25 GLY n 
1 26 PRO n 
1 27 HYP n 
1 28 GLY n 
1 29 PRO n 
1 30 HYP n 
1 31 GLY n 
# 
_pdbx_entity_src_syn.entity_id              1 
_pdbx_entity_src_syn.pdbx_src_id            1 
_pdbx_entity_src_syn.pdbx_alt_source_flag   sample 
_pdbx_entity_src_syn.pdbx_beg_seq_num       1 
_pdbx_entity_src_syn.pdbx_end_seq_num       31 
_pdbx_entity_src_syn.organism_scientific    'Homo sapiens' 
_pdbx_entity_src_syn.organism_common_name   ? 
_pdbx_entity_src_syn.ncbi_taxonomy_id       9606 
_pdbx_entity_src_syn.details                ? 
# 
loop_
_chem_comp.id 
_chem_comp.type 
_chem_comp.mon_nstd_flag 
_chem_comp.name 
_chem_comp.pdbx_synonyms 
_chem_comp.formula 
_chem_comp.formula_weight 
ACE non-polymer         . 'ACETYL GROUP'   ?              'C2 H4 O'        44.053  
ALA 'L-peptide linking' y ALANINE          ?              'C3 H7 N O2'     89.093  
ARG 'L-peptide linking' y ARGININE         ?              'C6 H15 N4 O2 1' 175.209 
GLN 'L-peptide linking' y GLUTAMINE        ?              'C5 H10 N2 O3'   146.144 
GLU 'L-peptide linking' y 'GLUTAMIC ACID'  ?              'C5 H9 N O4'     147.129 
GLY 'peptide linking'   y GLYCINE          ?              'C2 H5 N O2'     75.067  
HOH non-polymer         . WATER            ?              'H2 O'           18.015  
HYP 'L-peptide linking' n 4-HYDROXYPROLINE HYDROXYPROLINE 'C5 H9 N O3'     131.130 
LEU 'L-peptide linking' y LEUCINE          ?              'C6 H13 N O2'    131.173 
PRO 'L-peptide linking' y PROLINE          ?              'C5 H9 N O2'     115.130 
# 
loop_
_pdbx_poly_seq_scheme.asym_id 
_pdbx_poly_seq_scheme.entity_id 
_pdbx_poly_seq_scheme.seq_id 
_pdbx_poly_seq_scheme.mon_id 
_pdbx_poly_seq_scheme.ndb_seq_num 
_pdbx_poly_seq_scheme.pdb_seq_num 
_pdbx_poly_seq_scheme.auth_seq_num 
_pdbx_poly_seq_scheme.pdb_mon_id 
_pdbx_poly_seq_scheme.auth_mon_id 
_pdbx_poly_seq_scheme.pdb_strand_id 
_pdbx_poly_seq_scheme.pdb_ins_code 
_pdbx_poly_seq_scheme.hetero 
A 1 1  ACE 1  0  0  ACE ACE A . n 
A 1 2  PRO 2  1  1  PRO PRO A . n 
A 1 3  HYP 3  2  2  HYP HYP A . n 
A 1 4  GLY 4  3  3  GLY GLY A . n 
A 1 5  PRO 5  4  4  PRO PRO A . n 
A 1 6  HYP 6  5  5  HYP HYP A . n 
A 1 7  GLY 7  6  6  GLY GLY A . n 
A 1 8  PRO 8  7  7  PRO PRO A . n 
A 1 9  HYP 9  8  8  HYP HYP A . n 
A 1 10 GLY 10 9  9  GLY GLY A . n 
A 1 11 ARG 11 10 10 ARG ARG A . n 
A 1 12 ALA 12 11 11 ALA ALA A . n 
A 1 13 GLY 13 12 12 GLY GLY A . n 
A 1 14 GLU 14 13 13 GLU GLU A . n 
A 1 15 PRO 15 14 14 PRO PRO A . n 
A 1 16 GLY 16 15 15 GLY GLY A . n 
A 1 17 LEU 17 16 16 LEU LEU A . n 
A 1 18 GLN 18 17 17 GLN GLN A . n 
A 1 19 GLY 19 18 18 GLY GLY A . n 
A 1 20 PRO 20 19 19 PRO PRO A . n 
A 1 21 ALA 21 20 20 ALA ALA A . n 
A 1 22 GLY 22 21 21 GLY GLY A . n 
A 1 23 PRO 23 22 22 PRO PRO A . n 
A 1 24 HYP 24 23 23 HYP HYP A . n 
A 1 25 GLY 25 24 24 GLY GLY A . n 
A 1 26 PRO 26 25 25 PRO PRO A . n 
A 1 27 HYP 27 26 26 HYP HYP A . n 
A 1 28 GLY 28 27 27 GLY GLY A . n 
A 1 29 PRO 29 28 28 PRO PRO A . n 
A 1 30 HYP 30 29 29 HYP HYP A . n 
A 1 31 GLY 31 30 ?  ?   ?   A . n 
B 1 1  ACE 1  0  ?  ?   ?   B . n 
B 1 2  PRO 2  1  1  PRO PRO B . n 
B 1 3  HYP 3  2  2  HYP HYP B . n 
B 1 4  GLY 4  3  3  GLY GLY B . n 
B 1 5  PRO 5  4  4  PRO PRO B . n 
B 1 6  HYP 6  5  5  HYP HYP B . n 
B 1 7  GLY 7  6  6  GLY GLY B . n 
B 1 8  PRO 8  7  7  PRO PRO B . n 
B 1 9  HYP 9  8  8  HYP HYP B . n 
B 1 10 GLY 10 9  9  GLY GLY B . n 
B 1 11 ARG 11 10 10 ARG ARG B . n 
B 1 12 ALA 12 11 11 ALA ALA B . n 
B 1 13 GLY 13 12 12 GLY GLY B . n 
B 1 14 GLU 14 13 13 GLU GLU B . n 
B 1 15 PRO 15 14 14 PRO PRO B . n 
B 1 16 GLY 16 15 15 GLY GLY B . n 
B 1 17 LEU 17 16 16 LEU LEU B . n 
B 1 18 GLN 18 17 17 GLN GLN B . n 
B 1 19 GLY 19 18 18 GLY GLY B . n 
B 1 20 PRO 20 19 19 PRO PRO B . n 
B 1 21 ALA 21 20 20 ALA ALA B . n 
B 1 22 GLY 22 21 21 GLY GLY B . n 
B 1 23 PRO 23 22 22 PRO PRO B . n 
B 1 24 HYP 24 23 23 HYP HYP B . n 
B 1 25 GLY 25 24 24 GLY GLY B . n 
B 1 26 PRO 26 25 25 PRO PRO B . n 
B 1 27 HYP 27 26 26 HYP HYP B . n 
B 1 28 GLY 28 27 27 GLY GLY B . n 
B 1 29 PRO 29 28 28 PRO PRO B . n 
B 1 30 HYP 30 29 29 HYP HYP B . n 
B 1 31 GLY 31 30 30 GLY GLY B . n 
C 1 1  ACE 1  0  0  ACE ACE C . n 
C 1 2  PRO 2  1  1  PRO PRO C . n 
C 1 3  HYP 3  2  2  HYP HYP C . n 
C 1 4  GLY 4  3  3  GLY GLY C . n 
C 1 5  PRO 5  4  4  PRO PRO C . n 
C 1 6  HYP 6  5  5  HYP HYP C . n 
C 1 7  GLY 7  6  6  GLY GLY C . n 
C 1 8  PRO 8  7  7  PRO PRO C . n 
C 1 9  HYP 9  8  8  HYP HYP C . n 
C 1 10 GLY 10 9  9  GLY GLY C . n 
C 1 11 ARG 11 10 10 ARG ARG C . n 
C 1 12 ALA 12 11 11 ALA ALA C . n 
C 1 13 GLY 13 12 12 GLY GLY C . n 
C 1 14 GLU 14 13 13 GLU GLU C . n 
C 1 15 PRO 15 14 14 PRO PRO C . n 
C 1 16 GLY 16 15 15 GLY GLY C . n 
C 1 17 LEU 17 16 16 LEU LEU C . n 
C 1 18 GLN 18 17 17 GLN GLN C . n 
C 1 19 GLY 19 18 18 GLY GLY C . n 
C 1 20 PRO 20 19 19 PRO PRO C . n 
C 1 21 ALA 21 20 20 ALA ALA C . n 
C 1 22 GLY 22 21 21 GLY GLY C . n 
C 1 23 PRO 23 22 22 PRO PRO C . n 
C 1 24 HYP 24 23 23 HYP HYP C . n 
C 1 25 GLY 25 24 24 GLY GLY C . n 
C 1 26 PRO 26 25 25 PRO PRO C . n 
C 1 27 HYP 27 26 26 HYP HYP C . n 
C 1 28 GLY 28 27 27 GLY GLY C . n 
C 1 29 PRO 29 28 28 PRO PRO C . n 
C 1 30 HYP 30 29 29 HYP HYP C . n 
C 1 31 GLY 31 30 30 GLY GLY C . n 
# 
loop_
_pdbx_nonpoly_scheme.asym_id 
_pdbx_nonpoly_scheme.entity_id 
_pdbx_nonpoly_scheme.mon_id 
_pdbx_nonpoly_scheme.ndb_seq_num 
_pdbx_nonpoly_scheme.pdb_seq_num 
_pdbx_nonpoly_scheme.auth_seq_num 
_pdbx_nonpoly_scheme.pdb_mon_id 
_pdbx_nonpoly_scheme.auth_mon_id 
_pdbx_nonpoly_scheme.pdb_strand_id 
_pdbx_nonpoly_scheme.pdb_ins_code 
D 2 HOH 1  101 75  HOH HOH A . 
D 2 HOH 2  102 107 HOH HOH A . 
D 2 HOH 3  103 37  HOH HOH A . 
D 2 HOH 4  104 64  HOH HOH A . 
D 2 HOH 5  105 14  HOH HOH A . 
D 2 HOH 6  106 56  HOH HOH A . 
D 2 HOH 7  107 39  HOH HOH A . 
D 2 HOH 8  108 19  HOH HOH A . 
D 2 HOH 9  109 93  HOH HOH A . 
D 2 HOH 10 110 42  HOH HOH A . 
D 2 HOH 11 111 20  HOH HOH A . 
D 2 HOH 12 112 1   HOH HOH A . 
D 2 HOH 13 113 8   HOH HOH A . 
D 2 HOH 14 114 53  HOH HOH A . 
D 2 HOH 15 115 3   HOH HOH A . 
D 2 HOH 16 116 50  HOH HOH A . 
D 2 HOH 17 117 123 HOH HOH A . 
D 2 HOH 18 118 92  HOH HOH A . 
D 2 HOH 19 119 94  HOH HOH A . 
D 2 HOH 20 120 95  HOH HOH A . 
D 2 HOH 21 121 97  HOH HOH A . 
D 2 HOH 22 122 23  HOH HOH A . 
D 2 HOH 23 123 67  HOH HOH A . 
D 2 HOH 24 124 106 HOH HOH A . 
D 2 HOH 25 125 26  HOH HOH A . 
D 2 HOH 26 126 115 HOH HOH A . 
D 2 HOH 27 127 48  HOH HOH A . 
D 2 HOH 28 128 85  HOH HOH A . 
D 2 HOH 29 129 101 HOH HOH A . 
D 2 HOH 30 130 47  HOH HOH A . 
D 2 HOH 31 131 18  HOH HOH A . 
D 2 HOH 32 132 24  HOH HOH A . 
D 2 HOH 33 133 10  HOH HOH A . 
D 2 HOH 34 134 21  HOH HOH A . 
D 2 HOH 35 135 68  HOH HOH A . 
D 2 HOH 36 136 52  HOH HOH A . 
D 2 HOH 37 137 87  HOH HOH A . 
D 2 HOH 38 138 36  HOH HOH A . 
D 2 HOH 39 139 98  HOH HOH A . 
D 2 HOH 40 140 70  HOH HOH A . 
D 2 HOH 41 141 69  HOH HOH A . 
D 2 HOH 42 142 127 HOH HOH A . 
D 2 HOH 43 143 81  HOH HOH A . 
E 2 HOH 1  101 57  HOH HOH B . 
E 2 HOH 2  102 27  HOH HOH B . 
E 2 HOH 3  103 110 HOH HOH B . 
E 2 HOH 4  104 5   HOH HOH B . 
E 2 HOH 5  105 55  HOH HOH B . 
E 2 HOH 6  106 126 HOH HOH B . 
E 2 HOH 7  107 60  HOH HOH B . 
E 2 HOH 8  108 77  HOH HOH B . 
E 2 HOH 9  109 120 HOH HOH B . 
E 2 HOH 10 110 108 HOH HOH B . 
E 2 HOH 11 111 72  HOH HOH B . 
E 2 HOH 12 112 4   HOH HOH B . 
E 2 HOH 13 113 104 HOH HOH B . 
E 2 HOH 14 114 79  HOH HOH B . 
E 2 HOH 15 115 54  HOH HOH B . 
E 2 HOH 16 116 44  HOH HOH B . 
E 2 HOH 17 117 116 HOH HOH B . 
E 2 HOH 18 118 96  HOH HOH B . 
E 2 HOH 19 119 34  HOH HOH B . 
E 2 HOH 20 120 35  HOH HOH B . 
E 2 HOH 21 121 114 HOH HOH B . 
E 2 HOH 22 122 46  HOH HOH B . 
E 2 HOH 23 123 6   HOH HOH B . 
E 2 HOH 24 124 109 HOH HOH B . 
E 2 HOH 25 125 12  HOH HOH B . 
E 2 HOH 26 126 99  HOH HOH B . 
E 2 HOH 27 127 80  HOH HOH B . 
E 2 HOH 28 128 73  HOH HOH B . 
E 2 HOH 29 129 118 HOH HOH B . 
E 2 HOH 30 130 113 HOH HOH B . 
E 2 HOH 31 131 124 HOH HOH B . 
E 2 HOH 32 132 76  HOH HOH B . 
E 2 HOH 33 133 43  HOH HOH B . 
E 2 HOH 34 134 121 HOH HOH B . 
E 2 HOH 35 135 15  HOH HOH B . 
E 2 HOH 36 136 88  HOH HOH B . 
E 2 HOH 37 137 86  HOH HOH B . 
E 2 HOH 38 138 105 HOH HOH B . 
F 2 HOH 1  101 29  HOH HOH C . 
F 2 HOH 2  102 25  HOH HOH C . 
F 2 HOH 3  103 125 HOH HOH C . 
F 2 HOH 4  104 78  HOH HOH C . 
F 2 HOH 5  105 82  HOH HOH C . 
F 2 HOH 6  106 71  HOH HOH C . 
F 2 HOH 7  107 49  HOH HOH C . 
F 2 HOH 8  108 38  HOH HOH C . 
F 2 HOH 9  109 66  HOH HOH C . 
F 2 HOH 10 110 7   HOH HOH C . 
F 2 HOH 11 111 51  HOH HOH C . 
F 2 HOH 12 112 16  HOH HOH C . 
F 2 HOH 13 113 22  HOH HOH C . 
F 2 HOH 14 114 17  HOH HOH C . 
F 2 HOH 15 115 62  HOH HOH C . 
F 2 HOH 16 116 9   HOH HOH C . 
F 2 HOH 17 117 90  HOH HOH C . 
F 2 HOH 18 118 45  HOH HOH C . 
F 2 HOH 19 119 30  HOH HOH C . 
F 2 HOH 20 120 28  HOH HOH C . 
F 2 HOH 21 121 74  HOH HOH C . 
F 2 HOH 22 122 2   HOH HOH C . 
F 2 HOH 23 123 103 HOH HOH C . 
F 2 HOH 24 124 32  HOH HOH C . 
F 2 HOH 25 125 11  HOH HOH C . 
F 2 HOH 26 126 84  HOH HOH C . 
F 2 HOH 27 127 33  HOH HOH C . 
F 2 HOH 28 128 61  HOH HOH C . 
F 2 HOH 29 129 122 HOH HOH C . 
F 2 HOH 30 130 89  HOH HOH C . 
F 2 HOH 31 131 112 HOH HOH C . 
F 2 HOH 32 132 102 HOH HOH C . 
F 2 HOH 33 133 13  HOH HOH C . 
F 2 HOH 34 134 83  HOH HOH C . 
F 2 HOH 35 135 59  HOH HOH C . 
F 2 HOH 36 136 65  HOH HOH C . 
F 2 HOH 37 137 91  HOH HOH C . 
F 2 HOH 38 138 40  HOH HOH C . 
F 2 HOH 39 139 117 HOH HOH C . 
F 2 HOH 40 140 100 HOH HOH C . 
F 2 HOH 41 141 63  HOH HOH C . 
F 2 HOH 42 142 119 HOH HOH C . 
F 2 HOH 43 143 58  HOH HOH C . 
F 2 HOH 44 144 31  HOH HOH C . 
F 2 HOH 45 145 111 HOH HOH C . 
F 2 HOH 46 146 41  HOH HOH C . 
# 
loop_
_software.citation_id 
_software.classification 
_software.compiler_name 
_software.compiler_version 
_software.contact_author 
_software.contact_author_email 
_software.date 
_software.description 
_software.dependencies 
_software.hardware 
_software.language 
_software.location 
_software.mods 
_software.name 
_software.os 
_software.os_version 
_software.type 
_software.version 
_software.pdbx_ordinal 
? refinement       ? ? ? ? ? ? ? ? ? ? ? PHENIX   ? ? ? '(1.11.1_2575: ???)' 1 
? 'data reduction' ? ? ? ? ? ? ? ? ? ? ? HKL-2000 ? ? ? .                    2 
? 'data scaling'   ? ? ? ? ? ? ? ? ? ? ? HKL-2000 ? ? ? .                    3 
? phasing          ? ? ? ? ? ? ? ? ? ? ? PHASER   ? ? ? .                    4 
# 
_cell.angle_alpha                  102.76 
_cell.angle_alpha_esd              ? 
_cell.angle_beta                   92.14 
_cell.angle_beta_esd               ? 
_cell.angle_gamma                  113.97 
_cell.angle_gamma_esd              ? 
_cell.entry_id                     6JEC 
_cell.details                      ? 
_cell.formula_units_Z              ? 
_cell.length_a                     19.360 
_cell.length_a_esd                 ? 
_cell.length_b                     22.990 
_cell.length_b_esd                 ? 
_cell.length_c                     39.909 
_cell.length_c_esd                 ? 
_cell.volume                       ? 
_cell.volume_esd                   ? 
_cell.Z_PDB                        3 
_cell.reciprocal_angle_alpha       ? 
_cell.reciprocal_angle_beta        ? 
_cell.reciprocal_angle_gamma       ? 
_cell.reciprocal_angle_alpha_esd   ? 
_cell.reciprocal_angle_beta_esd    ? 
_cell.reciprocal_angle_gamma_esd   ? 
_cell.reciprocal_length_a          ? 
_cell.reciprocal_length_b          ? 
_cell.reciprocal_length_c          ? 
_cell.reciprocal_length_a_esd      ? 
_cell.reciprocal_length_b_esd      ? 
_cell.reciprocal_length_c_esd      ? 
_cell.pdbx_unique_axis             ? 
# 
_symmetry.entry_id                         6JEC 
_symmetry.cell_setting                     ? 
_symmetry.Int_Tables_number                1 
_symmetry.space_group_name_Hall            ? 
_symmetry.space_group_name_H-M             'P 1' 
_symmetry.pdbx_full_space_group_name_H-M   ? 
# 
_exptl.absorpt_coefficient_mu     ? 
_exptl.absorpt_correction_T_max   ? 
_exptl.absorpt_correction_T_min   ? 
_exptl.absorpt_correction_type    ? 
_exptl.absorpt_process_details    ? 
_exptl.entry_id                   6JEC 
_exptl.crystals_number            1 
_exptl.details                    ? 
_exptl.method                     'X-RAY DIFFRACTION' 
_exptl.method_details             ? 
# 
_exptl_crystal.colour                      ? 
_exptl_crystal.density_diffrn              ? 
_exptl_crystal.density_Matthews            1.91 
_exptl_crystal.density_method              ? 
_exptl_crystal.density_percent_sol         35.47 
_exptl_crystal.description                 ? 
_exptl_crystal.F_000                       ? 
_exptl_crystal.id                          1 
_exptl_crystal.preparation                 ? 
_exptl_crystal.size_max                    ? 
_exptl_crystal.size_mid                    ? 
_exptl_crystal.size_min                    ? 
_exptl_crystal.size_rad                    ? 
_exptl_crystal.colour_lustre               ? 
_exptl_crystal.colour_modifier             ? 
_exptl_crystal.colour_primary              ? 
_exptl_crystal.density_meas                ? 
_exptl_crystal.density_meas_esd            ? 
_exptl_crystal.density_meas_gt             ? 
_exptl_crystal.density_meas_lt             ? 
_exptl_crystal.density_meas_temp           ? 
_exptl_crystal.density_meas_temp_esd       ? 
_exptl_crystal.density_meas_temp_gt        ? 
_exptl_crystal.density_meas_temp_lt        ? 
_exptl_crystal.pdbx_crystal_image_url      ? 
_exptl_crystal.pdbx_crystal_image_format   ? 
_exptl_crystal.pdbx_mosaicity              ? 
_exptl_crystal.pdbx_mosaicity_esd          ? 
# 
_exptl_crystal_grow.apparatus       ? 
_exptl_crystal_grow.atmosphere      ? 
_exptl_crystal_grow.crystal_id      1 
_exptl_crystal_grow.details         ? 
_exptl_crystal_grow.method          'VAPOR DIFFUSION, HANGING DROP' 
_exptl_crystal_grow.method_ref      ? 
_exptl_crystal_grow.pH              ? 
_exptl_crystal_grow.pressure        ? 
_exptl_crystal_grow.pressure_esd    ? 
_exptl_crystal_grow.seeding         ? 
_exptl_crystal_grow.seeding_ref     ? 
_exptl_crystal_grow.temp            289 
_exptl_crystal_grow.temp_details    ? 
_exptl_crystal_grow.temp_esd        ? 
_exptl_crystal_grow.time            ? 
_exptl_crystal_grow.pdbx_details    '0.2M Sodium Acetate 20%(w/v) PEG 3350' 
_exptl_crystal_grow.pdbx_pH_range   ? 
# 
_diffrn.ambient_environment              ? 
_diffrn.ambient_temp                     100 
_diffrn.ambient_temp_details             ? 
_diffrn.ambient_temp_esd                 ? 
_diffrn.crystal_id                       1 
_diffrn.crystal_support                  ? 
_diffrn.crystal_treatment                ? 
_diffrn.details                          ? 
_diffrn.id                               1 
_diffrn.ambient_pressure                 ? 
_diffrn.ambient_pressure_esd             ? 
_diffrn.ambient_pressure_gt              ? 
_diffrn.ambient_pressure_lt              ? 
_diffrn.ambient_temp_gt                  ? 
_diffrn.ambient_temp_lt                  ? 
_diffrn.pdbx_serial_crystal_experiment   N 
# 
_diffrn_detector.details                      ? 
_diffrn_detector.detector                     CCD 
_diffrn_detector.diffrn_id                    1 
_diffrn_detector.type                         'RIGAKU SATURN 944+' 
_diffrn_detector.area_resol_mean              ? 
_diffrn_detector.dtime                        ? 
_diffrn_detector.pdbx_frames_total            ? 
_diffrn_detector.pdbx_collection_time_total   ? 
_diffrn_detector.pdbx_collection_date         2019-02-01 
_diffrn_detector.pdbx_frequency               ? 
# 
_diffrn_radiation.collimation                      ? 
_diffrn_radiation.diffrn_id                        1 
_diffrn_radiation.filter_edge                      ? 
_diffrn_radiation.inhomogeneity                    ? 
_diffrn_radiation.monochromator                    ? 
_diffrn_radiation.polarisn_norm                    ? 
_diffrn_radiation.polarisn_ratio                   ? 
_diffrn_radiation.probe                            ? 
_diffrn_radiation.type                             ? 
_diffrn_radiation.xray_symbol                      ? 
_diffrn_radiation.wavelength_id                    1 
_diffrn_radiation.pdbx_monochromatic_or_laue_m_l   M 
_diffrn_radiation.pdbx_wavelength_list             ? 
_diffrn_radiation.pdbx_wavelength                  ? 
_diffrn_radiation.pdbx_diffrn_protocol             'SINGLE WAVELENGTH' 
_diffrn_radiation.pdbx_analyzer                    ? 
_diffrn_radiation.pdbx_scattering_type             x-ray 
# 
_diffrn_radiation_wavelength.id           1 
_diffrn_radiation_wavelength.wavelength   1.5418 
_diffrn_radiation_wavelength.wt           1.0 
# 
_diffrn_source.current                     ? 
_diffrn_source.details                     ? 
_diffrn_source.diffrn_id                   1 
_diffrn_source.power                       ? 
_diffrn_source.size                        ? 
_diffrn_source.source                      'ROTATING ANODE' 
_diffrn_source.target                      ? 
_diffrn_source.type                        'RIGAKU MICROMAX-007 HF' 
_diffrn_source.voltage                     ? 
_diffrn_source.take-off_angle              ? 
_diffrn_source.pdbx_wavelength_list        1.5418 
_diffrn_source.pdbx_wavelength             ? 
_diffrn_source.pdbx_synchrotron_beamline   ? 
_diffrn_source.pdbx_synchrotron_site       ? 
# 
_reflns.B_iso_Wilson_estimate            ? 
_reflns.entry_id                         6JEC 
_reflns.data_reduction_details           ? 
_reflns.data_reduction_method            ? 
_reflns.d_resolution_high                2.049 
_reflns.d_resolution_low                 20.294 
_reflns.details                          ? 
_reflns.limit_h_max                      ? 
_reflns.limit_h_min                      ? 
_reflns.limit_k_max                      ? 
_reflns.limit_k_min                      ? 
_reflns.limit_l_max                      ? 
_reflns.limit_l_min                      ? 
_reflns.number_all                       ? 
_reflns.number_obs                       3550 
_reflns.observed_criterion               ? 
_reflns.observed_criterion_F_max         ? 
_reflns.observed_criterion_F_min         ? 
_reflns.observed_criterion_I_max         ? 
_reflns.observed_criterion_I_min         ? 
_reflns.observed_criterion_sigma_F       ? 
_reflns.observed_criterion_sigma_I       ? 
_reflns.percent_possible_obs             92.79 
_reflns.R_free_details                   ? 
_reflns.Rmerge_F_all                     ? 
_reflns.Rmerge_F_obs                     ? 
_reflns.Friedel_coverage                 ? 
_reflns.number_gt                        ? 
_reflns.threshold_expression             ? 
_reflns.pdbx_redundancy                  4.1 
_reflns.pdbx_Rmerge_I_obs                ? 
_reflns.pdbx_Rmerge_I_all                ? 
_reflns.pdbx_Rsym_value                  ? 
_reflns.pdbx_netI_over_av_sigmaI         ? 
_reflns.pdbx_netI_over_sigmaI            31.6 
_reflns.pdbx_res_netI_over_av_sigmaI_2   ? 
_reflns.pdbx_res_netI_over_sigmaI_2      ? 
_reflns.pdbx_chi_squared                 ? 
_reflns.pdbx_scaling_rejects             ? 
_reflns.pdbx_d_res_high_opt              ? 
_reflns.pdbx_d_res_low_opt               ? 
_reflns.pdbx_d_res_opt_method            ? 
_reflns.phase_calculation_details        ? 
_reflns.pdbx_Rrim_I_all                  ? 
_reflns.pdbx_Rpim_I_all                  ? 
_reflns.pdbx_d_opt                       ? 
_reflns.pdbx_number_measured_all         ? 
_reflns.pdbx_diffrn_id                   1 
_reflns.pdbx_ordinal                     1 
_reflns.pdbx_CC_half                     ? 
_reflns.pdbx_R_split                     ? 
# 
_reflns_shell.d_res_high                  2.05 
_reflns_shell.d_res_low                   2.09 
_reflns_shell.meanI_over_sigI_all         ? 
_reflns_shell.meanI_over_sigI_obs         ? 
_reflns_shell.number_measured_all         ? 
_reflns_shell.number_measured_obs         ? 
_reflns_shell.number_possible             ? 
_reflns_shell.number_unique_all           ? 
_reflns_shell.number_unique_obs           ? 
_reflns_shell.percent_possible_all        ? 
_reflns_shell.percent_possible_obs        ? 
_reflns_shell.Rmerge_F_all                ? 
_reflns_shell.Rmerge_F_obs                ? 
_reflns_shell.Rmerge_I_all                ? 
_reflns_shell.Rmerge_I_obs                ? 
_reflns_shell.meanI_over_sigI_gt          ? 
_reflns_shell.meanI_over_uI_all           ? 
_reflns_shell.meanI_over_uI_gt            ? 
_reflns_shell.number_measured_gt          ? 
_reflns_shell.number_unique_gt            ? 
_reflns_shell.percent_possible_gt         ? 
_reflns_shell.Rmerge_F_gt                 ? 
_reflns_shell.Rmerge_I_gt                 ? 
_reflns_shell.pdbx_redundancy             ? 
_reflns_shell.pdbx_Rsym_value             ? 
_reflns_shell.pdbx_chi_squared            ? 
_reflns_shell.pdbx_netI_over_sigmaI_all   ? 
_reflns_shell.pdbx_netI_over_sigmaI_obs   ? 
_reflns_shell.pdbx_Rrim_I_all             ? 
_reflns_shell.pdbx_Rpim_I_all             ? 
_reflns_shell.pdbx_rejects                ? 
_reflns_shell.pdbx_ordinal                1 
_reflns_shell.pdbx_diffrn_id              1 
_reflns_shell.pdbx_CC_half                ? 
_reflns_shell.pdbx_R_split                ? 
# 
_refine.aniso_B[1][1]                            ? 
_refine.aniso_B[1][2]                            ? 
_refine.aniso_B[1][3]                            ? 
_refine.aniso_B[2][2]                            ? 
_refine.aniso_B[2][3]                            ? 
_refine.aniso_B[3][3]                            ? 
_refine.B_iso_max                                ? 
_refine.B_iso_mean                               ? 
_refine.B_iso_min                                ? 
_refine.correlation_coeff_Fo_to_Fc               ? 
_refine.correlation_coeff_Fo_to_Fc_free          ? 
_refine.details                                  ? 
_refine.diff_density_max                         ? 
_refine.diff_density_max_esd                     ? 
_refine.diff_density_min                         ? 
_refine.diff_density_min_esd                     ? 
_refine.diff_density_rms                         ? 
_refine.diff_density_rms_esd                     ? 
_refine.entry_id                                 6JEC 
_refine.pdbx_refine_id                           'X-RAY DIFFRACTION' 
_refine.ls_abs_structure_details                 ? 
_refine.ls_abs_structure_Flack                   ? 
_refine.ls_abs_structure_Flack_esd               ? 
_refine.ls_abs_structure_Rogers                  ? 
_refine.ls_abs_structure_Rogers_esd              ? 
_refine.ls_d_res_high                            2.049 
_refine.ls_d_res_low                             20.294 
_refine.ls_extinction_coef                       ? 
_refine.ls_extinction_coef_esd                   ? 
_refine.ls_extinction_expression                 ? 
_refine.ls_extinction_method                     ? 
_refine.ls_goodness_of_fit_all                   ? 
_refine.ls_goodness_of_fit_all_esd               ? 
_refine.ls_goodness_of_fit_obs                   ? 
_refine.ls_goodness_of_fit_obs_esd               ? 
_refine.ls_hydrogen_treatment                    ? 
_refine.ls_matrix_type                           ? 
_refine.ls_number_constraints                    ? 
_refine.ls_number_parameters                     ? 
_refine.ls_number_reflns_all                     ? 
_refine.ls_number_reflns_obs                     3550 
_refine.ls_number_reflns_R_free                  196 
_refine.ls_number_reflns_R_work                  ? 
_refine.ls_number_restraints                     ? 
_refine.ls_percent_reflns_obs                    92.79 
_refine.ls_percent_reflns_R_free                 5.52 
_refine.ls_R_factor_all                          ? 
_refine.ls_R_factor_obs                          0.1806 
_refine.ls_R_factor_R_free                       0.2156 
_refine.ls_R_factor_R_free_error                 ? 
_refine.ls_R_factor_R_free_error_details         ? 
_refine.ls_R_factor_R_work                       0.1786 
_refine.ls_R_Fsqd_factor_obs                     ? 
_refine.ls_R_I_factor_obs                        ? 
_refine.ls_redundancy_reflns_all                 ? 
_refine.ls_redundancy_reflns_obs                 ? 
_refine.ls_restrained_S_all                      ? 
_refine.ls_restrained_S_obs                      ? 
_refine.ls_shift_over_esd_max                    ? 
_refine.ls_shift_over_esd_mean                   ? 
_refine.ls_structure_factor_coef                 ? 
_refine.ls_weighting_details                     ? 
_refine.ls_weighting_scheme                      ? 
_refine.ls_wR_factor_all                         ? 
_refine.ls_wR_factor_obs                         ? 
_refine.ls_wR_factor_R_free                      ? 
_refine.ls_wR_factor_R_work                      ? 
_refine.occupancy_max                            ? 
_refine.occupancy_min                            ? 
_refine.solvent_model_details                    ? 
_refine.solvent_model_param_bsol                 ? 
_refine.solvent_model_param_ksol                 ? 
_refine.ls_R_factor_gt                           ? 
_refine.ls_goodness_of_fit_gt                    ? 
_refine.ls_goodness_of_fit_ref                   ? 
_refine.ls_shift_over_su_max                     ? 
_refine.ls_shift_over_su_max_lt                  ? 
_refine.ls_shift_over_su_mean                    ? 
_refine.ls_shift_over_su_mean_lt                 ? 
_refine.pdbx_ls_sigma_I                          ? 
_refine.pdbx_ls_sigma_F                          2.16 
_refine.pdbx_ls_sigma_Fsqd                       ? 
_refine.pdbx_data_cutoff_high_absF               ? 
_refine.pdbx_data_cutoff_high_rms_absF           ? 
_refine.pdbx_data_cutoff_low_absF                ? 
_refine.pdbx_isotropic_thermal_model             ? 
_refine.pdbx_ls_cross_valid_method               'FREE R-VALUE' 
_refine.pdbx_method_to_determine_struct          'MOLECULAR REPLACEMENT' 
_refine.pdbx_starting_model                      ? 
_refine.pdbx_stereochemistry_target_values       ? 
_refine.pdbx_R_Free_selection_details            ? 
_refine.pdbx_stereochem_target_val_spec_case     ? 
_refine.pdbx_overall_ESU_R                       ? 
_refine.pdbx_overall_ESU_R_Free                  ? 
_refine.pdbx_solvent_vdw_probe_radii             1.11 
_refine.pdbx_solvent_ion_probe_radii             ? 
_refine.pdbx_solvent_shrinkage_radii             0.90 
_refine.pdbx_real_space_R                        ? 
_refine.pdbx_density_correlation                 ? 
_refine.pdbx_pd_number_of_powder_patterns        ? 
_refine.pdbx_pd_number_of_points                 ? 
_refine.pdbx_pd_meas_number_of_points            ? 
_refine.pdbx_pd_proc_ls_prof_R_factor            ? 
_refine.pdbx_pd_proc_ls_prof_wR_factor           ? 
_refine.pdbx_pd_Marquardt_correlation_coeff      ? 
_refine.pdbx_pd_Fsqrd_R_factor                   ? 
_refine.pdbx_pd_ls_matrix_band_width             ? 
_refine.pdbx_overall_phase_error                 16.99 
_refine.pdbx_overall_SU_R_free_Cruickshank_DPI   ? 
_refine.pdbx_overall_SU_R_free_Blow_DPI          ? 
_refine.pdbx_overall_SU_R_Blow_DPI               ? 
_refine.pdbx_TLS_residual_ADP_flag               ? 
_refine.pdbx_diffrn_id                           1 
_refine.overall_SU_B                             ? 
_refine.overall_SU_ML                            0.16 
_refine.overall_SU_R_Cruickshank_DPI             ? 
_refine.overall_SU_R_free                        ? 
_refine.overall_FOM_free_R_set                   ? 
_refine.overall_FOM_work_R_set                   ? 
_refine.pdbx_average_fsc_overall                 ? 
_refine.pdbx_average_fsc_work                    ? 
_refine.pdbx_average_fsc_free                    ? 
# 
_refine_hist.pdbx_refine_id                   'X-RAY DIFFRACTION' 
_refine_hist.cycle_id                         LAST 
_refine_hist.pdbx_number_atoms_protein        573 
_refine_hist.pdbx_number_atoms_nucleic_acid   0 
_refine_hist.pdbx_number_atoms_ligand         0 
_refine_hist.number_atoms_solvent             127 
_refine_hist.number_atoms_total               700 
_refine_hist.d_res_high                       2.049 
_refine_hist.d_res_low                        20.294 
# 
loop_
_refine_ls_restr.pdbx_refine_id 
_refine_ls_restr.criterion 
_refine_ls_restr.dev_ideal 
_refine_ls_restr.dev_ideal_target 
_refine_ls_restr.number 
_refine_ls_restr.rejects 
_refine_ls_restr.type 
_refine_ls_restr.weight 
_refine_ls_restr.pdbx_restraint_function 
'X-RAY DIFFRACTION' ? 0.004 ? 612 ? f_bond_d           ? ? 
'X-RAY DIFFRACTION' ? 1.331 ? 850 ? f_angle_d          ? ? 
'X-RAY DIFFRACTION' ? 6.629 ? 371 ? f_dihedral_angle_d ? ? 
'X-RAY DIFFRACTION' ? 0.092 ? 81  ? f_chiral_restr     ? ? 
'X-RAY DIFFRACTION' ? 0.008 ? 118 ? f_plane_restr      ? ? 
# 
_refine_ls_shell.pdbx_refine_id                   'X-RAY DIFFRACTION' 
_refine_ls_shell.d_res_high                       2.049 
_refine_ls_shell.d_res_low                        2.09 
_refine_ls_shell.number_reflns_all                ? 
_refine_ls_shell.number_reflns_obs                ? 
_refine_ls_shell.number_reflns_R_free             196 
_refine_ls_shell.number_reflns_R_work             3354 
_refine_ls_shell.percent_reflns_obs               93.00 
_refine_ls_shell.percent_reflns_R_free            ? 
_refine_ls_shell.R_factor_all                     ? 
_refine_ls_shell.R_factor_obs                     ? 
_refine_ls_shell.R_factor_R_free                  0.2156 
_refine_ls_shell.R_factor_R_free_error            ? 
_refine_ls_shell.R_factor_R_work                  0.1786 
_refine_ls_shell.redundancy_reflns_all            ? 
_refine_ls_shell.redundancy_reflns_obs            ? 
_refine_ls_shell.wR_factor_all                    ? 
_refine_ls_shell.wR_factor_obs                    ? 
_refine_ls_shell.wR_factor_R_free                 ? 
_refine_ls_shell.wR_factor_R_work                 ? 
_refine_ls_shell.pdbx_total_number_of_bins_used   ? 
_refine_ls_shell.pdbx_phase_error                 ? 
_refine_ls_shell.pdbx_fsc_work                    ? 
_refine_ls_shell.pdbx_fsc_free                    ? 
# 
_struct.entry_id                     6JEC 
_struct.title                        'Structure of a triple-helix region of human collagen type II' 
_struct.pdbx_model_details           ? 
_struct.pdbx_formula_weight          ? 
_struct.pdbx_formula_weight_method   ? 
_struct.pdbx_model_type_details      ? 
_struct.pdbx_CASP_flag               N 
# 
_struct_keywords.entry_id        6JEC 
_struct_keywords.text            'collagen, STRUCTURAL PROTEIN' 
_struct_keywords.pdbx_keywords   'STRUCTURAL PROTEIN' 
# 
loop_
_struct_asym.id 
_struct_asym.pdbx_blank_PDB_chainid_flag 
_struct_asym.pdbx_modified 
_struct_asym.entity_id 
_struct_asym.details 
A N N 1 ? 
B N N 1 ? 
C N N 1 ? 
D N N 2 ? 
E N N 2 ? 
F N N 2 ? 
# 
_struct_ref.id                         1 
_struct_ref.db_name                    PDB 
_struct_ref.db_code                    6JEC 
_struct_ref.pdbx_db_accession          6JEC 
_struct_ref.pdbx_db_isoform            ? 
_struct_ref.entity_id                  1 
_struct_ref.pdbx_seq_one_letter_code   ? 
_struct_ref.pdbx_align_begin           1 
# 
loop_
_struct_ref_seq.align_id 
_struct_ref_seq.ref_id 
_struct_ref_seq.pdbx_PDB_id_code 
_struct_ref_seq.pdbx_strand_id 
_struct_ref_seq.seq_align_beg 
_struct_ref_seq.pdbx_seq_align_beg_ins_code 
_struct_ref_seq.seq_align_end 
_struct_ref_seq.pdbx_seq_align_end_ins_code 
_struct_ref_seq.pdbx_db_accession 
_struct_ref_seq.db_align_beg 
_struct_ref_seq.pdbx_db_align_beg_ins_code 
_struct_ref_seq.db_align_end 
_struct_ref_seq.pdbx_db_align_end_ins_code 
_struct_ref_seq.pdbx_auth_seq_align_beg 
_struct_ref_seq.pdbx_auth_seq_align_end 
1 1 6JEC A 1 ? 31 ? 6JEC 0 ? 30 ? 0 30 
2 1 6JEC B 1 ? 31 ? 6JEC 0 ? 30 ? 0 30 
3 1 6JEC C 1 ? 31 ? 6JEC 0 ? 30 ? 0 30 
# 
_pdbx_struct_assembly.id                   1 
_pdbx_struct_assembly.details              author_and_software_defined_assembly 
_pdbx_struct_assembly.method_details       PISA 
_pdbx_struct_assembly.oligomeric_details   trimeric 
_pdbx_struct_assembly.oligomeric_count     3 
# 
loop_
_pdbx_struct_assembly_prop.biol_id 
_pdbx_struct_assembly_prop.type 
_pdbx_struct_assembly_prop.value 
_pdbx_struct_assembly_prop.details 
1 'ABSA (A^2)' 5320 ? 
1 MORE         -29  ? 
1 'SSA (A^2)'  5530 ? 
# 
_pdbx_struct_assembly_gen.assembly_id       1 
_pdbx_struct_assembly_gen.oper_expression   1 
_pdbx_struct_assembly_gen.asym_id_list      A,B,C,D,E,F 
# 
_pdbx_struct_assembly_auth_evidence.id                     1 
_pdbx_struct_assembly_auth_evidence.assembly_id            1 
_pdbx_struct_assembly_auth_evidence.experimental_support   'gel filtration' 
_pdbx_struct_assembly_auth_evidence.details                ? 
# 
_pdbx_struct_oper_list.id                   1 
_pdbx_struct_oper_list.type                 'identity operation' 
_pdbx_struct_oper_list.name                 1_555 
_pdbx_struct_oper_list.symmetry_operation   x,y,z 
_pdbx_struct_oper_list.matrix[1][1]         1.0000000000 
_pdbx_struct_oper_list.matrix[1][2]         0.0000000000 
_pdbx_struct_oper_list.matrix[1][3]         0.0000000000 
_pdbx_struct_oper_list.vector[1]            0.0000000000 
_pdbx_struct_oper_list.matrix[2][1]         0.0000000000 
_pdbx_struct_oper_list.matrix[2][2]         1.0000000000 
_pdbx_struct_oper_list.matrix[2][3]         0.0000000000 
_pdbx_struct_oper_list.vector[2]            0.0000000000 
_pdbx_struct_oper_list.matrix[3][1]         0.0000000000 
_pdbx_struct_oper_list.matrix[3][2]         0.0000000000 
_pdbx_struct_oper_list.matrix[3][3]         1.0000000000 
_pdbx_struct_oper_list.vector[3]            0.0000000000 
# 
loop_
_struct_conn.id 
_struct_conn.conn_type_id 
_struct_conn.pdbx_leaving_atom_flag 
_struct_conn.pdbx_PDB_id 
_struct_conn.ptnr1_label_asym_id 
_struct_conn.ptnr1_label_comp_id 
_struct_conn.ptnr1_label_seq_id 
_struct_conn.ptnr1_label_atom_id 
_struct_conn.pdbx_ptnr1_label_alt_id 
_struct_conn.pdbx_ptnr1_PDB_ins_code 
_struct_conn.pdbx_ptnr1_standard_comp_id 
_struct_conn.ptnr1_symmetry 
_struct_conn.ptnr2_label_asym_id 
_struct_conn.ptnr2_label_comp_id 
_struct_conn.ptnr2_label_seq_id 
_struct_conn.ptnr2_label_atom_id 
_struct_conn.pdbx_ptnr2_label_alt_id 
_struct_conn.pdbx_ptnr2_PDB_ins_code 
_struct_conn.ptnr1_auth_asym_id 
_struct_conn.ptnr1_auth_comp_id 
_struct_conn.ptnr1_auth_seq_id 
_struct_conn.ptnr2_auth_asym_id 
_struct_conn.ptnr2_auth_comp_id 
_struct_conn.ptnr2_auth_seq_id 
_struct_conn.ptnr2_symmetry 
_struct_conn.pdbx_ptnr3_label_atom_id 
_struct_conn.pdbx_ptnr3_label_seq_id 
_struct_conn.pdbx_ptnr3_label_comp_id 
_struct_conn.pdbx_ptnr3_label_asym_id 
_struct_conn.pdbx_ptnr3_label_alt_id 
_struct_conn.pdbx_ptnr3_PDB_ins_code 
_struct_conn.details 
_struct_conn.pdbx_dist_value 
_struct_conn.pdbx_value_order 
_struct_conn.pdbx_role 
covale1  covale both ? A ACE 1  C ? ? ? 1_555 A PRO 2  N ? ? A ACE 0  A PRO 1  1_555 ? ? ? ? ? ? ? 1.341 ? ? 
covale2  covale both ? A PRO 2  C ? ? ? 1_555 A HYP 3  N ? ? A PRO 1  A HYP 2  1_555 ? ? ? ? ? ? ? 1.327 ? ? 
covale3  covale both ? A HYP 3  C ? ? ? 1_555 A GLY 4  N ? ? A HYP 2  A GLY 3  1_555 ? ? ? ? ? ? ? 1.328 ? ? 
covale4  covale both ? A PRO 5  C ? ? ? 1_555 A HYP 6  N ? ? A PRO 4  A HYP 5  1_555 ? ? ? ? ? ? ? 1.330 ? ? 
covale5  covale both ? A HYP 6  C ? ? ? 1_555 A GLY 7  N ? ? A HYP 5  A GLY 6  1_555 ? ? ? ? ? ? ? 1.330 ? ? 
covale6  covale both ? A PRO 8  C ? ? ? 1_555 A HYP 9  N ? ? A PRO 7  A HYP 8  1_555 ? ? ? ? ? ? ? 1.327 ? ? 
covale7  covale both ? A HYP 9  C ? ? ? 1_555 A GLY 10 N ? ? A HYP 8  A GLY 9  1_555 ? ? ? ? ? ? ? 1.327 ? ? 
covale8  covale both ? A PRO 23 C ? ? ? 1_555 A HYP 24 N ? ? A PRO 22 A HYP 23 1_555 ? ? ? ? ? ? ? 1.330 ? ? 
covale9  covale both ? A HYP 24 C ? ? ? 1_555 A GLY 25 N ? ? A HYP 23 A GLY 24 1_555 ? ? ? ? ? ? ? 1.329 ? ? 
covale10 covale both ? A PRO 26 C ? ? ? 1_555 A HYP 27 N ? ? A PRO 25 A HYP 26 1_555 ? ? ? ? ? ? ? 1.326 ? ? 
covale11 covale both ? A HYP 27 C ? ? ? 1_555 A GLY 28 N ? ? A HYP 26 A GLY 27 1_555 ? ? ? ? ? ? ? 1.328 ? ? 
covale12 covale both ? A PRO 29 C ? ? ? 1_555 A HYP 30 N ? ? A PRO 28 A HYP 29 1_555 ? ? ? ? ? ? ? 1.333 ? ? 
covale13 covale both ? B PRO 2  C ? ? ? 1_555 B HYP 3  N ? ? B PRO 1  B HYP 2  1_555 ? ? ? ? ? ? ? 1.330 ? ? 
covale14 covale both ? B HYP 3  C ? ? ? 1_555 B GLY 4  N ? ? B HYP 2  B GLY 3  1_555 ? ? ? ? ? ? ? 1.328 ? ? 
covale15 covale both ? B PRO 5  C ? ? ? 1_555 B HYP 6  N ? ? B PRO 4  B HYP 5  1_555 ? ? ? ? ? ? ? 1.328 ? ? 
covale16 covale both ? B HYP 6  C ? ? ? 1_555 B GLY 7  N ? ? B HYP 5  B GLY 6  1_555 ? ? ? ? ? ? ? 1.328 ? ? 
covale17 covale both ? B PRO 8  C ? ? ? 1_555 B HYP 9  N ? ? B PRO 7  B HYP 8  1_555 ? ? ? ? ? ? ? 1.329 ? ? 
covale18 covale both ? B HYP 9  C ? ? ? 1_555 B GLY 10 N ? ? B HYP 8  B GLY 9  1_555 ? ? ? ? ? ? ? 1.328 ? ? 
covale19 covale both ? B PRO 23 C ? ? ? 1_555 B HYP 24 N ? ? B PRO 22 B HYP 23 1_555 ? ? ? ? ? ? ? 1.326 ? ? 
covale20 covale both ? B HYP 24 C ? ? ? 1_555 B GLY 25 N ? ? B HYP 23 B GLY 24 1_555 ? ? ? ? ? ? ? 1.327 ? ? 
covale21 covale both ? B PRO 26 C ? ? ? 1_555 B HYP 27 N ? ? B PRO 25 B HYP 26 1_555 ? ? ? ? ? ? ? 1.326 ? ? 
covale22 covale both ? B HYP 27 C ? ? ? 1_555 B GLY 28 N ? ? B HYP 26 B GLY 27 1_555 ? ? ? ? ? ? ? 1.326 ? ? 
covale23 covale both ? B PRO 29 C ? ? ? 1_555 B HYP 30 N ? ? B PRO 28 B HYP 29 1_555 ? ? ? ? ? ? ? 1.326 ? ? 
covale24 covale both ? B HYP 30 C ? ? ? 1_555 B GLY 31 N ? ? B HYP 29 B GLY 30 1_555 ? ? ? ? ? ? ? 1.329 ? ? 
covale25 covale both ? C ACE 1  C ? ? ? 1_555 C PRO 2  N ? ? C ACE 0  C PRO 1  1_555 ? ? ? ? ? ? ? 1.336 ? ? 
covale26 covale both ? C PRO 2  C ? ? ? 1_555 C HYP 3  N ? ? C PRO 1  C HYP 2  1_555 ? ? ? ? ? ? ? 1.333 ? ? 
covale27 covale both ? C HYP 3  C ? ? ? 1_555 C GLY 4  N ? ? C HYP 2  C GLY 3  1_555 ? ? ? ? ? ? ? 1.328 ? ? 
covale28 covale both ? C PRO 5  C ? ? ? 1_555 C HYP 6  N ? ? C PRO 4  C HYP 5  1_555 ? ? ? ? ? ? ? 1.326 ? ? 
covale29 covale both ? C HYP 6  C ? ? ? 1_555 C GLY 7  N ? ? C HYP 5  C GLY 6  1_555 ? ? ? ? ? ? ? 1.329 ? ? 
covale30 covale both ? C PRO 8  C ? ? ? 1_555 C HYP 9  N ? ? C PRO 7  C HYP 8  1_555 ? ? ? ? ? ? ? 1.327 ? ? 
covale31 covale both ? C HYP 9  C ? ? ? 1_555 C GLY 10 N ? ? C HYP 8  C GLY 9  1_555 ? ? ? ? ? ? ? 1.327 ? ? 
covale32 covale both ? C PRO 23 C ? ? ? 1_555 C HYP 24 N ? ? C PRO 22 C HYP 23 1_555 ? ? ? ? ? ? ? 1.327 ? ? 
covale33 covale both ? C HYP 24 C ? ? ? 1_555 C GLY 25 N ? ? C HYP 23 C GLY 24 1_555 ? ? ? ? ? ? ? 1.327 ? ? 
covale34 covale both ? C PRO 26 C ? ? ? 1_555 C HYP 27 N ? ? C PRO 25 C HYP 26 1_555 ? ? ? ? ? ? ? 1.326 ? ? 
covale35 covale both ? C HYP 27 C ? ? ? 1_555 C GLY 28 N ? ? C HYP 26 C GLY 27 1_555 ? ? ? ? ? ? ? 1.327 ? ? 
covale36 covale both ? C PRO 29 C ? ? ? 1_555 C HYP 30 N ? ? C PRO 28 C HYP 29 1_555 ? ? ? ? ? ? ? 1.328 ? ? 
covale37 covale both ? C HYP 30 C ? ? ? 1_555 C GLY 31 N ? ? C HYP 29 C GLY 30 1_555 ? ? ? ? ? ? ? 1.330 ? ? 
# 
_struct_conn_type.id          covale 
_struct_conn_type.criteria    ? 
_struct_conn_type.reference   ? 
# 
loop_
_pdbx_modification_feature.ordinal 
_pdbx_modification_feature.label_comp_id 
_pdbx_modification_feature.label_asym_id 
_pdbx_modification_feature.label_seq_id 
_pdbx_modification_feature.label_alt_id 
_pdbx_modification_feature.modified_residue_label_comp_id 
_pdbx_modification_feature.modified_residue_label_asym_id 
_pdbx_modification_feature.modified_residue_label_seq_id 
_pdbx_modification_feature.modified_residue_label_alt_id 
_pdbx_modification_feature.auth_comp_id 
_pdbx_modification_feature.auth_asym_id 
_pdbx_modification_feature.auth_seq_id 
_pdbx_modification_feature.PDB_ins_code 
_pdbx_modification_feature.symmetry 
_pdbx_modification_feature.modified_residue_auth_comp_id 
_pdbx_modification_feature.modified_residue_auth_asym_id 
_pdbx_modification_feature.modified_residue_auth_seq_id 
_pdbx_modification_feature.modified_residue_PDB_ins_code 
_pdbx_modification_feature.modified_residue_symmetry 
_pdbx_modification_feature.comp_id_linking_atom 
_pdbx_modification_feature.modified_residue_id_linking_atom 
_pdbx_modification_feature.modified_residue_id 
_pdbx_modification_feature.ref_pcm_id 
_pdbx_modification_feature.ref_comp_id 
_pdbx_modification_feature.type 
_pdbx_modification_feature.category 
1  HYP A 3  ? .   . . . HYP A 2  ? 1_555 .   . . . .     . . PRO 1  HYP Hydroxylation 'Named protein modification' 
2  HYP A 6  ? .   . . . HYP A 5  ? 1_555 .   . . . .     . . PRO 1  HYP Hydroxylation 'Named protein modification' 
3  HYP A 9  ? .   . . . HYP A 8  ? 1_555 .   . . . .     . . PRO 1  HYP Hydroxylation 'Named protein modification' 
4  HYP A 24 ? .   . . . HYP A 23 ? 1_555 .   . . . .     . . PRO 1  HYP Hydroxylation 'Named protein modification' 
5  HYP A 27 ? .   . . . HYP A 26 ? 1_555 .   . . . .     . . PRO 1  HYP Hydroxylation 'Named protein modification' 
6  HYP A 30 ? .   . . . HYP A 29 ? 1_555 .   . . . .     . . PRO 1  HYP Hydroxylation 'Named protein modification' 
7  HYP B 3  ? .   . . . HYP B 2  ? 1_555 .   . . . .     . . PRO 1  HYP Hydroxylation 'Named protein modification' 
8  HYP B 6  ? .   . . . HYP B 5  ? 1_555 .   . . . .     . . PRO 1  HYP Hydroxylation 'Named protein modification' 
9  HYP B 9  ? .   . . . HYP B 8  ? 1_555 .   . . . .     . . PRO 1  HYP Hydroxylation 'Named protein modification' 
10 HYP B 24 ? .   . . . HYP B 23 ? 1_555 .   . . . .     . . PRO 1  HYP Hydroxylation 'Named protein modification' 
11 HYP B 27 ? .   . . . HYP B 26 ? 1_555 .   . . . .     . . PRO 1  HYP Hydroxylation 'Named protein modification' 
12 HYP B 30 ? .   . . . HYP B 29 ? 1_555 .   . . . .     . . PRO 1  HYP Hydroxylation 'Named protein modification' 
13 HYP C 3  ? .   . . . HYP C 2  ? 1_555 .   . . . .     . . PRO 1  HYP Hydroxylation 'Named protein modification' 
14 HYP C 6  ? .   . . . HYP C 5  ? 1_555 .   . . . .     . . PRO 1  HYP Hydroxylation 'Named protein modification' 
15 HYP C 9  ? .   . . . HYP C 8  ? 1_555 .   . . . .     . . PRO 1  HYP Hydroxylation 'Named protein modification' 
16 HYP C 24 ? .   . . . HYP C 23 ? 1_555 .   . . . .     . . PRO 1  HYP Hydroxylation 'Named protein modification' 
17 HYP C 27 ? .   . . . HYP C 26 ? 1_555 .   . . . .     . . PRO 1  HYP Hydroxylation 'Named protein modification' 
18 HYP C 30 ? .   . . . HYP C 29 ? 1_555 .   . . . .     . . PRO 1  HYP Hydroxylation 'Named protein modification' 
19 ACE A 1  ? PRO A 2 ? ACE A 0  ? 1_555 PRO A 1 ? 1_555 . . PRO 13 ACE None          'Terminal acetylation'       
20 ACE C 1  ? PRO C 2 ? ACE C 0  ? 1_555 PRO C 1 ? 1_555 . . PRO 13 ACE None          'Terminal acetylation'       
# 
_pdbx_entry_details.entry_id                   6JEC 
_pdbx_entry_details.compound_details           ? 
_pdbx_entry_details.source_details             ? 
_pdbx_entry_details.nonpolymer_details         ? 
_pdbx_entry_details.sequence_details           ? 
_pdbx_entry_details.has_ligand_of_interest     ? 
_pdbx_entry_details.has_protein_modification   Y 
# 
_pdbx_validate_close_contact.id               1 
_pdbx_validate_close_contact.PDB_model_num    1 
_pdbx_validate_close_contact.auth_atom_id_1   O 
_pdbx_validate_close_contact.auth_asym_id_1   A 
_pdbx_validate_close_contact.auth_comp_id_1   PRO 
_pdbx_validate_close_contact.auth_seq_id_1    22 
_pdbx_validate_close_contact.PDB_ins_code_1   ? 
_pdbx_validate_close_contact.label_alt_id_1   ? 
_pdbx_validate_close_contact.auth_atom_id_2   O 
_pdbx_validate_close_contact.auth_asym_id_2   A 
_pdbx_validate_close_contact.auth_comp_id_2   HOH 
_pdbx_validate_close_contact.auth_seq_id_2    101 
_pdbx_validate_close_contact.PDB_ins_code_2   ? 
_pdbx_validate_close_contact.label_alt_id_2   ? 
_pdbx_validate_close_contact.dist             1.98 
# 
loop_
_pdbx_validate_symm_contact.id 
_pdbx_validate_symm_contact.PDB_model_num 
_pdbx_validate_symm_contact.auth_atom_id_1 
_pdbx_validate_symm_contact.auth_asym_id_1 
_pdbx_validate_symm_contact.auth_comp_id_1 
_pdbx_validate_symm_contact.auth_seq_id_1 
_pdbx_validate_symm_contact.PDB_ins_code_1 
_pdbx_validate_symm_contact.label_alt_id_1 
_pdbx_validate_symm_contact.site_symmetry_1 
_pdbx_validate_symm_contact.auth_atom_id_2 
_pdbx_validate_symm_contact.auth_asym_id_2 
_pdbx_validate_symm_contact.auth_comp_id_2 
_pdbx_validate_symm_contact.auth_seq_id_2 
_pdbx_validate_symm_contact.PDB_ins_code_2 
_pdbx_validate_symm_contact.label_alt_id_2 
_pdbx_validate_symm_contact.site_symmetry_2 
_pdbx_validate_symm_contact.dist 
1 1 O A HOH 142 ? ? 1_555 O B HOH 132 ? ? 1_545 1.87 
2 1 O A HOH 138 ? ? 1_555 O A HOH 143 ? ? 1_435 2.19 
# 
loop_
_pdbx_refine_tls.pdbx_refine_id 
_pdbx_refine_tls.id 
_pdbx_refine_tls.details 
_pdbx_refine_tls.method 
_pdbx_refine_tls.origin_x 
_pdbx_refine_tls.origin_y 
_pdbx_refine_tls.origin_z 
_pdbx_refine_tls.T[1][1] 
_pdbx_refine_tls.T[2][2] 
_pdbx_refine_tls.T[3][3] 
_pdbx_refine_tls.T[1][2] 
_pdbx_refine_tls.T[1][3] 
_pdbx_refine_tls.T[2][3] 
_pdbx_refine_tls.L[1][1] 
_pdbx_refine_tls.L[2][2] 
_pdbx_refine_tls.L[3][3] 
_pdbx_refine_tls.L[1][2] 
_pdbx_refine_tls.L[1][3] 
_pdbx_refine_tls.L[2][3] 
_pdbx_refine_tls.S[1][1] 
_pdbx_refine_tls.S[1][2] 
_pdbx_refine_tls.S[1][3] 
_pdbx_refine_tls.S[2][1] 
_pdbx_refine_tls.S[2][2] 
_pdbx_refine_tls.S[2][3] 
_pdbx_refine_tls.S[3][1] 
_pdbx_refine_tls.S[3][2] 
_pdbx_refine_tls.S[3][3] 
'X-RAY DIFFRACTION' 1  ? refined 20.9203  -1.8361 9.0373   0.0008 0.1034  0.0405  -0.0283 0.0663  0.0685  0.4267 0.1432 0.1854 0.2052  0.2774  0.1407  0.0744  0.1442  0.0977  0.0654  0.2931  -0.0325 0.0806  0.1971  0.0841  
'X-RAY DIFFRACTION' 2  ? refined -3.6897  -3.7448 0.0690   0.0469 0.0483  0.0536  0.0043  0.0088  0.0140  2.4961 0.5780 1.7716 -0.7887 1.1386  -0.4097 0.0231  -0.0234 -0.0027 0.0863  0.0374  0.0571  0.0054  -0.1237 0.0457  
'X-RAY DIFFRACTION' 3  ? refined -15.7412 3.0860  -5.1271  0.0526 0.1061  0.0418  0.0747  -0.0098 -0.0245 0.6526 0.5672 0.3020 0.1979  -0.3292 0.0611  0.0062  -0.0454 -0.0813 0.0260  0.0314  -0.0986 0.0875  0.0434  -0.0229 
'X-RAY DIFFRACTION' 4  ? refined -28.2785 6.0676  -16.3028 0.0958 0.0524  0.0898  -0.0020 -0.0400 -0.0011 0.6999 1.3365 0.6419 -0.3679 0.1059  0.0322  0.0558  0.1106  0.0501  -0.1146 0.1264  0.0314  -0.0259 0.0705  0.0835  
'X-RAY DIFFRACTION' 5  ? refined 22.6164  -1.3671 13.0414  0.0683 0.0888  0.1298  0.0026  0.0222  0.0417  2.6109 0.4945 1.5708 -0.2291 1.6252  0.0218  -0.0439 0.0024  0.1497  -0.0167 0.0388  0.0244  -0.1204 0.0218  0.1866  
'X-RAY DIFFRACTION' 6  ? refined -6.2712  -0.2634 -5.1171  0.0778 0.0789  0.0949  -0.0015 -0.0269 -0.0326 0.5831 0.2473 0.1408 -0.1807 -0.2312 -0.0259 -0.0055 0.0069  -0.0011 -0.0828 0.0480  0.0630  0.0706  -0.0062 0.0278  
'X-RAY DIFFRACTION' 7  ? refined -29.1891 2.1516  -11.9390 0.1679 -0.1331 0.0468  0.0889  -0.0080 0.0859  1.1045 0.9748 1.8618 0.7760  -0.3544 0.1412  0.0156  0.1095  0.0405  -0.1071 0.0757  0.0814  -0.0176 -0.2189 -0.0425 
'X-RAY DIFFRACTION' 8  ? refined 31.7560  -3.8839 13.2771  0.2131 0.2246  0.1579  -0.0837 -0.0265 -0.0674 7.5245 0.9859 1.2894 1.5305  2.0581  0.3144  -0.1043 0.0948  -0.0035 -0.0460 0.1273  -0.2177 -0.0905 0.2209  -0.0605 
'X-RAY DIFFRACTION' 9  ? refined 13.7628  -3.8306 10.2618  0.1382 0.1272  -0.0605 0.0199  -0.1448 -0.1062 1.5891 0.0647 0.5745 -0.1839 0.8832  -0.0394 0.0364  -0.1302 0.0371  0.1038  -0.0187 0.0129  -0.0905 -0.0004 -0.0035 
'X-RAY DIFFRACTION' 10 ? refined -0.9093  2.0018  2.9079   0.0796 0.0429  0.2175  -0.0525 0.0167  -0.0900 1.9025 1.9852 1.4384 -0.6483 0.9914  -0.4855 0.0597  -0.0484 0.0911  0.1574  -0.0766 0.0216  -0.0252 0.0041  0.0784  
'X-RAY DIFFRACTION' 11 ? refined -21.4791 2.3843  -13.4211 0.0539 0.0488  0.0832  -0.0011 0.0141  0.0380  0.8728 0.8039 0.1170 -0.1922 0.0079  -0.0573 0.0657  0.0557  0.0527  -0.1988 0.0168  0.1383  0.0562  0.0877  0.0725  
# 
loop_
_pdbx_refine_tls_group.pdbx_refine_id 
_pdbx_refine_tls_group.id 
_pdbx_refine_tls_group.refine_tls_id 
_pdbx_refine_tls_group.beg_auth_asym_id 
_pdbx_refine_tls_group.beg_auth_seq_id 
_pdbx_refine_tls_group.beg_label_asym_id 
_pdbx_refine_tls_group.beg_label_seq_id 
_pdbx_refine_tls_group.end_auth_asym_id 
_pdbx_refine_tls_group.end_auth_seq_id 
_pdbx_refine_tls_group.end_label_asym_id 
_pdbx_refine_tls_group.end_label_seq_id 
_pdbx_refine_tls_group.selection 
_pdbx_refine_tls_group.selection_details 
'X-RAY DIFFRACTION' 1  1  ? ? ? ? ? ? ? ? ? 
;chain 'A' and (resid 0 through 12 )
;
'X-RAY DIFFRACTION' 2  2  ? ? ? ? ? ? ? ? ? 
;chain 'A' and (resid 13 through 17 )
;
'X-RAY DIFFRACTION' 3  3  ? ? ? ? ? ? ? ? ? 
;chain 'A' and (resid 18 through 22 )
;
'X-RAY DIFFRACTION' 4  4  ? ? ? ? ? ? ? ? ? 
;chain 'A' and (resid 24 through 28 )
;
'X-RAY DIFFRACTION' 5  5  ? ? ? ? ? ? ? ? ? 
;chain 'B' and (resid 1 through 13 )
;
'X-RAY DIFFRACTION' 6  6  ? ? ? ? ? ? ? ? ? 
;chain 'B' and (resid 14 through 24 )
;
'X-RAY DIFFRACTION' 7  7  ? ? ? ? ? ? ? ? ? 
;chain 'B' and (resid 25 through 30 )
;
'X-RAY DIFFRACTION' 8  8  ? ? ? ? ? ? ? ? ? 
;chain 'C' and (resid 0 through 6 )
;
'X-RAY DIFFRACTION' 9  9  ? ? ? ? ? ? ? ? ? 
;chain 'C' and (resid 7 through 12 )
;
'X-RAY DIFFRACTION' 10 10 ? ? ? ? ? ? ? ? ? 
;chain 'C' and (resid 13 through 17 )
;
'X-RAY DIFFRACTION' 11 11 ? ? ? ? ? ? ? ? ? 
;chain 'C' and (resid 18 through 30 )
;
# 
loop_
_pdbx_unobs_or_zero_occ_residues.id 
_pdbx_unobs_or_zero_occ_residues.PDB_model_num 
_pdbx_unobs_or_zero_occ_residues.polymer_flag 
_pdbx_unobs_or_zero_occ_residues.occupancy_flag 
_pdbx_unobs_or_zero_occ_residues.auth_asym_id 
_pdbx_unobs_or_zero_occ_residues.auth_comp_id 
_pdbx_unobs_or_zero_occ_residues.auth_seq_id 
_pdbx_unobs_or_zero_occ_residues.PDB_ins_code 
_pdbx_unobs_or_zero_occ_residues.label_asym_id 
_pdbx_unobs_or_zero_occ_residues.label_comp_id 
_pdbx_unobs_or_zero_occ_residues.label_seq_id 
1 1 Y 1 A GLY 30 ? A GLY 31 
2 1 Y 1 B ACE 0  ? B ACE 1  
# 
loop_
_chem_comp_atom.comp_id 
_chem_comp_atom.atom_id 
_chem_comp_atom.type_symbol 
_chem_comp_atom.pdbx_aromatic_flag 
_chem_comp_atom.pdbx_stereo_config 
_chem_comp_atom.pdbx_ordinal 
ACE C    C N N 1   
ACE O    O N N 2   
ACE CH3  C N N 3   
ACE H    H N N 4   
ACE H1   H N N 5   
ACE H2   H N N 6   
ACE H3   H N N 7   
ALA N    N N N 8   
ALA CA   C N S 9   
ALA C    C N N 10  
ALA O    O N N 11  
ALA CB   C N N 12  
ALA OXT  O N N 13  
ALA H    H N N 14  
ALA H2   H N N 15  
ALA HA   H N N 16  
ALA HB1  H N N 17  
ALA HB2  H N N 18  
ALA HB3  H N N 19  
ALA HXT  H N N 20  
ARG N    N N N 21  
ARG CA   C N S 22  
ARG C    C N N 23  
ARG O    O N N 24  
ARG CB   C N N 25  
ARG CG   C N N 26  
ARG CD   C N N 27  
ARG NE   N N N 28  
ARG CZ   C N N 29  
ARG NH1  N N N 30  
ARG NH2  N N N 31  
ARG OXT  O N N 32  
ARG H    H N N 33  
ARG H2   H N N 34  
ARG HA   H N N 35  
ARG HB2  H N N 36  
ARG HB3  H N N 37  
ARG HG2  H N N 38  
ARG HG3  H N N 39  
ARG HD2  H N N 40  
ARG HD3  H N N 41  
ARG HE   H N N 42  
ARG HH11 H N N 43  
ARG HH12 H N N 44  
ARG HH21 H N N 45  
ARG HH22 H N N 46  
ARG HXT  H N N 47  
GLN N    N N N 48  
GLN CA   C N S 49  
GLN C    C N N 50  
GLN O    O N N 51  
GLN CB   C N N 52  
GLN CG   C N N 53  
GLN CD   C N N 54  
GLN OE1  O N N 55  
GLN NE2  N N N 56  
GLN OXT  O N N 57  
GLN H    H N N 58  
GLN H2   H N N 59  
GLN HA   H N N 60  
GLN HB2  H N N 61  
GLN HB3  H N N 62  
GLN HG2  H N N 63  
GLN HG3  H N N 64  
GLN HE21 H N N 65  
GLN HE22 H N N 66  
GLN HXT  H N N 67  
GLU N    N N N 68  
GLU CA   C N S 69  
GLU C    C N N 70  
GLU O    O N N 71  
GLU CB   C N N 72  
GLU CG   C N N 73  
GLU CD   C N N 74  
GLU OE1  O N N 75  
GLU OE2  O N N 76  
GLU OXT  O N N 77  
GLU H    H N N 78  
GLU H2   H N N 79  
GLU HA   H N N 80  
GLU HB2  H N N 81  
GLU HB3  H N N 82  
GLU HG2  H N N 83  
GLU HG3  H N N 84  
GLU HE2  H N N 85  
GLU HXT  H N N 86  
GLY N    N N N 87  
GLY CA   C N N 88  
GLY C    C N N 89  
GLY O    O N N 90  
GLY OXT  O N N 91  
GLY H    H N N 92  
GLY H2   H N N 93  
GLY HA2  H N N 94  
GLY HA3  H N N 95  
GLY HXT  H N N 96  
HOH O    O N N 97  
HOH H1   H N N 98  
HOH H2   H N N 99  
HYP N    N N N 100 
HYP CA   C N S 101 
HYP C    C N N 102 
HYP O    O N N 103 
HYP CB   C N N 104 
HYP CG   C N R 105 
HYP CD   C N N 106 
HYP OD1  O N N 107 
HYP OXT  O N N 108 
HYP H    H N N 109 
HYP HA   H N N 110 
HYP HB2  H N N 111 
HYP HB3  H N N 112 
HYP HG   H N N 113 
HYP HD22 H N N 114 
HYP HD23 H N N 115 
HYP HD1  H N N 116 
HYP HXT  H N N 117 
LEU N    N N N 118 
LEU CA   C N S 119 
LEU C    C N N 120 
LEU O    O N N 121 
LEU CB   C N N 122 
LEU CG   C N N 123 
LEU CD1  C N N 124 
LEU CD2  C N N 125 
LEU OXT  O N N 126 
LEU H    H N N 127 
LEU H2   H N N 128 
LEU HA   H N N 129 
LEU HB2  H N N 130 
LEU HB3  H N N 131 
LEU HG   H N N 132 
LEU HD11 H N N 133 
LEU HD12 H N N 134 
LEU HD13 H N N 135 
LEU HD21 H N N 136 
LEU HD22 H N N 137 
LEU HD23 H N N 138 
LEU HXT  H N N 139 
PRO N    N N N 140 
PRO CA   C N S 141 
PRO C    C N N 142 
PRO O    O N N 143 
PRO CB   C N N 144 
PRO CG   C N N 145 
PRO CD   C N N 146 
PRO OXT  O N N 147 
PRO H    H N N 148 
PRO HA   H N N 149 
PRO HB2  H N N 150 
PRO HB3  H N N 151 
PRO HG2  H N N 152 
PRO HG3  H N N 153 
PRO HD2  H N N 154 
PRO HD3  H N N 155 
PRO HXT  H N N 156 
# 
loop_
_chem_comp_bond.comp_id 
_chem_comp_bond.atom_id_1 
_chem_comp_bond.atom_id_2 
_chem_comp_bond.value_order 
_chem_comp_bond.pdbx_aromatic_flag 
_chem_comp_bond.pdbx_stereo_config 
_chem_comp_bond.pdbx_ordinal 
ACE C   O    doub N N 1   
ACE C   CH3  sing N N 2   
ACE C   H    sing N N 3   
ACE CH3 H1   sing N N 4   
ACE CH3 H2   sing N N 5   
ACE CH3 H3   sing N N 6   
ALA N   CA   sing N N 7   
ALA N   H    sing N N 8   
ALA N   H2   sing N N 9   
ALA CA  C    sing N N 10  
ALA CA  CB   sing N N 11  
ALA CA  HA   sing N N 12  
ALA C   O    doub N N 13  
ALA C   OXT  sing N N 14  
ALA CB  HB1  sing N N 15  
ALA CB  HB2  sing N N 16  
ALA CB  HB3  sing N N 17  
ALA OXT HXT  sing N N 18  
ARG N   CA   sing N N 19  
ARG N   H    sing N N 20  
ARG N   H2   sing N N 21  
ARG CA  C    sing N N 22  
ARG CA  CB   sing N N 23  
ARG CA  HA   sing N N 24  
ARG C   O    doub N N 25  
ARG C   OXT  sing N N 26  
ARG CB  CG   sing N N 27  
ARG CB  HB2  sing N N 28  
ARG CB  HB3  sing N N 29  
ARG CG  CD   sing N N 30  
ARG CG  HG2  sing N N 31  
ARG CG  HG3  sing N N 32  
ARG CD  NE   sing N N 33  
ARG CD  HD2  sing N N 34  
ARG CD  HD3  sing N N 35  
ARG NE  CZ   sing N N 36  
ARG NE  HE   sing N N 37  
ARG CZ  NH1  sing N N 38  
ARG CZ  NH2  doub N N 39  
ARG NH1 HH11 sing N N 40  
ARG NH1 HH12 sing N N 41  
ARG NH2 HH21 sing N N 42  
ARG NH2 HH22 sing N N 43  
ARG OXT HXT  sing N N 44  
GLN N   CA   sing N N 45  
GLN N   H    sing N N 46  
GLN N   H2   sing N N 47  
GLN CA  C    sing N N 48  
GLN CA  CB   sing N N 49  
GLN CA  HA   sing N N 50  
GLN C   O    doub N N 51  
GLN C   OXT  sing N N 52  
GLN CB  CG   sing N N 53  
GLN CB  HB2  sing N N 54  
GLN CB  HB3  sing N N 55  
GLN CG  CD   sing N N 56  
GLN CG  HG2  sing N N 57  
GLN CG  HG3  sing N N 58  
GLN CD  OE1  doub N N 59  
GLN CD  NE2  sing N N 60  
GLN NE2 HE21 sing N N 61  
GLN NE2 HE22 sing N N 62  
GLN OXT HXT  sing N N 63  
GLU N   CA   sing N N 64  
GLU N   H    sing N N 65  
GLU N   H2   sing N N 66  
GLU CA  C    sing N N 67  
GLU CA  CB   sing N N 68  
GLU CA  HA   sing N N 69  
GLU C   O    doub N N 70  
GLU C   OXT  sing N N 71  
GLU CB  CG   sing N N 72  
GLU CB  HB2  sing N N 73  
GLU CB  HB3  sing N N 74  
GLU CG  CD   sing N N 75  
GLU CG  HG2  sing N N 76  
GLU CG  HG3  sing N N 77  
GLU CD  OE1  doub N N 78  
GLU CD  OE2  sing N N 79  
GLU OE2 HE2  sing N N 80  
GLU OXT HXT  sing N N 81  
GLY N   CA   sing N N 82  
GLY N   H    sing N N 83  
GLY N   H2   sing N N 84  
GLY CA  C    sing N N 85  
GLY CA  HA2  sing N N 86  
GLY CA  HA3  sing N N 87  
GLY C   O    doub N N 88  
GLY C   OXT  sing N N 89  
GLY OXT HXT  sing N N 90  
HOH O   H1   sing N N 91  
HOH O   H2   sing N N 92  
HYP N   CA   sing N N 93  
HYP N   CD   sing N N 94  
HYP N   H    sing N N 95  
HYP CA  C    sing N N 96  
HYP CA  CB   sing N N 97  
HYP CA  HA   sing N N 98  
HYP C   O    doub N N 99  
HYP C   OXT  sing N N 100 
HYP CB  CG   sing N N 101 
HYP CB  HB2  sing N N 102 
HYP CB  HB3  sing N N 103 
HYP CG  CD   sing N N 104 
HYP CG  OD1  sing N N 105 
HYP CG  HG   sing N N 106 
HYP CD  HD22 sing N N 107 
HYP CD  HD23 sing N N 108 
HYP OD1 HD1  sing N N 109 
HYP OXT HXT  sing N N 110 
LEU N   CA   sing N N 111 
LEU N   H    sing N N 112 
LEU N   H2   sing N N 113 
LEU CA  C    sing N N 114 
LEU CA  CB   sing N N 115 
LEU CA  HA   sing N N 116 
LEU C   O    doub N N 117 
LEU C   OXT  sing N N 118 
LEU CB  CG   sing N N 119 
LEU CB  HB2  sing N N 120 
LEU CB  HB3  sing N N 121 
LEU CG  CD1  sing N N 122 
LEU CG  CD2  sing N N 123 
LEU CG  HG   sing N N 124 
LEU CD1 HD11 sing N N 125 
LEU CD1 HD12 sing N N 126 
LEU CD1 HD13 sing N N 127 
LEU CD2 HD21 sing N N 128 
LEU CD2 HD22 sing N N 129 
LEU CD2 HD23 sing N N 130 
LEU OXT HXT  sing N N 131 
PRO N   CA   sing N N 132 
PRO N   CD   sing N N 133 
PRO N   H    sing N N 134 
PRO CA  C    sing N N 135 
PRO CA  CB   sing N N 136 
PRO CA  HA   sing N N 137 
PRO C   O    doub N N 138 
PRO C   OXT  sing N N 139 
PRO CB  CG   sing N N 140 
PRO CB  HB2  sing N N 141 
PRO CB  HB3  sing N N 142 
PRO CG  CD   sing N N 143 
PRO CG  HG2  sing N N 144 
PRO CG  HG3  sing N N 145 
PRO CD  HD2  sing N N 146 
PRO CD  HD3  sing N N 147 
PRO OXT HXT  sing N N 148 
# 
_atom_sites.entry_id                    6JEC 
_atom_sites.fract_transf_matrix[1][1]   0.00733666 
_atom_sites.fract_transf_matrix[1][2]   0.02570732 
_atom_sites.fract_transf_matrix[1][3]   -0.05046619 
_atom_sites.fract_transf_matrix[2][1]   -0.03372134 
_atom_sites.fract_transf_matrix[2][2]   0.03413090 
_atom_sites.fract_transf_matrix[2][3]   -0.01122900 
_atom_sites.fract_transf_matrix[3][1]   0.00994618 
_atom_sites.fract_transf_matrix[3][2]   0.02236094 
_atom_sites.fract_transf_matrix[3][3]   0.00865030 
_atom_sites.fract_transf_vector[1]      1.432989 
_atom_sites.fract_transf_vector[2]      2.708207 
_atom_sites.fract_transf_vector[3]      -0.103785 
# 
loop_
_atom_type.symbol 
C 
N 
O 
# 
loop_
_atom_site.group_PDB 
_atom_site.id 
_atom_site.type_symbol 
_atom_site.label_atom_id 
_atom_site.label_alt_id 
_atom_site.label_comp_id 
_atom_site.label_asym_id 
_atom_site.label_entity_id 
_atom_site.label_seq_id 
_atom_site.pdbx_PDB_ins_code 
_atom_site.Cartn_x 
_atom_site.Cartn_y 
_atom_site.Cartn_z 
_atom_site.occupancy 
_atom_site.B_iso_or_equiv 
_atom_site.pdbx_formal_charge 
_atom_site.auth_seq_id 
_atom_site.auth_comp_id 
_atom_site.auth_asym_id 
_atom_site.auth_atom_id 
_atom_site.pdbx_PDB_model_num 
HETATM 1   C C   . ACE A 1 1  ? 35.149  0.178   18.942  1.00 15.46 ? 0   ACE A C   1 
HETATM 2   O O   . ACE A 1 1  ? 34.214  0.052   19.738  1.00 7.83  ? 0   ACE A O   1 
ATOM   3   N N   . PRO A 1 2  ? 35.042  0.866   17.795  1.00 10.61 ? 1   PRO A N   1 
ATOM   4   C CA  . PRO A 1 2  ? 33.864  1.668   17.451  1.00 7.89  ? 1   PRO A CA  1 
ATOM   5   C C   . PRO A 1 2  ? 32.696  0.805   16.980  1.00 13.20 ? 1   PRO A C   1 
ATOM   6   O O   . PRO A 1 2  ? 32.908  -0.294  16.466  1.00 10.89 ? 1   PRO A O   1 
ATOM   7   C CB  . PRO A 1 2  ? 34.378  2.560   16.325  1.00 8.10  ? 1   PRO A CB  1 
ATOM   8   C CG  . PRO A 1 2  ? 35.395  1.712   15.643  1.00 11.79 ? 1   PRO A CG  1 
ATOM   9   C CD  . PRO A 1 2  ? 36.056  0.897   16.728  1.00 8.49  ? 1   PRO A CD  1 
HETATM 10  N N   . HYP A 1 3  ? 31.476  1.296   17.157  1.00 7.83  ? 2   HYP A N   1 
HETATM 11  C CA  . HYP A 1 3  ? 30.296  0.545   16.765  1.00 8.98  ? 2   HYP A CA  1 
HETATM 12  C C   . HYP A 1 3  ? 30.175  0.381   15.249  1.00 10.27 ? 2   HYP A C   1 
HETATM 13  O O   . HYP A 1 3  ? 30.602  1.246   14.486  1.00 23.54 ? 2   HYP A O   1 
HETATM 14  C CB  . HYP A 1 3  ? 29.104  1.284   17.350  1.00 12.08 ? 2   HYP A CB  1 
HETATM 15  C CG  . HYP A 1 3  ? 29.671  2.367   18.249  1.00 8.06  ? 2   HYP A CG  1 
HETATM 16  C CD  . HYP A 1 3  ? 31.140  2.534   17.887  1.00 8.31  ? 2   HYP A CD  1 
HETATM 17  O OD1 . HYP A 1 3  ? 29.599  1.932   19.583  1.00 10.75 ? 2   HYP A OD1 1 
ATOM   18  N N   . GLY A 1 4  ? 29.604  -0.739  14.820  1.00 8.35  ? 3   GLY A N   1 
ATOM   19  C CA  . GLY A 1 4  ? 29.423  -0.995  13.404  1.00 10.92 ? 3   GLY A CA  1 
ATOM   20  C C   . GLY A 1 4  ? 28.436  -0.047  12.749  1.00 10.29 ? 3   GLY A C   1 
ATOM   21  O O   . GLY A 1 4  ? 27.757  0.718   13.430  1.00 6.83  ? 3   GLY A O   1 
ATOM   22  N N   . PRO A 1 5  ? 28.355  -0.090  11.413  1.00 11.80 ? 4   PRO A N   1 
ATOM   23  C CA  . PRO A 1 5  ? 27.381  0.714   10.671  1.00 16.07 ? 4   PRO A CA  1 
ATOM   24  C C   . PRO A 1 5  ? 25.963  0.239   10.951  1.00 15.62 ? 4   PRO A C   1 
ATOM   25  O O   . PRO A 1 5  ? 25.786  -0.894  11.393  1.00 6.56  ? 4   PRO A O   1 
ATOM   26  C CB  . PRO A 1 5  ? 27.764  0.480   9.200   1.00 13.23 ? 4   PRO A CB  1 
ATOM   27  C CG  . PRO A 1 5  ? 29.095  -0.224  9.232   1.00 18.41 ? 4   PRO A CG  1 
ATOM   28  C CD  . PRO A 1 5  ? 29.137  -0.962  10.527  1.00 9.88  ? 4   PRO A CD  1 
HETATM 29  N N   . HYP A 1 6  ? 24.972  1.090   10.706  1.00 11.37 ? 5   HYP A N   1 
HETATM 30  C CA  . HYP A 1 6  ? 23.589  0.703   10.909  1.00 9.61  ? 5   HYP A CA  1 
HETATM 31  C C   . HYP A 1 6  ? 23.175  -0.442  9.983   1.00 6.18  ? 5   HYP A C   1 
HETATM 32  O O   . HYP A 1 6  ? 23.693  -0.566  8.874   1.00 9.37  ? 5   HYP A O   1 
HETATM 33  C CB  . HYP A 1 6  ? 22.744  1.949   10.696  1.00 13.07 ? 5   HYP A CB  1 
HETATM 34  C CG  . HYP A 1 6  ? 23.724  3.108   10.726  1.00 8.80  ? 5   HYP A CG  1 
HETATM 35  C CD  . HYP A 1 6  ? 25.107  2.537   10.456  1.00 15.20 ? 5   HYP A CD  1 
HETATM 36  O OD1 . HYP A 1 6  ? 23.723  3.658   12.024  1.00 11.39 ? 5   HYP A OD1 1 
ATOM   37  N N   . GLY A 1 7  ? 22.263  -1.282  10.462  1.00 9.00  ? 6   GLY A N   1 
ATOM   38  C CA  . GLY A 1 7  ? 21.822  -2.442  9.715   1.00 5.91  ? 6   GLY A CA  1 
ATOM   39  C C   . GLY A 1 7  ? 21.213  -2.087  8.378   1.00 5.93  ? 6   GLY A C   1 
ATOM   40  O O   . GLY A 1 7  ? 20.932  -0.919  8.110   1.00 6.15  ? 6   GLY A O   1 
ATOM   41  N N   . PRO A 1 8  ? 21.014  -3.096  7.518   1.00 10.02 ? 7   PRO A N   1 
ATOM   42  C CA  . PRO A 1 8  ? 20.368  -2.853  6.228   1.00 10.65 ? 7   PRO A CA  1 
ATOM   43  C C   . PRO A 1 8  ? 18.893  -2.520  6.411   1.00 11.50 ? 7   PRO A C   1 
ATOM   44  O O   . PRO A 1 8  ? 18.340  -2.775  7.479   1.00 7.66  ? 7   PRO A O   1 
ATOM   45  C CB  . PRO A 1 8  ? 20.552  -4.179  5.482   1.00 12.35 ? 7   PRO A CB  1 
ATOM   46  C CG  . PRO A 1 8  ? 20.696  -5.198  6.550   1.00 20.38 ? 7   PRO A CG  1 
ATOM   47  C CD  . PRO A 1 8  ? 21.300  -4.524  7.745   1.00 16.43 ? 7   PRO A CD  1 
HETATM 48  N N   . HYP A 1 9  ? 18.270  -1.942  5.393   1.00 6.89  ? 8   HYP A N   1 
HETATM 49  C CA  . HYP A 1 9  ? 16.859  -1.626  5.471   1.00 6.05  ? 8   HYP A CA  1 
HETATM 50  C C   . HYP A 1 9  ? 15.970  -2.868  5.595   1.00 5.25  ? 8   HYP A C   1 
HETATM 51  O O   . HYP A 1 9  ? 16.333  -3.953  5.140   1.00 12.30 ? 8   HYP A O   1 
HETATM 52  C CB  . HYP A 1 9  ? 16.531  -0.821  4.222   1.00 6.32  ? 8   HYP A CB  1 
HETATM 53  C CG  . HYP A 1 9  ? 17.864  -0.334  3.684   1.00 12.85 ? 8   HYP A CG  1 
HETATM 54  C CD  . HYP A 1 9  ? 18.958  -1.174  4.334   1.00 19.97 ? 8   HYP A CD  1 
HETATM 55  O OD1 . HYP A 1 9  ? 18.035  1.009   4.064   1.00 25.69 ? 8   HYP A OD1 1 
ATOM   56  N N   . GLY A 1 10 ? 14.815  -2.695  6.225   1.00 8.33  ? 9   GLY A N   1 
ATOM   57  C CA  . GLY A 1 10 ? 13.840  -3.763  6.318   1.00 7.77  ? 9   GLY A CA  1 
ATOM   58  C C   . GLY A 1 10 ? 13.206  -4.013  4.969   1.00 10.93 ? 9   GLY A C   1 
ATOM   59  O O   . GLY A 1 10 ? 13.441  -3.268  4.021   1.00 5.64  ? 9   GLY A O   1 
ATOM   60  N N   . ARG A 1 11 ? 12.403  -5.065  4.875   1.00 5.31  ? 10  ARG A N   1 
ATOM   61  C CA  . ARG A 1 11 ? 11.758  -5.377  3.613   1.00 4.75  ? 10  ARG A CA  1 
ATOM   62  C C   . ARG A 1 11 ? 10.608  -4.407  3.346   1.00 12.93 ? 10  ARG A C   1 
ATOM   63  O O   . ARG A 1 11 ? 10.125  -3.710  4.246   1.00 9.71  ? 10  ARG A O   1 
ATOM   64  C CB  . ARG A 1 11 ? 11.258  -6.819  3.615   1.00 4.67  ? 10  ARG A CB  1 
ATOM   65  C CG  . ARG A 1 11 ? 10.143  -7.093  4.605   1.00 8.35  ? 10  ARG A CG  1 
ATOM   66  C CD  . ARG A 1 11 ? 9.576   -8.479  4.381   1.00 16.17 ? 10  ARG A CD  1 
ATOM   67  N NE  . ARG A 1 11 ? 10.447  -9.511  4.933   1.00 14.97 ? 10  ARG A NE  1 
ATOM   68  C CZ  . ARG A 1 11 ? 10.481  -10.767 4.500   1.00 16.36 ? 10  ARG A CZ  1 
ATOM   69  N NH1 . ARG A 1 11 ? 9.698   -11.152 3.501   1.00 4.49  ? 10  ARG A NH1 1 
ATOM   70  N NH2 . ARG A 1 11 ? 11.301  -11.644 5.064   1.00 17.60 ? 10  ARG A NH2 1 
ATOM   71  N N   . ALA A 1 12 ? 10.180  -4.365  2.086   1.00 9.42  ? 11  ALA A N   1 
ATOM   72  C CA  . ALA A 1 12 ? 9.110   -3.462  1.689   1.00 10.24 ? 11  ALA A CA  1 
ATOM   73  C C   . ALA A 1 12 ? 7.787   -3.871  2.335   1.00 10.44 ? 11  ALA A C   1 
ATOM   74  O O   . ALA A 1 12 ? 7.564   -5.033  2.686   1.00 4.20  ? 11  ALA A O   1 
ATOM   75  C CB  . ALA A 1 12 ? 8.970   -3.432  0.167   1.00 10.49 ? 11  ALA A CB  1 
ATOM   76  N N   . GLY A 1 13 ? 6.897   -2.891  2.483   1.00 4.11  ? 12  GLY A N   1 
ATOM   77  C CA  . GLY A 1 13 ? 5.634   -3.141  3.140   1.00 9.98  ? 12  GLY A CA  1 
ATOM   78  C C   . GLY A 1 13 ? 4.669   -3.927  2.275   1.00 10.56 ? 12  GLY A C   1 
ATOM   79  O O   . GLY A 1 13 ? 4.829   -4.067  1.061   1.00 5.91  ? 12  GLY A O   1 
ATOM   80  N N   . GLU A 1 14 ? 3.647   -4.464  2.938   1.00 9.39  ? 13  GLU A N   1 
ATOM   81  C CA  . GLU A 1 14 ? 2.558   -5.121  2.238   1.00 6.64  ? 13  GLU A CA  1 
ATOM   82  C C   . GLU A 1 14 ? 1.835   -4.116  1.345   1.00 3.68  ? 13  GLU A C   1 
ATOM   83  O O   . GLU A 1 14 ? 1.771   -2.925  1.664   1.00 3.81  ? 13  GLU A O   1 
ATOM   84  C CB  . GLU A 1 14 ? 1.574   -5.727  3.239   1.00 7.76  ? 13  GLU A CB  1 
ATOM   85  C CG  . GLU A 1 14 ? 2.091   -6.955  3.974   1.00 5.83  ? 13  GLU A CG  1 
ATOM   86  C CD  . GLU A 1 14 ? 1.920   -8.216  3.165   1.00 7.71  ? 13  GLU A CD  1 
ATOM   87  O OE1 . GLU A 1 14 ? 1.260   -8.149  2.107   1.00 4.13  ? 13  GLU A OE1 1 
ATOM   88  O OE2 . GLU A 1 14 ? 2.435   -9.274  3.587   1.00 7.26  ? 13  GLU A OE2 1 
ATOM   89  N N   . PRO A 1 15 ? 1.286   -4.562  0.217   1.00 3.62  ? 14  PRO A N   1 
ATOM   90  C CA  . PRO A 1 15 ? 0.463   -3.668  -0.599  1.00 12.69 ? 14  PRO A CA  1 
ATOM   91  C C   . PRO A 1 15 ? -0.782  -3.224  0.154   1.00 3.71  ? 14  PRO A C   1 
ATOM   92  O O   . PRO A 1 15 ? -1.224  -3.852  1.118   1.00 4.96  ? 14  PRO A O   1 
ATOM   93  C CB  . PRO A 1 15 ? 0.109   -4.523  -1.821  1.00 8.54  ? 14  PRO A CB  1 
ATOM   94  C CG  . PRO A 1 15 ? 0.229   -5.931  -1.347  1.00 10.73 ? 14  PRO A CG  1 
ATOM   95  C CD  . PRO A 1 15 ? 1.352   -5.923  -0.343  1.00 3.69  ? 14  PRO A CD  1 
ATOM   96  N N   . GLY A 1 16 ? -1.342  -2.115  -0.298  1.00 3.83  ? 15  GLY A N   1 
ATOM   97  C CA  . GLY A 1 16 ? -2.468  -1.514  0.382   1.00 7.23  ? 15  GLY A CA  1 
ATOM   98  C C   . GLY A 1 16 ? -3.787  -2.199  0.078   1.00 6.77  ? 15  GLY A C   1 
ATOM   99  O O   . GLY A 1 16 ? -3.903  -3.024  -0.824  1.00 4.31  ? 15  GLY A O   1 
ATOM   100 N N   . LEU A 1 17 ? -4.792  -1.837  0.871   1.00 9.83  ? 16  LEU A N   1 
ATOM   101 C CA  . LEU A 1 17 ? -6.139  -2.360  0.708   1.00 6.43  ? 16  LEU A CA  1 
ATOM   102 C C   . LEU A 1 17 ? -6.750  -1.883  -0.606  1.00 9.54  ? 16  LEU A C   1 
ATOM   103 O O   . LEU A 1 17 ? -6.404  -0.816  -1.126  1.00 4.76  ? 16  LEU A O   1 
ATOM   104 C CB  . LEU A 1 17 ? -7.007  -1.918  1.889   1.00 5.19  ? 16  LEU A CB  1 
ATOM   105 C CG  . LEU A 1 17 ? -8.505  -2.221  1.882   1.00 14.17 ? 16  LEU A CG  1 
ATOM   106 C CD1 . LEU A 1 17 ? -8.793  -3.547  2.556   1.00 12.57 ? 16  LEU A CD1 1 
ATOM   107 C CD2 . LEU A 1 17 ? -9.284  -1.094  2.550   1.00 16.59 ? 16  LEU A CD2 1 
ATOM   108 N N   . GLN A 1 18 ? -7.658  -2.687  -1.156  1.00 14.61 ? 17  GLN A N   1 
ATOM   109 C CA  . GLN A 1 18 ? -8.378  -2.271  -2.352  1.00 8.40  ? 17  GLN A CA  1 
ATOM   110 C C   . GLN A 1 18 ? -9.227  -1.043  -2.046  1.00 5.19  ? 17  GLN A C   1 
ATOM   111 O O   . GLN A 1 18 ? -9.799  -0.918  -0.957  1.00 12.05 ? 17  GLN A O   1 
ATOM   112 C CB  . GLN A 1 18 ? -9.255  -3.410  -2.879  1.00 5.10  ? 17  GLN A CB  1 
ATOM   113 C CG  . GLN A 1 18 ? -10.275 -2.984  -3.934  1.00 5.36  ? 17  GLN A CG  1 
ATOM   114 C CD  . GLN A 1 18 ? -11.176 -4.119  -4.400  1.00 16.06 ? 17  GLN A CD  1 
ATOM   115 O OE1 . GLN A 1 18 ? -11.613 -4.953  -3.605  1.00 14.37 ? 17  GLN A OE1 1 
ATOM   116 N NE2 . GLN A 1 18 ? -11.468 -4.146  -5.699  1.00 8.43  ? 17  GLN A NE2 1 
ATOM   117 N N   . GLY A 1 19 ? -9.290  -0.117  -2.999  1.00 7.65  ? 18  GLY A N   1 
ATOM   118 C CA  . GLY A 1 19 ? -10.059 1.094   -2.834  1.00 8.63  ? 18  GLY A CA  1 
ATOM   119 C C   . GLY A 1 19 ? -11.545 0.837   -2.647  1.00 16.43 ? 18  GLY A C   1 
ATOM   120 O O   . GLY A 1 19 ? -12.031 -0.290  -2.794  1.00 10.58 ? 18  GLY A O   1 
ATOM   121 N N   . PRO A 1 20 ? -12.294 1.885   -2.313  1.00 11.45 ? 19  PRO A N   1 
ATOM   122 C CA  . PRO A 1 20 ? -13.740 1.734   -2.123  1.00 9.23  ? 19  PRO A CA  1 
ATOM   123 C C   . PRO A 1 20 ? -14.459 1.590   -3.455  1.00 8.09  ? 19  PRO A C   1 
ATOM   124 O O   . PRO A 1 20 ? -13.893 1.792   -4.530  1.00 13.02 ? 19  PRO A O   1 
ATOM   125 C CB  . PRO A 1 20 ? -14.132 3.029   -1.414  1.00 8.56  ? 19  PRO A CB  1 
ATOM   126 C CG  . PRO A 1 20 ? -13.177 4.022   -1.970  1.00 6.45  ? 19  PRO A CG  1 
ATOM   127 C CD  . PRO A 1 20 ? -11.864 3.280   -2.113  1.00 6.42  ? 19  PRO A CD  1 
ATOM   128 N N   . ALA A 1 21 ? -15.738 1.232   -3.368  1.00 8.38  ? 20  ALA A N   1 
ATOM   129 C CA  . ALA A 1 21 ? -16.555 1.098   -4.565  1.00 5.88  ? 20  ALA A CA  1 
ATOM   130 C C   . ALA A 1 21 ? -16.675 2.442   -5.279  1.00 8.55  ? 20  ALA A C   1 
ATOM   131 O O   . ALA A 1 21 ? -16.623 3.508   -4.660  1.00 5.23  ? 20  ALA A O   1 
ATOM   132 C CB  . ALA A 1 21 ? -17.944 0.557   -4.206  1.00 5.74  ? 20  ALA A CB  1 
ATOM   133 N N   . GLY A 1 22 ? -16.827 2.379   -6.600  1.00 12.14 ? 21  GLY A N   1 
ATOM   134 C CA  . GLY A 1 22 ? -16.929 3.578   -7.403  1.00 5.89  ? 21  GLY A CA  1 
ATOM   135 C C   . GLY A 1 22 ? -18.243 4.290   -7.202  1.00 4.93  ? 21  GLY A C   1 
ATOM   136 O O   . GLY A 1 22 ? -19.139 3.845   -6.473  1.00 8.45  ? 21  GLY A O   1 
ATOM   137 N N   . PRO A 1 23 ? -18.377 5.455   -7.857  1.00 8.89  ? 22  PRO A N   1 
ATOM   138 C CA  . PRO A 1 23 ? -19.592 6.273   -7.825  1.00 4.69  ? 22  PRO A CA  1 
ATOM   139 C C   . PRO A 1 23 ? -20.802 5.517   -8.364  1.00 8.30  ? 22  PRO A C   1 
ATOM   140 O O   . PRO A 1 23 ? -20.635 4.600   -9.175  1.00 4.74  ? 22  PRO A O   1 
ATOM   141 C CB  . PRO A 1 23 ? -19.247 7.458   -8.737  1.00 4.70  ? 22  PRO A CB  1 
ATOM   142 C CG  . PRO A 1 23 ? -17.751 7.535   -8.699  1.00 12.52 ? 22  PRO A CG  1 
ATOM   143 C CD  . PRO A 1 23 ? -17.277 6.115   -8.581  1.00 4.95  ? 22  PRO A CD  1 
HETATM 144 N N   . HYP A 1 24 ? -21.995 5.893   -7.914  1.00 9.95  ? 23  HYP A N   1 
HETATM 145 C CA  . HYP A 1 24 ? -23.222 5.325   -8.445  1.00 23.66 ? 23  HYP A CA  1 
HETATM 146 C C   . HYP A 1 24 ? -23.349 5.555   -9.957  1.00 15.92 ? 23  HYP A C   1 
HETATM 147 O O   . HYP A 1 24 ? -23.140 6.664   -10.456 1.00 17.40 ? 23  HYP A O   1 
HETATM 148 C CB  . HYP A 1 24 ? -24.354 5.950   -7.650  1.00 20.27 ? 23  HYP A CB  1 
HETATM 149 C CG  . HYP A 1 24 ? -23.708 6.383   -6.345  1.00 26.47 ? 23  HYP A CG  1 
HETATM 150 C CD  . HYP A 1 24 ? -22.197 6.409   -6.549  1.00 17.91 ? 23  HYP A CD  1 
HETATM 151 O OD1 . HYP A 1 24 ? -24.012 5.437   -5.346  1.00 25.94 ? 23  HYP A OD1 1 
ATOM   152 N N   . GLY A 1 25 ? -23.662 4.477   -10.669 1.00 7.88  ? 24  GLY A N   1 
ATOM   153 C CA  . GLY A 1 25 ? -23.738 4.495   -12.114 1.00 6.11  ? 24  GLY A CA  1 
ATOM   154 C C   . GLY A 1 25 ? -24.714 5.512   -12.665 1.00 8.89  ? 24  GLY A C   1 
ATOM   155 O O   . GLY A 1 25 ? -25.653 5.921   -11.984 1.00 11.58 ? 24  GLY A O   1 
ATOM   156 N N   . PRO A 1 26 ? -24.486 5.939   -13.910 1.00 6.29  ? 25  PRO A N   1 
ATOM   157 C CA  . PRO A 1 26 ? -25.411 6.879   -14.543 1.00 8.92  ? 25  PRO A CA  1 
ATOM   158 C C   . PRO A 1 26 ? -26.783 6.251   -14.735 1.00 6.64  ? 25  PRO A C   1 
ATOM   159 O O   . PRO A 1 26 ? -26.882 5.046   -14.980 1.00 6.12  ? 25  PRO A O   1 
ATOM   160 C CB  . PRO A 1 26 ? -24.752 7.177   -15.893 1.00 8.51  ? 25  PRO A CB  1 
ATOM   161 C CG  . PRO A 1 26 ? -23.843 6.035   -16.145 1.00 10.24 ? 25  PRO A CG  1 
ATOM   162 C CD  . PRO A 1 26 ? -23.400 5.520   -14.811 1.00 6.57  ? 25  PRO A CD  1 
HETATM 163 N N   . HYP A 1 27 ? -27.832 7.050   -14.600 1.00 15.31 ? 26  HYP A N   1 
HETATM 164 C CA  . HYP A 1 27 ? -29.171 6.561   -14.862 1.00 9.88  ? 26  HYP A CA  1 
HETATM 165 C C   . HYP A 1 27 ? -29.298 6.179   -16.337 1.00 13.74 ? 26  HYP A C   1 
HETATM 166 O O   . HYP A 1 27 ? -28.650 6.778   -17.190 1.00 6.59  ? 26  HYP A O   1 
HETATM 167 C CB  . HYP A 1 27 ? -30.139 7.655   -14.441 1.00 14.66 ? 26  HYP A CB  1 
HETATM 168 C CG  . HYP A 1 27 ? -29.287 8.668   -13.698 1.00 12.54 ? 26  HYP A CG  1 
HETATM 169 C CD  . HYP A 1 27 ? -27.844 8.443   -14.123 1.00 8.67  ? 26  HYP A CD  1 
HETATM 170 O OD1 . HYP A 1 27 ? -29.364 8.404   -12.314 1.00 5.98  ? 26  HYP A OD1 1 
ATOM   171 N N   . GLY A 1 28 ? -30.112 5.169   -16.622 1.00 6.64  ? 27  GLY A N   1 
ATOM   172 C CA  . GLY A 1 28 ? -30.250 4.678   -17.978 1.00 6.67  ? 27  GLY A CA  1 
ATOM   173 C C   . GLY A 1 28 ? -30.835 5.673   -18.961 1.00 13.94 ? 27  GLY A C   1 
ATOM   174 O O   . GLY A 1 28 ? -31.242 6.771   -18.577 1.00 6.97  ? 27  GLY A O   1 
ATOM   175 N N   . PRO A 1 29 ? -30.850 5.298   -20.249 1.00 8.09  ? 28  PRO A N   1 
ATOM   176 C CA  . PRO A 1 29 ? -31.508 6.020   -21.345 1.00 8.50  ? 28  PRO A CA  1 
ATOM   177 C C   . PRO A 1 29 ? -33.035 6.024   -21.179 1.00 19.74 ? 28  PRO A C   1 
ATOM   178 O O   . PRO A 1 29 ? -33.545 5.266   -20.352 1.00 10.73 ? 28  PRO A O   1 
ATOM   179 C CB  . PRO A 1 29 ? -31.073 5.227   -22.586 1.00 19.29 ? 28  PRO A CB  1 
ATOM   180 C CG  . PRO A 1 29 ? -29.819 4.541   -22.178 1.00 18.20 ? 28  PRO A CG  1 
ATOM   181 C CD  . PRO A 1 29 ? -30.033 4.180   -20.749 1.00 7.49  ? 28  PRO A CD  1 
HETATM 182 N N   . HYP A 1 30 ? -33.752 6.852   -21.939 1.00 8.71  ? 29  HYP A N   1 
HETATM 183 C CA  . HYP A 1 30 ? -35.185 7.023   -21.707 1.00 10.94 ? 29  HYP A CA  1 
HETATM 184 C C   . HYP A 1 30 ? -36.046 5.809   -22.085 1.00 12.77 ? 29  HYP A C   1 
HETATM 185 O O   . HYP A 1 30 ? -35.696 5.043   -22.981 1.00 7.99  ? 29  HYP A O   1 
HETATM 186 C CB  . HYP A 1 30 ? -35.598 8.260   -22.493 1.00 14.96 ? 29  HYP A CB  1 
HETATM 187 C CG  . HYP A 1 30 ? -34.330 8.814   -23.116 1.00 13.97 ? 29  HYP A CG  1 
HETATM 188 C CD  . HYP A 1 30 ? -33.314 7.688   -23.080 1.00 7.72  ? 29  HYP A CD  1 
HETATM 189 O OD1 . HYP A 1 30 ? -33.832 9.885   -22.341 1.00 8.33  ? 29  HYP A OD1 1 
ATOM   190 N N   . PRO B 1 2  ? 39.340  -5.729  21.803  1.00 17.11 ? 1   PRO B N   1 
ATOM   191 C CA  . PRO B 1 2  ? 38.228  -6.493  21.218  1.00 14.78 ? 1   PRO B CA  1 
ATOM   192 C C   . PRO B 1 2  ? 37.487  -5.728  20.122  1.00 20.22 ? 1   PRO B C   1 
ATOM   193 O O   . PRO B 1 2  ? 37.603  -4.502  20.042  1.00 19.57 ? 1   PRO B O   1 
ATOM   194 C CB  . PRO B 1 2  ? 37.288  -6.748  22.415  1.00 8.97  ? 1   PRO B CB  1 
ATOM   195 C CG  . PRO B 1 2  ? 38.100  -6.459  23.635  1.00 16.52 ? 1   PRO B CG  1 
ATOM   196 C CD  . PRO B 1 2  ? 39.115  -5.435  23.227  1.00 20.11 ? 1   PRO B CD  1 
HETATM 197 N N   . HYP B 1 3  ? 36.746  -6.441  19.277  1.00 15.51 ? 2   HYP B N   1 
HETATM 198 C CA  . HYP B 1 3  ? 35.959  -5.793  18.240  1.00 17.30 ? 2   HYP B CA  1 
HETATM 199 C C   . HYP B 1 3  ? 34.853  -4.924  18.832  1.00 12.67 ? 2   HYP B C   1 
HETATM 200 O O   . HYP B 1 3  ? 34.343  -5.231  19.904  1.00 8.23  ? 2   HYP B O   1 
HETATM 201 C CB  . HYP B 1 3  ? 35.393  -6.894  17.361  1.00 15.76 ? 2   HYP B CB  1 
HETATM 202 C CG  . HYP B 1 3  ? 36.170  -8.151  17.715  1.00 19.10 ? 2   HYP B CG  1 
HETATM 203 C CD  . HYP B 1 3  ? 37.010  -7.853  18.952  1.00 15.48 ? 2   HYP B CD  1 
HETATM 204 O OD1 . HYP B 1 3  ? 37.031  -8.475  16.648  1.00 20.76 ? 2   HYP B OD1 1 
ATOM   205 N N   . GLY B 1 4  ? 34.500  -3.844  18.145  1.00 11.03 ? 3   GLY B N   1 
ATOM   206 C CA  . GLY B 1 4  ? 33.458  -2.961  18.637  1.00 11.32 ? 3   GLY B CA  1 
ATOM   207 C C   . GLY B 1 4  ? 32.096  -3.622  18.669  1.00 16.34 ? 3   GLY B C   1 
ATOM   208 O O   . GLY B 1 4  ? 31.913  -4.704  18.113  1.00 7.81  ? 3   GLY B O   1 
ATOM   209 N N   . PRO B 1 5  ? 31.129  -2.971  19.322  1.00 7.94  ? 4   PRO B N   1 
ATOM   210 C CA  . PRO B 1 5  ? 29.780  -3.533  19.396  1.00 7.75  ? 4   PRO B CA  1 
ATOM   211 C C   . PRO B 1 5  ? 29.085  -3.456  18.044  1.00 7.59  ? 4   PRO B C   1 
ATOM   212 O O   . PRO B 1 5  ? 29.565  -2.755  17.157  1.00 10.58 ? 4   PRO B O   1 
ATOM   213 C CB  . PRO B 1 5  ? 29.091  -2.647  20.437  1.00 8.59  ? 4   PRO B CB  1 
ATOM   214 C CG  . PRO B 1 5  ? 29.790  -1.332  20.325  1.00 18.66 ? 4   PRO B CG  1 
ATOM   215 C CD  . PRO B 1 5  ? 31.206  -1.617  19.896  1.00 8.29  ? 4   PRO B CD  1 
HETATM 216 N N   . HYP B 1 6  ? 27.975  -4.167  17.884  1.00 13.70 ? 5   HYP B N   1 
HETATM 217 C CA  . HYP B 1 6  ? 27.241  -4.100  16.638  1.00 18.81 ? 5   HYP B CA  1 
HETATM 218 C C   . HYP B 1 6  ? 26.573  -2.740  16.451  1.00 13.54 ? 5   HYP B C   1 
HETATM 219 O O   . HYP B 1 6  ? 26.276  -2.044  17.425  1.00 12.56 ? 5   HYP B O   1 
HETATM 220 C CB  . HYP B 1 6  ? 26.222  -5.226  16.650  1.00 7.59  ? 5   HYP B CB  1 
HETATM 221 C CG  . HYP B 1 6  ? 26.579  -6.090  17.840  1.00 11.78 ? 5   HYP B CG  1 
HETATM 222 C CD  . HYP B 1 6  ? 27.501  -5.274  18.739  1.00 8.13  ? 5   HYP B CD  1 
HETATM 223 O OD1 . HYP B 1 6  ? 27.294  -7.205  17.363  1.00 9.83  ? 5   HYP B OD1 1 
ATOM   224 N N   . GLY B 1 7  ? 26.353  -2.367  15.196  1.00 14.17 ? 6   GLY B N   1 
ATOM   225 C CA  . GLY B 1 7  ? 25.652  -1.140  14.884  1.00 8.45  ? 6   GLY B CA  1 
ATOM   226 C C   . GLY B 1 7  ? 24.212  -1.201  15.345  1.00 7.72  ? 6   GLY B C   1 
ATOM   227 O O   . GLY B 1 7  ? 23.743  -2.251  15.779  1.00 7.69  ? 6   GLY B O   1 
ATOM   228 N N   . PRO B 1 8  ? 23.501  -0.072  15.255  1.00 13.71 ? 7   PRO B N   1 
ATOM   229 C CA  . PRO B 1 8  ? 22.080  -0.027  15.601  1.00 8.19  ? 7   PRO B CA  1 
ATOM   230 C C   . PRO B 1 8  ? 21.248  -0.717  14.524  1.00 8.93  ? 7   PRO B C   1 
ATOM   231 O O   . PRO B 1 8  ? 21.803  -1.095  13.492  1.00 7.73  ? 7   PRO B O   1 
ATOM   232 C CB  . PRO B 1 8  ? 21.784  1.474   15.662  1.00 22.72 ? 7   PRO B CB  1 
ATOM   233 C CG  . PRO B 1 8  ? 22.749  2.079   14.709  1.00 14.80 ? 7   PRO B CG  1 
ATOM   234 C CD  . PRO B 1 8  ? 23.984  1.215   14.724  1.00 12.16 ? 7   PRO B CD  1 
HETATM 235 N N   . HYP B 1 9  ? 19.949  -0.887  14.746  1.00 17.26 ? 8   HYP B N   1 
HETATM 236 C CA  . HYP B 1 9  ? 19.110  -1.502  13.730  1.00 13.30 ? 8   HYP B CA  1 
HETATM 237 C C   . HYP B 1 9  ? 18.936  -0.588  12.517  1.00 15.05 ? 8   HYP B C   1 
HETATM 238 O O   . HYP B 1 9  ? 18.977  0.632   12.637  1.00 18.37 ? 8   HYP B O   1 
HETATM 239 C CB  . HYP B 1 9  ? 17.784  -1.839  14.391  1.00 16.33 ? 8   HYP B CB  1 
HETATM 240 C CG  . HYP B 1 9  ? 18.062  -1.761  15.878  1.00 8.40  ? 8   HYP B CG  1 
HETATM 241 C CD  . HYP B 1 9  ? 19.263  -0.847  16.053  1.00 8.40  ? 8   HYP B CD  1 
HETATM 242 O OD1 . HYP B 1 9  ? 18.439  -3.040  16.323  1.00 16.43 ? 8   HYP B OD1 1 
ATOM   243 N N   . GLY B 1 10 ? 18.764  -1.198  11.349  1.00 7.87  ? 9   GLY B N   1 
ATOM   244 C CA  . GLY B 1 10 ? 18.602  -0.448  10.122  1.00 8.12  ? 9   GLY B CA  1 
ATOM   245 C C   . GLY B 1 10 ? 17.289  0.302   10.068  1.00 9.42  ? 9   GLY B C   1 
ATOM   246 O O   . GLY B 1 10 ? 16.477  0.225   10.990  1.00 8.54  ? 9   GLY B O   1 
ATOM   247 N N   . ARG B 1 11 ? 17.075  1.028   8.977   1.00 8.80  ? 10  ARG B N   1 
ATOM   248 C CA  . ARG B 1 11 ? 15.832  1.760   8.830   1.00 9.61  ? 10  ARG B CA  1 
ATOM   249 C C   . ARG B 1 11 ? 14.717  0.837   8.352   1.00 9.73  ? 10  ARG B C   1 
ATOM   250 O O   . ARG B 1 11 ? 14.954  -0.274  7.870   1.00 19.45 ? 10  ARG B O   1 
ATOM   251 C CB  . ARG B 1 11 ? 16.000  2.922   7.854   1.00 9.83  ? 10  ARG B CB  1 
ATOM   252 C CG  . ARG B 1 11 ? 15.127  4.117   8.177   1.00 29.17 ? 10  ARG B CG  1 
ATOM   253 C CD  . ARG B 1 11 ? 15.116  4.395   9.678   1.00 23.34 ? 10  ARG B CD  1 
ATOM   254 N NE  . ARG B 1 11 ? 14.417  5.638   9.991   1.00 35.25 ? 10  ARG B NE  1 
ATOM   255 C CZ  . ARG B 1 11 ? 14.870  6.855   9.701   1.00 25.80 ? 10  ARG B CZ  1 
ATOM   256 N NH1 . ARG B 1 11 ? 16.040  7.009   9.095   1.00 26.79 ? 10  ARG B NH1 1 
ATOM   257 N NH2 . ARG B 1 11 ? 14.150  7.924   10.026  1.00 26.22 ? 10  ARG B NH2 1 
ATOM   258 N N   . ALA B 1 12 ? 13.485  1.308   8.503   1.00 9.37  ? 11  ALA B N   1 
ATOM   259 C CA  . ALA B 1 12 ? 12.339  0.546   8.035   1.00 18.63 ? 11  ALA B CA  1 
ATOM   260 C C   . ALA B 1 12 ? 12.291  0.545   6.513   1.00 21.23 ? 11  ALA B C   1 
ATOM   261 O O   . ALA B 1 12 ? 12.716  1.501   5.858   1.00 14.14 ? 11  ALA B O   1 
ATOM   262 C CB  . ALA B 1 12 ? 11.045  1.125   8.603   1.00 9.84  ? 11  ALA B CB  1 
ATOM   263 N N   . GLY B 1 13 ? 11.777  -0.543  5.955   1.00 13.37 ? 12  GLY B N   1 
ATOM   264 C CA  . GLY B 1 13 ? 11.628  -0.657  4.518   1.00 9.35  ? 12  GLY B CA  1 
ATOM   265 C C   . GLY B 1 13 ? 10.652  0.356   3.958   1.00 9.88  ? 12  GLY B C   1 
ATOM   266 O O   . GLY B 1 13 ? 9.920   1.039   4.674   1.00 10.84 ? 12  GLY B O   1 
ATOM   267 N N   . GLU B 1 14 ? 10.653  0.451   2.632   1.00 10.40 ? 13  GLU B N   1 
ATOM   268 C CA  . GLU B 1 14 ? 9.742   1.356   1.955   1.00 19.58 ? 13  GLU B CA  1 
ATOM   269 C C   . GLU B 1 14 ? 8.297   0.908   2.197   1.00 11.23 ? 13  GLU B C   1 
ATOM   270 O O   . GLU B 1 14 ? 8.031   -0.285  2.360   1.00 12.61 ? 13  GLU B O   1 
ATOM   271 C CB  . GLU B 1 14 ? 10.053  1.387   0.460   1.00 17.84 ? 13  GLU B CB  1 
ATOM   272 C CG  . GLU B 1 14 ? 9.345   2.475   -0.331  1.00 22.79 ? 13  GLU B CG  1 
ATOM   273 C CD  . GLU B 1 14 ? 10.068  2.817   -1.621  1.00 30.46 ? 13  GLU B CD  1 
ATOM   274 O OE1 . GLU B 1 14 ? 10.219  1.919   -2.481  1.00 31.44 ? 13  GLU B OE1 1 
ATOM   275 O OE2 . GLU B 1 14 ? 10.489  3.985   -1.771  1.00 28.27 ? 13  GLU B OE2 1 
ATOM   276 N N   . PRO B 1 15 ? 7.351   1.848   2.262   1.00 6.53  ? 14  PRO B N   1 
ATOM   277 C CA  . PRO B 1 15 ? 5.943   1.452   2.359   1.00 8.72  ? 14  PRO B CA  1 
ATOM   278 C C   . PRO B 1 15 ? 5.519   0.614   1.164   1.00 15.71 ? 14  PRO B C   1 
ATOM   279 O O   . PRO B 1 15 ? 6.113   0.683   0.085   1.00 6.37  ? 14  PRO B O   1 
ATOM   280 C CB  . PRO B 1 15 ? 5.193   2.790   2.393   1.00 15.09 ? 14  PRO B CB  1 
ATOM   281 C CG  . PRO B 1 15 ? 6.190   3.803   1.894   1.00 16.99 ? 14  PRO B CG  1 
ATOM   282 C CD  . PRO B 1 15 ? 7.500   3.306   2.406   1.00 12.06 ? 14  PRO B CD  1 
ATOM   283 N N   . GLY B 1 16 ? 4.489   -0.189  1.374   1.00 8.31  ? 15  GLY B N   1 
ATOM   284 C CA  . GLY B 1 16 ? 3.949   -1.003  0.304   1.00 6.37  ? 15  GLY B CA  1 
ATOM   285 C C   . GLY B 1 16 ? 3.366   -0.162  -0.816  1.00 8.21  ? 15  GLY B C   1 
ATOM   286 O O   . GLY B 1 16 ? 3.107   1.033   -0.685  1.00 17.46 ? 15  GLY B O   1 
ATOM   287 N N   . LEU B 1 17 ? 3.169   -0.817  -1.957  1.00 6.33  ? 16  LEU B N   1 
ATOM   288 C CA  . LEU B 1 17 ? 2.537   -0.153  -3.083  1.00 8.69  ? 16  LEU B CA  1 
ATOM   289 C C   . LEU B 1 17 ? 1.076   0.144   -2.766  1.00 6.45  ? 16  LEU B C   1 
ATOM   290 O O   . LEU B 1 17 ? 0.465   -0.462  -1.880  1.00 6.50  ? 16  LEU B O   1 
ATOM   291 C CB  . LEU B 1 17 ? 2.636   -1.015  -4.342  1.00 8.51  ? 16  LEU B CB  1 
ATOM   292 C CG  . LEU B 1 17 ? 4.039   -1.387  -4.835  1.00 11.05 ? 16  LEU B CG  1 
ATOM   293 C CD1 . LEU B 1 17 ? 3.990   -2.033  -6.218  1.00 6.53  ? 16  LEU B CD1 1 
ATOM   294 C CD2 . LEU B 1 17 ? 4.940   -0.162  -4.851  1.00 6.38  ? 16  LEU B CD2 1 
ATOM   295 N N   . GLN B 1 18 ? 0.514   1.101   -3.501  1.00 6.30  ? 17  GLN B N   1 
ATOM   296 C CA  . GLN B 1 18 ? -0.904  1.394   -3.361  1.00 8.02  ? 17  GLN B CA  1 
ATOM   297 C C   . GLN B 1 18 ? -1.726  0.201   -3.835  1.00 6.39  ? 17  GLN B C   1 
ATOM   298 O O   . GLN B 1 18 ? -1.373  -0.474  -4.809  1.00 6.47  ? 17  GLN B O   1 
ATOM   299 C CB  . GLN B 1 18 ? -1.271  2.655   -4.152  1.00 6.32  ? 17  GLN B CB  1 
ATOM   300 C CG  . GLN B 1 18 ? -2.725  3.091   -4.003  1.00 8.31  ? 17  GLN B CG  1 
ATOM   301 C CD  . GLN B 1 18 ? -3.019  4.403   -4.707  1.00 9.73  ? 17  GLN B CD  1 
ATOM   302 O OE1 . GLN B 1 18 ? -4.003  5.081   -4.403  1.00 17.20 ? 17  GLN B OE1 1 
ATOM   303 N NE2 . GLN B 1 18 ? -2.170  4.763   -5.658  1.00 6.42  ? 17  GLN B NE2 1 
ATOM   304 N N   . GLY B 1 19 ? -2.817  -0.073  -3.125  1.00 8.47  ? 18  GLY B N   1 
ATOM   305 C CA  . GLY B 1 19 ? -3.665  -1.201  -3.427  1.00 6.52  ? 18  GLY B CA  1 
ATOM   306 C C   . GLY B 1 19 ? -4.383  -1.058  -4.753  1.00 9.26  ? 18  GLY B C   1 
ATOM   307 O O   . GLY B 1 19 ? -4.283  -0.036  -5.439  1.00 6.61  ? 18  GLY B O   1 
ATOM   308 N N   . PRO B 1 20 ? -5.124  -2.093  -5.142  1.00 11.53 ? 19  PRO B N   1 
ATOM   309 C CA  . PRO B 1 20 ? -5.842  -2.056  -6.415  1.00 6.94  ? 19  PRO B CA  1 
ATOM   310 C C   . PRO B 1 20 ? -7.073  -1.165  -6.345  1.00 6.95  ? 19  PRO B C   1 
ATOM   311 O O   . PRO B 1 20 ? -7.563  -0.810  -5.271  1.00 6.85  ? 19  PRO B O   1 
ATOM   312 C CB  . PRO B 1 20 ? -6.233  -3.521  -6.640  1.00 8.44  ? 19  PRO B CB  1 
ATOM   313 C CG  . PRO B 1 20 ? -6.329  -4.093  -5.266  1.00 7.07  ? 19  PRO B CG  1 
ATOM   314 C CD  . PRO B 1 20 ? -5.322  -3.363  -4.421  1.00 6.85  ? 19  PRO B CD  1 
ATOM   315 N N   . ALA B 1 21 ? -7.568  -0.805  -7.526  1.00 17.62 ? 20  ALA B N   1 
ATOM   316 C CA  . ALA B 1 21 ? -8.759  0.026   -7.612  1.00 13.88 ? 20  ALA B CA  1 
ATOM   317 C C   . ALA B 1 21 ? -9.970  -0.712  -7.057  1.00 7.24  ? 20  ALA B C   1 
ATOM   318 O O   . ALA B 1 21 ? -10.075 -1.939  -7.147  1.00 11.07 ? 20  ALA B O   1 
ATOM   319 C CB  . ALA B 1 21 ? -9.021  0.437   -9.063  1.00 10.46 ? 20  ALA B CB  1 
ATOM   320 N N   . GLY B 1 22 ? -10.897 0.049   -6.480  1.00 7.20  ? 21  GLY B N   1 
ATOM   321 C CA  . GLY B 1 22 ? -12.117 -0.509  -5.955  1.00 7.95  ? 21  GLY B CA  1 
ATOM   322 C C   . GLY B 1 22 ? -12.983 -1.114  -7.039  1.00 15.76 ? 21  GLY B C   1 
ATOM   323 O O   . GLY B 1 22 ? -12.754 -0.910  -8.234  1.00 9.66  ? 21  GLY B O   1 
ATOM   324 N N   . PRO B 1 23 ? -14.001 -1.889  -6.638  1.00 8.29  ? 22  PRO B N   1 
ATOM   325 C CA  . PRO B 1 23 ? -14.947 -2.479  -7.587  1.00 13.26 ? 22  PRO B CA  1 
ATOM   326 C C   . PRO B 1 23 ? -15.835 -1.400  -8.184  1.00 8.14  ? 22  PRO B C   1 
ATOM   327 O O   . PRO B 1 23 ? -15.872 -0.295  -7.652  1.00 12.83 ? 22  PRO B O   1 
ATOM   328 C CB  . PRO B 1 23 ? -15.754 -3.447  -6.718  1.00 8.16  ? 22  PRO B CB  1 
ATOM   329 C CG  . PRO B 1 23 ? -15.738 -2.819  -5.378  1.00 7.90  ? 22  PRO B CG  1 
ATOM   330 C CD  . PRO B 1 23 ? -14.390 -2.155  -5.243  1.00 9.35  ? 22  PRO B CD  1 
HETATM 331 N N   . HYP B 1 24 ? -16.536 -1.702  -9.268  1.00 12.33 ? 23  HYP B N   1 
HETATM 332 C CA  . HYP B 1 24 ? -17.427 -0.720  -9.856  1.00 8.69  ? 23  HYP B CA  1 
HETATM 333 C C   . HYP B 1 24 ? -18.523 -0.321  -8.872  1.00 16.00 ? 23  HYP B C   1 
HETATM 334 O O   . HYP B 1 24 ? -18.940 -1.129  -8.042  1.00 9.30  ? 23  HYP B O   1 
HETATM 335 C CB  . HYP B 1 24 ? -17.996 -1.330  -11.123 1.00 11.90 ? 23  HYP B CB  1 
HETATM 336 C CG  . HYP B 1 24 ? -17.128 -2.538  -11.402 1.00 13.35 ? 23  HYP B CG  1 
HETATM 337 C CD  . HYP B 1 24 ? -16.420 -2.911  -10.106 1.00 14.48 ? 23  HYP B CD  1 
HETATM 338 O OD1 . HYP B 1 24 ? -16.141 -2.146  -12.318 1.00 9.75  ? 23  HYP B OD1 1 
ATOM   339 N N   . GLY B 1 25 ? -18.973 0.925   -8.959  1.00 8.50  ? 24  GLY B N   1 
ATOM   340 C CA  . GLY B 1 25 ? -20.047 1.389   -8.105  1.00 8.48  ? 24  GLY B CA  1 
ATOM   341 C C   . GLY B 1 25 ? -21.325 0.629   -8.383  1.00 11.90 ? 24  GLY B C   1 
ATOM   342 O O   . GLY B 1 25 ? -21.371 -0.182  -9.308  1.00 9.07  ? 24  GLY B O   1 
ATOM   343 N N   . PRO B 1 26 ? -22.366 0.876   -7.574  1.00 6.61  ? 25  PRO B N   1 
ATOM   344 C CA  . PRO B 1 26 ? -23.665 0.237   -7.787  1.00 6.62  ? 25  PRO B CA  1 
ATOM   345 C C   . PRO B 1 26 ? -24.213 0.598   -9.156  1.00 9.05  ? 25  PRO B C   1 
ATOM   346 O O   . PRO B 1 26 ? -23.939 1.691   -9.655  1.00 8.90  ? 25  PRO B O   1 
ATOM   347 C CB  . PRO B 1 26 ? -24.543 0.814   -6.668  1.00 9.73  ? 25  PRO B CB  1 
ATOM   348 C CG  . PRO B 1 26 ? -23.817 2.010   -6.172  1.00 9.74  ? 25  PRO B CG  1 
ATOM   349 C CD  . PRO B 1 26 ? -22.368 1.762   -6.399  1.00 8.71  ? 25  PRO B CD  1 
HETATM 350 N N   . HYP B 1 27 ? -24.956 -0.316  -9.764  1.00 6.72  ? 26  HYP B N   1 
HETATM 351 C CA  . HYP B 1 27 ? -25.494 -0.069  -11.085 1.00 6.79  ? 26  HYP B CA  1 
HETATM 352 C C   . HYP B 1 27 ? -26.415 1.152   -11.108 1.00 6.78  ? 26  HYP B C   1 
HETATM 353 O O   . HYP B 1 27 ? -27.066 1.464   -10.114 1.00 11.02 ? 26  HYP B O   1 
HETATM 354 C CB  . HYP B 1 27 ? -26.212 -1.341  -11.500 1.00 17.63 ? 26  HYP B CB  1 
HETATM 355 C CG  . HYP B 1 27 ? -25.725 -2.417  -10.548 1.00 12.72 ? 26  HYP B CG  1 
HETATM 356 C CD  . HYP B 1 27 ? -25.144 -1.713  -9.330  1.00 10.08 ? 26  HYP B CD  1 
HETATM 357 O OD1 . HYP B 1 27 ? -24.698 -3.139  -11.191 1.00 12.77 ? 26  HYP B OD1 1 
ATOM   358 N N   . GLY B 1 28 ? -26.444 1.853   -12.233 1.00 6.92  ? 27  GLY B N   1 
ATOM   359 C CA  . GLY B 1 28 ? -27.323 2.996   -12.369 1.00 7.12  ? 27  GLY B CA  1 
ATOM   360 C C   . GLY B 1 28 ? -28.778 2.581   -12.306 1.00 10.78 ? 27  GLY B C   1 
ATOM   361 O O   . GLY B 1 28 ? -29.116 1.445   -12.631 1.00 10.74 ? 27  GLY B O   1 
ATOM   362 N N   . PRO B 1 29 ? -29.652 3.496   -11.873 1.00 7.45  ? 28  PRO B N   1 
ATOM   363 C CA  . PRO B 1 29 ? -31.085 3.205   -11.841 1.00 12.44 ? 28  PRO B CA  1 
ATOM   364 C C   . PRO B 1 29 ? -31.671 3.222   -13.247 1.00 8.00  ? 28  PRO B C   1 
ATOM   365 O O   . PRO B 1 29 ? -30.967 3.574   -14.189 1.00 10.66 ? 28  PRO B O   1 
ATOM   366 C CB  . PRO B 1 29 ? -31.649 4.339   -10.982 1.00 15.44 ? 28  PRO B CB  1 
ATOM   367 C CG  . PRO B 1 29 ? -30.725 5.473   -11.237 1.00 8.46  ? 28  PRO B CG  1 
ATOM   368 C CD  . PRO B 1 29 ? -29.358 4.869   -11.423 1.00 7.62  ? 28  PRO B CD  1 
HETATM 369 N N   . HYP B 1 30 ? -32.934 2.844   -13.393 1.00 17.94 ? 29  HYP B N   1 
HETATM 370 C CA  . HYP B 1 30 ? -33.572 2.914   -14.692 1.00 16.28 ? 29  HYP B CA  1 
HETATM 371 C C   . HYP B 1 30 ? -33.725 4.359   -15.180 1.00 27.19 ? 29  HYP B C   1 
HETATM 372 O O   . HYP B 1 30 ? -33.785 5.290   -14.380 1.00 15.70 ? 29  HYP B O   1 
HETATM 373 C CB  . HYP B 1 30 ? -34.901 2.195   -14.550 1.00 15.34 ? 29  HYP B CB  1 
HETATM 374 C CG  . HYP B 1 30 ? -34.695 1.263   -13.372 1.00 9.61  ? 29  HYP B CG  1 
HETATM 375 C CD  . HYP B 1 30 ? -33.551 1.814   -12.533 1.00 15.27 ? 29  HYP B CD  1 
HETATM 376 O OD1 . HYP B 1 30 ? -34.298 0.003   -13.871 1.00 13.52 ? 29  HYP B OD1 1 
ATOM   377 N N   . GLY B 1 31 ? -33.769 4.528   -16.497 1.00 25.00 ? 30  GLY B N   1 
ATOM   378 C CA  . GLY B 1 31 ? -33.854 5.845   -17.102 1.00 19.36 ? 30  GLY B CA  1 
ATOM   379 C C   . GLY B 1 31 ? -35.222 6.483   -16.966 1.00 19.97 ? 30  GLY B C   1 
ATOM   380 O O   . GLY B 1 31 ? -36.160 5.845   -16.490 1.00 25.71 ? 30  GLY B O   1 
HETATM 381 C C   . ACE C 1 1  ? 38.165  -4.902  14.521  1.00 29.29 ? 0   ACE C C   1 
HETATM 382 O O   . ACE C 1 1  ? 38.275  -6.107  14.698  1.00 32.84 ? 0   ACE C O   1 
ATOM   383 N N   . PRO C 1 2  ? 38.672  -3.994  15.361  1.00 22.65 ? 1   PRO C N   1 
ATOM   384 C CA  . PRO C 1 2  ? 37.907  -3.127  16.254  1.00 29.69 ? 1   PRO C CA  1 
ATOM   385 C C   . PRO C 1 2  ? 36.545  -2.653  15.738  1.00 17.87 ? 1   PRO C C   1 
ATOM   386 O O   . PRO C 1 2  ? 35.633  -2.665  16.553  1.00 28.82 ? 1   PRO C O   1 
ATOM   387 C CB  . PRO C 1 2  ? 38.858  -1.946  16.459  1.00 20.91 ? 1   PRO C CB  1 
ATOM   388 C CG  . PRO C 1 2  ? 40.235  -2.589  16.361  1.00 27.95 ? 1   PRO C CG  1 
ATOM   389 C CD  . PRO C 1 2  ? 40.095  -3.950  15.709  1.00 29.95 ? 1   PRO C CD  1 
HETATM 390 N N   . HYP C 1 3  ? 36.374  -2.249  14.480  1.00 17.90 ? 2   HYP C N   1 
HETATM 391 C CA  . HYP C 1 3  ? 35.024  -1.862  14.067  1.00 19.51 ? 2   HYP C CA  1 
HETATM 392 C C   . HYP C 1 3  ? 34.051  -3.033  14.151  1.00 20.65 ? 2   HYP C C   1 
HETATM 393 O O   . HYP C 1 3  ? 34.337  -4.124  13.657  1.00 17.59 ? 2   HYP C O   1 
HETATM 394 C CB  . HYP C 1 3  ? 35.080  -1.312  12.653  1.00 20.79 ? 2   HYP C CB  1 
HETATM 395 C CG  . HYP C 1 3  ? 36.532  -0.982  12.424  1.00 24.27 ? 2   HYP C CG  1 
HETATM 396 C CD  . HYP C 1 3  ? 37.333  -1.787  13.447  1.00 26.31 ? 2   HYP C CD  1 
HETATM 397 O OD1 . HYP C 1 3  ? 36.683  0.398   12.663  1.00 29.97 ? 2   HYP C OD1 1 
ATOM   398 N N   . GLY C 1 4  ? 32.913  -2.797  14.792  1.00 16.29 ? 3   GLY C N   1 
ATOM   399 C CA  . GLY C 1 4  ? 31.926  -3.837  14.992  1.00 19.40 ? 3   GLY C CA  1 
ATOM   400 C C   . GLY C 1 4  ? 31.184  -4.206  13.724  1.00 18.54 ? 3   GLY C C   1 
ATOM   401 O O   . GLY C 1 4  ? 31.276  -3.504  12.716  1.00 15.99 ? 3   GLY C O   1 
ATOM   402 N N   . PRO C 1 5  ? 30.445  -5.321  13.769  1.00 15.24 ? 4   PRO C N   1 
ATOM   403 C CA  . PRO C 1 5  ? 29.624  -5.749  12.634  1.00 19.19 ? 4   PRO C CA  1 
ATOM   404 C C   . PRO C 1 5  ? 28.442  -4.813  12.438  1.00 14.61 ? 4   PRO C C   1 
ATOM   405 O O   . PRO C 1 5  ? 28.077  -4.093  13.365  1.00 14.82 ? 4   PRO C O   1 
ATOM   406 C CB  . PRO C 1 5  ? 29.160  -7.145  13.047  1.00 15.33 ? 4   PRO C CB  1 
ATOM   407 C CG  . PRO C 1 5  ? 29.148  -7.102  14.531  1.00 17.00 ? 4   PRO C CG  1 
ATOM   408 C CD  . PRO C 1 5  ? 30.294  -6.214  14.929  1.00 15.41 ? 4   PRO C CD  1 
HETATM 409 N N   . HYP C 1 6  ? 27.859  -4.816  11.247  1.00 14.65 ? 5   HYP C N   1 
HETATM 410 C CA  . HYP C 1 6  ? 26.676  -4.020  10.997  1.00 17.94 ? 5   HYP C CA  1 
HETATM 411 C C   . HYP C 1 6  ? 25.511  -4.455  11.888  1.00 15.03 ? 5   HYP C C   1 
HETATM 412 O O   . HYP C 1 6  ? 25.423  -5.620  12.282  1.00 13.73 ? 5   HYP C O   1 
HETATM 413 C CB  . HYP C 1 6  ? 26.362  -4.164  9.517   1.00 19.39 ? 5   HYP C CB  1 
HETATM 414 C CG  . HYP C 1 6  ? 27.629  -4.713  8.886   1.00 23.60 ? 5   HYP C CG  1 
HETATM 415 C CD  . HYP C 1 6  ? 28.518  -5.249  10.002  1.00 26.37 ? 5   HYP C CD  1 
HETATM 416 O OD1 . HYP C 1 6  ? 28.301  -3.657  8.240   1.00 33.23 ? 5   HYP C OD1 1 
ATOM   417 N N   . GLY C 1 7  ? 24.634  -3.509  12.210  1.00 13.90 ? 6   GLY C N   1 
ATOM   418 C CA  . GLY C 1 7  ? 23.480  -3.798  13.038  1.00 14.58 ? 6   GLY C CA  1 
ATOM   419 C C   . GLY C 1 7  ? 22.497  -4.751  12.386  1.00 20.01 ? 6   GLY C C   1 
ATOM   420 O O   . GLY C 1 7  ? 22.694  -5.176  11.248  1.00 13.64 ? 6   GLY C O   1 
ATOM   421 N N   . PRO C 1 8  ? 21.429  -5.102  13.113  1.00 17.54 ? 7   PRO C N   1 
ATOM   422 C CA  . PRO C 1 8  ? 20.371  -5.965  12.583  1.00 10.34 ? 7   PRO C CA  1 
ATOM   423 C C   . PRO C 1 8  ? 19.555  -5.244  11.512  1.00 10.70 ? 7   PRO C C   1 
ATOM   424 O O   . PRO C 1 8  ? 19.542  -4.011  11.465  1.00 10.24 ? 7   PRO C O   1 
ATOM   425 C CB  . PRO C 1 8  ? 19.508  -6.276  13.818  1.00 16.04 ? 7   PRO C CB  1 
ATOM   426 C CG  . PRO C 1 8  ? 20.281  -5.755  15.009  1.00 12.35 ? 7   PRO C CG  1 
ATOM   427 C CD  . PRO C 1 8  ? 21.143  -4.656  14.484  1.00 10.83 ? 7   PRO C CD  1 
HETATM 428 N N   . HYP C 1 9  ? 18.884  -6.005  10.657  1.00 13.17 ? 8   HYP C N   1 
HETATM 429 C CA  . HYP C 1 9  ? 18.044  -5.412  9.631   1.00 9.78  ? 8   HYP C CA  1 
HETATM 430 C C   . HYP C 1 9  ? 16.905  -4.581  10.220  1.00 11.71 ? 8   HYP C C   1 
HETATM 431 O O   . HYP C 1 9  ? 16.465  -4.818  11.345  1.00 17.07 ? 8   HYP C O   1 
HETATM 432 C CB  . HYP C 1 9  ? 17.532  -6.562  8.782   1.00 11.09 ? 8   HYP C CB  1 
HETATM 433 C CG  . HYP C 1 9  ? 18.473  -7.718  9.061   1.00 9.72  ? 8   HYP C CG  1 
HETATM 434 C CD  . HYP C 1 9  ? 19.186  -7.422  10.376  1.00 15.53 ? 8   HYP C CD  1 
HETATM 435 O OD1 . HYP C 1 9  ? 19.432  -7.763  8.025   1.00 11.76 ? 8   HYP C OD1 1 
ATOM   436 N N   . GLY C 1 10 ? 16.451  -3.594  9.458   1.00 9.77  ? 9   GLY C N   1 
ATOM   437 C CA  . GLY C 1 10 ? 15.337  -2.772  9.883   1.00 9.93  ? 9   GLY C CA  1 
ATOM   438 C C   . GLY C 1 10 ? 14.041  -3.552  9.855   1.00 10.19 ? 9   GLY C C   1 
ATOM   439 O O   . GLY C 1 10 ? 14.006  -4.704  9.414   1.00 9.54  ? 9   GLY C O   1 
ATOM   440 N N   . ARG C 1 11 ? 12.973  -2.926  10.333  1.00 9.86  ? 10  ARG C N   1 
ATOM   441 C CA  . ARG C 1 11 ? 11.667  -3.563  10.324  1.00 9.76  ? 10  ARG C CA  1 
ATOM   442 C C   . ARG C 1 11 ? 11.033  -3.463  8.941   1.00 9.46  ? 10  ARG C C   1 
ATOM   443 O O   . ARG C 1 11 ? 11.385  -2.599  8.134   1.00 11.68 ? 10  ARG C O   1 
ATOM   444 C CB  . ARG C 1 11 ? 10.753  -2.921  11.366  1.00 10.24 ? 10  ARG C CB  1 
ATOM   445 C CG  . ARG C 1 11 ? 10.037  -1.680  10.867  1.00 16.86 ? 10  ARG C CG  1 
ATOM   446 C CD  . ARG C 1 11 ? 9.425   -0.892  12.008  1.00 13.00 ? 10  ARG C CD  1 
ATOM   447 N NE  . ARG C 1 11 ? 10.426  -0.466  12.980  1.00 29.18 ? 10  ARG C NE  1 
ATOM   448 C CZ  . ARG C 1 11 ? 10.449  -0.864  14.246  1.00 23.50 ? 10  ARG C CZ  1 
ATOM   449 N NH1 . ARG C 1 11 ? 9.522   -1.700  14.695  1.00 15.93 ? 10  ARG C NH1 1 
ATOM   450 N NH2 . ARG C 1 11 ? 11.395  -0.423  15.065  1.00 20.71 ? 10  ARG C NH2 1 
ATOM   451 N N   . ALA C 1 12 ? 10.092  -4.368  8.675   1.00 13.20 ? 11  ALA C N   1 
ATOM   452 C CA  . ALA C 1 12 ? 9.325   -4.297  7.439   1.00 9.05  ? 11  ALA C CA  1 
ATOM   453 C C   . ALA C 1 12 ? 8.538   -2.995  7.380   1.00 9.14  ? 11  ALA C C   1 
ATOM   454 O O   . ALA C 1 12 ? 8.099   -2.461  8.403   1.00 9.43  ? 11  ALA C O   1 
ATOM   455 C CB  . ALA C 1 12 ? 8.370   -5.485  7.325   1.00 8.93  ? 11  ALA C CB  1 
ATOM   456 N N   . GLY C 1 13 ? 8.353   -2.494  6.161   1.00 22.25 ? 12  GLY C N   1 
ATOM   457 C CA  . GLY C 1 13 ? 7.763   -1.188  5.963   1.00 11.57 ? 12  GLY C CA  1 
ATOM   458 C C   . GLY C 1 13 ? 6.268   -1.163  6.212   1.00 9.11  ? 12  GLY C C   1 
ATOM   459 O O   . GLY C 1 13 ? 5.608   -2.183  6.416   1.00 9.01  ? 12  GLY C O   1 
ATOM   460 N N   . GLU C 1 14 ? 5.733   0.056   6.195   1.00 10.55 ? 13  GLU C N   1 
ATOM   461 C CA  . GLU C 1 14 ? 4.314   0.270   6.423   1.00 10.43 ? 13  GLU C CA  1 
ATOM   462 C C   . GLU C 1 14 ? 3.493   -0.403  5.326   1.00 9.92  ? 13  GLU C C   1 
ATOM   463 O O   . GLU C 1 14 ? 3.977   -0.593  4.207   1.00 9.69  ? 13  GLU C O   1 
ATOM   464 C CB  . GLU C 1 14 ? 3.992   1.762   6.432   1.00 10.60 ? 13  GLU C CB  1 
ATOM   465 C CG  . GLU C 1 14 ? 4.472   2.531   7.644   1.00 14.39 ? 13  GLU C CG  1 
ATOM   466 C CD  . GLU C 1 14 ? 4.033   3.980   7.592   1.00 20.93 ? 13  GLU C CD  1 
ATOM   467 O OE1 . GLU C 1 14 ? 4.904   4.875   7.644   1.00 27.77 ? 13  GLU C OE1 1 
ATOM   468 O OE2 . GLU C 1 14 ? 2.811   4.225   7.485   1.00 20.55 ? 13  GLU C OE2 1 
ATOM   469 N N   . PRO C 1 15 ? 2.244   -0.761  5.611   1.00 14.71 ? 14  PRO C N   1 
ATOM   470 C CA  . PRO C 1 15 ? 1.346   -1.185  4.534   1.00 9.59  ? 14  PRO C CA  1 
ATOM   471 C C   . PRO C 1 15 ? 1.032   -0.019  3.608   1.00 9.53  ? 14  PRO C C   1 
ATOM   472 O O   . PRO C 1 15 ? 1.043   1.147   4.012   1.00 9.58  ? 14  PRO C O   1 
ATOM   473 C CB  . PRO C 1 15 ? 0.098   -1.671  5.279   1.00 9.78  ? 14  PRO C CB  1 
ATOM   474 C CG  . PRO C 1 15 ? 0.131   -0.942  6.583   1.00 13.57 ? 14  PRO C CG  1 
ATOM   475 C CD  . PRO C 1 15 ? 1.581   -0.771  6.927   1.00 12.48 ? 14  PRO C CD  1 
ATOM   476 N N   . GLY C 1 16 ? 0.757   -0.348  2.349   1.00 9.16  ? 15  GLY C N   1 
ATOM   477 C CA  . GLY C 1 16 ? 0.592   0.669   1.330   1.00 9.35  ? 15  GLY C CA  1 
ATOM   478 C C   . GLY C 1 16 ? -0.722  1.428   1.436   1.00 9.11  ? 15  GLY C C   1 
ATOM   479 O O   . GLY C 1 16 ? -1.658  1.048   2.141   1.00 9.25  ? 15  GLY C O   1 
ATOM   480 N N   . LEU C 1 17 ? -0.779  2.536   0.699   1.00 9.11  ? 16  LEU C N   1 
ATOM   481 C CA  . LEU C 1 17 ? -1.980  3.359   0.658   1.00 9.26  ? 16  LEU C CA  1 
ATOM   482 C C   . LEU C 1 17 ? -3.148  2.573   0.076   1.00 9.34  ? 16  LEU C C   1 
ATOM   483 O O   . LEU C 1 17 ? -2.972  1.721   -0.799  1.00 9.04  ? 16  LEU C O   1 
ATOM   484 C CB  . LEU C 1 17 ? -1.725  4.618   -0.177  1.00 9.34  ? 16  LEU C CB  1 
ATOM   485 C CG  . LEU C 1 17 ? -0.797  5.710   0.374   1.00 13.67 ? 16  LEU C CG  1 
ATOM   486 C CD1 . LEU C 1 17 ? -1.201  7.067   -0.176  1.00 11.41 ? 16  LEU C CD1 1 
ATOM   487 C CD2 . LEU C 1 17 ? -0.797  5.735   1.900   1.00 18.37 ? 16  LEU C CD2 1 
ATOM   488 N N   . GLN C 1 18 ? -4.350  2.853   0.580   1.00 9.91  ? 17  GLN C N   1 
ATOM   489 C CA  . GLN C 1 18 ? -5.560  2.327   -0.035  1.00 9.51  ? 17  GLN C CA  1 
ATOM   490 C C   . GLN C 1 18 ? -5.609  2.717   -1.506  1.00 9.43  ? 17  GLN C C   1 
ATOM   491 O O   . GLN C 1 18 ? -5.258  3.838   -1.875  1.00 11.03 ? 17  GLN C O   1 
ATOM   492 C CB  . GLN C 1 18 ? -6.793  2.871   0.684   1.00 9.85  ? 17  GLN C CB  1 
ATOM   493 C CG  . GLN C 1 18 ? -8.112  2.341   0.169   1.00 13.11 ? 17  GLN C CG  1 
ATOM   494 C CD  . GLN C 1 18 ? -9.269  2.668   1.095   1.00 13.51 ? 17  GLN C CD  1 
ATOM   495 O OE1 . GLN C 1 18 ? -9.298  3.731   1.712   1.00 19.76 ? 17  GLN C OE1 1 
ATOM   496 N NE2 . GLN C 1 18 ? -10.245 1.764   1.178   1.00 20.78 ? 17  GLN C NE2 1 
ATOM   497 N N   . GLY C 1 19 ? -6.038  1.786   -2.352  1.00 8.24  ? 18  GLY C N   1 
ATOM   498 C CA  . GLY C 1 19 ? -6.195  2.062   -3.762  1.00 6.25  ? 18  GLY C CA  1 
ATOM   499 C C   . GLY C 1 19 ? -7.239  3.119   -4.043  1.00 9.62  ? 18  GLY C C   1 
ATOM   500 O O   . GLY C 1 19 ? -8.026  3.493   -3.167  1.00 10.54 ? 18  GLY C O   1 
ATOM   501 N N   . PRO C 1 20 ? -7.276  3.618   -5.274  1.00 12.47 ? 19  PRO C N   1 
ATOM   502 C CA  . PRO C 1 20 ? -8.283  4.616   -5.636  1.00 7.06  ? 19  PRO C CA  1 
ATOM   503 C C   . PRO C 1 20 ? -9.660  3.988   -5.767  1.00 11.13 ? 19  PRO C C   1 
ATOM   504 O O   . PRO C 1 20 ? -9.808  2.775   -5.935  1.00 6.35  ? 19  PRO C O   1 
ATOM   505 C CB  . PRO C 1 20 ? -7.786  5.148   -6.980  1.00 7.59  ? 19  PRO C CB  1 
ATOM   506 C CG  . PRO C 1 20 ? -7.081  3.986   -7.590  1.00 8.51  ? 19  PRO C CG  1 
ATOM   507 C CD  . PRO C 1 20 ? -6.476  3.196   -6.441  1.00 6.18  ? 19  PRO C CD  1 
ATOM   508 N N   . ALA C 1 21 ? -10.678 4.845   -5.689  1.00 8.30  ? 20  ALA C N   1 
ATOM   509 C CA  . ALA C 1 21 ? -12.050 4.391   -5.872  1.00 9.17  ? 20  ALA C CA  1 
ATOM   510 C C   . ALA C 1 21 ? -12.221 3.782   -7.259  1.00 8.17  ? 20  ALA C C   1 
ATOM   511 O O   . ALA C 1 21 ? -11.544 4.163   -8.219  1.00 9.16  ? 20  ALA C O   1 
ATOM   512 C CB  . ALA C 1 21 ? -13.029 5.549   -5.674  1.00 8.25  ? 20  ALA C CB  1 
ATOM   513 N N   . GLY C 1 22 ? -13.129 2.813   -7.358  1.00 5.71  ? 21  GLY C N   1 
ATOM   514 C CA  . GLY C 1 22 ? -13.331 2.117   -8.595  1.00 12.90 ? 21  GLY C CA  1 
ATOM   515 C C   . GLY C 1 22 ? -14.064 2.966   -9.618  1.00 5.02  ? 21  GLY C C   1 
ATOM   516 O O   . GLY C 1 22 ? -14.449 4.113   -9.355  1.00 11.09 ? 21  GLY C O   1 
ATOM   517 N N   . PRO C 1 23 ? -14.268 2.396   -10.813 1.00 8.66  ? 22  PRO C N   1 
ATOM   518 C CA  . PRO C 1 23 ? -15.032 3.067   -11.865 1.00 5.44  ? 22  PRO C CA  1 
ATOM   519 C C   . PRO C 1 23 ? -16.487 3.163   -11.451 1.00 7.27  ? 22  PRO C C   1 
ATOM   520 O O   . PRO C 1 23 ? -16.899 2.454   -10.527 1.00 8.56  ? 22  PRO C O   1 
ATOM   521 C CB  . PRO C 1 23 ? -14.863 2.148   -13.083 1.00 5.06  ? 22  PRO C CB  1 
ATOM   522 C CG  . PRO C 1 23 ? -13.995 1.010   -12.640 1.00 5.81  ? 22  PRO C CG  1 
ATOM   523 C CD  . PRO C 1 23 ? -13.976 0.998   -11.154 1.00 4.97  ? 22  PRO C CD  1 
HETATM 524 N N   . HYP C 1 24 ? -17.256 4.029   -12.100 1.00 6.95  ? 23  HYP C N   1 
HETATM 525 C CA  . HYP C 1 24 ? -18.676 4.068   -11.832 1.00 5.03  ? 23  HYP C CA  1 
HETATM 526 C C   . HYP C 1 24 ? -19.305 2.744   -12.263 1.00 11.37 ? 23  HYP C C   1 
HETATM 527 O O   . HYP C 1 24 ? -18.749 2.036   -13.105 1.00 5.80  ? 23  HYP C O   1 
HETATM 528 C CB  . HYP C 1 24 ? -19.253 5.261   -12.576 1.00 4.84  ? 23  HYP C CB  1 
HETATM 529 C CG  . HYP C 1 24 ? -18.065 6.030   -13.122 1.00 19.08 ? 23  HYP C CG  1 
HETATM 530 C CD  . HYP C 1 24 ? -16.840 5.128   -13.000 1.00 6.82  ? 23  HYP C CD  1 
HETATM 531 O OD1 . HYP C 1 24 ? -17.861 7.180   -12.330 1.00 12.53 ? 23  HYP C OD1 1 
ATOM   532 N N   . GLY C 1 25 ? -20.443 2.399   -11.675 1.00 4.71  ? 24  GLY C N   1 
ATOM   533 C CA  . GLY C 1 25 ? -21.160 1.219   -12.110 1.00 5.40  ? 24  GLY C CA  1 
ATOM   534 C C   . GLY C 1 25 ? -21.705 1.432   -13.503 1.00 5.02  ? 24  GLY C C   1 
ATOM   535 O O   . GLY C 1 25 ? -21.676 2.556   -14.018 1.00 5.13  ? 24  GLY C O   1 
ATOM   536 N N   . PRO C 1 26 ? -22.203 0.357   -14.120 1.00 5.23  ? 25  PRO C N   1 
ATOM   537 C CA  . PRO C 1 26 ? -22.782 0.446   -15.461 1.00 8.49  ? 25  PRO C CA  1 
ATOM   538 C C   . PRO C 1 26 ? -23.957 1.409   -15.496 1.00 12.80 ? 25  PRO C C   1 
ATOM   539 O O   . PRO C 1 26 ? -24.545 1.702   -14.455 1.00 10.58 ? 25  PRO C O   1 
ATOM   540 C CB  . PRO C 1 26 ? -23.244 -0.986  -15.746 1.00 5.83  ? 25  PRO C CB  1 
ATOM   541 C CG  . PRO C 1 26 ? -23.396 -1.617  -14.406 1.00 5.51  ? 25  PRO C CG  1 
ATOM   542 C CD  . PRO C 1 26 ? -22.361 -0.984  -13.531 1.00 6.82  ? 25  PRO C CD  1 
HETATM 543 N N   . HYP C 1 27 ? -24.282 1.913   -16.678 1.00 9.13  ? 26  HYP C N   1 
HETATM 544 C CA  . HYP C 1 27 ? -25.476 2.710   -16.829 1.00 13.95 ? 26  HYP C CA  1 
HETATM 545 C C   . HYP C 1 27 ? -26.688 1.822   -16.554 1.00 10.58 ? 26  HYP C C   1 
HETATM 546 O O   . HYP C 1 27 ? -26.625 0.608   -16.754 1.00 6.41  ? 26  HYP C O   1 
HETATM 547 C CB  . HYP C 1 27 ? -25.464 3.292   -18.232 1.00 18.14 ? 26  HYP C CB  1 
HETATM 548 C CG  . HYP C 1 27 ? -24.072 3.014   -18.769 1.00 12.89 ? 26  HYP C CG  1 
HETATM 549 C CD  . HYP C 1 27 ? -23.432 1.950   -17.886 1.00 6.53  ? 26  HYP C CD  1 
HETATM 550 O OD1 . HYP C 1 27 ? -23.305 4.185   -18.649 1.00 10.54 ? 26  HYP C OD1 1 
ATOM   551 N N   . GLY C 1 28 ? -27.769 2.422   -16.071 1.00 11.39 ? 27  GLY C N   1 
ATOM   552 C CA  . GLY C 1 28 ? -28.968 1.665   -15.784 1.00 10.45 ? 27  GLY C CA  1 
ATOM   553 C C   . GLY C 1 28 ? -29.655 1.211   -17.051 1.00 9.05  ? 27  GLY C C   1 
ATOM   554 O O   . GLY C 1 28 ? -29.339 1.703   -18.135 1.00 8.93  ? 27  GLY C O   1 
ATOM   555 N N   . PRO C 1 29 ? -30.580 0.247   -16.924 1.00 9.55  ? 28  PRO C N   1 
ATOM   556 C CA  . PRO C 1 29 ? -31.478 -0.143  -18.016 1.00 9.52  ? 28  PRO C CA  1 
ATOM   557 C C   . PRO C 1 29 ? -32.290 1.048   -18.522 1.00 7.95  ? 28  PRO C C   1 
ATOM   558 O O   . PRO C 1 29 ? -32.344 2.076   -17.848 1.00 9.43  ? 28  PRO C O   1 
ATOM   559 C CB  . PRO C 1 29 ? -32.387 -1.208  -17.373 1.00 7.74  ? 28  PRO C CB  1 
ATOM   560 C CG  . PRO C 1 29 ? -32.070 -1.209  -15.915 1.00 17.71 ? 28  PRO C CG  1 
ATOM   561 C CD  . PRO C 1 29 ? -30.709 -0.634  -15.752 1.00 14.51 ? 28  PRO C CD  1 
HETATM 562 N N   . HYP C 1 30 ? -32.907 0.920   -19.690 1.00 23.26 ? 29  HYP C N   1 
HETATM 563 C CA  . HYP C 1 30 ? -33.676 2.024   -20.240 1.00 23.35 ? 29  HYP C CA  1 
HETATM 564 C C   . HYP C 1 30 ? -34.990 2.259   -19.489 1.00 19.54 ? 29  HYP C C   1 
HETATM 565 O O   . HYP C 1 30 ? -35.502 1.358   -18.827 1.00 16.68 ? 29  HYP C O   1 
HETATM 566 C CB  . HYP C 1 30 ? -33.908 1.710   -21.711 1.00 19.35 ? 29  HYP C CB  1 
HETATM 567 C CG  . HYP C 1 30 ? -33.072 0.482   -22.021 1.00 18.51 ? 29  HYP C CG  1 
HETATM 568 C CD  . HYP C 1 30 ? -32.658 -0.135  -20.692 1.00 20.37 ? 29  HYP C CD  1 
HETATM 569 O OD1 . HYP C 1 30 ? -31.911 0.878   -22.715 1.00 19.47 ? 29  HYP C OD1 1 
ATOM   570 N N   . GLY C 1 31 ? -35.518 3.475   -19.592 1.00 9.92  ? 30  GLY C N   1 
ATOM   571 C CA  . GLY C 1 31 ? -36.747 3.838   -18.909 1.00 14.06 ? 30  GLY C CA  1 
ATOM   572 C C   . GLY C 1 31 ? -38.000 3.333   -19.597 1.00 12.92 ? 30  GLY C C   1 
ATOM   573 O O   . GLY C 1 31 ? -37.921 2.651   -20.620 1.00 14.10 ? 30  GLY C O   1 
HETATM 574 O O   . HOH D 2 .  ? -21.963 3.193   -9.606  1.00 31.71 ? 101 HOH A O   1 
HETATM 575 O O   . HOH D 2 .  ? 31.528  1.464   12.423  1.00 28.07 ? 102 HOH A O   1 
HETATM 576 O O   . HOH D 2 .  ? 21.626  4.430   12.963  1.00 21.21 ? 103 HOH A O   1 
HETATM 577 O O   . HOH D 2 .  ? 2.101   -11.673 3.094   1.00 5.21  ? 104 HOH A O   1 
HETATM 578 O O   . HOH D 2 .  ? 18.000  -4.455  3.305   1.00 7.35  ? 105 HOH A O   1 
HETATM 579 O O   . HOH D 2 .  ? 23.206  1.150   7.032   1.00 11.93 ? 106 HOH A O   1 
HETATM 580 O O   . HOH D 2 .  ? 12.982  -10.111 6.257   1.00 14.67 ? 107 HOH A O   1 
HETATM 581 O O   . HOH D 2 .  ? 19.334  0.824   7.076   1.00 7.24  ? 108 HOH A O   1 
HETATM 582 O O   . HOH D 2 .  ? -13.747 -1.718  -1.317  1.00 17.99 ? 109 HOH A O   1 
HETATM 583 O O   . HOH D 2 .  ? 15.642  -6.553  5.212   1.00 4.69  ? 110 HOH A O   1 
HETATM 584 O O   . HOH D 2 .  ? -14.225 -5.634  -3.577  1.00 7.16  ? 111 HOH A O   1 
HETATM 585 O O   . HOH D 2 .  ? -4.403  -5.630  -1.344  1.00 11.32 ? 112 HOH A O   1 
HETATM 586 O O   . HOH D 2 .  ? -22.173 5.658   -3.354  1.00 5.46  ? 113 HOH A O   1 
HETATM 587 O O   . HOH D 2 .  ? 13.234  -7.063  6.543   1.00 16.27 ? 114 HOH A O   1 
HETATM 588 O O   . HOH D 2 .  ? 0.978   -10.100 0.202   1.00 20.68 ? 115 HOH A O   1 
HETATM 589 O O   . HOH D 2 .  ? -6.997  -5.295  -0.618  1.00 3.26  ? 116 HOH A O   1 
HETATM 590 O O   . HOH D 2 .  ? 27.184  1.128   20.639  1.00 27.70 ? 117 HOH A O   1 
HETATM 591 O O   . HOH D 2 .  ? 20.702  1.482   3.524   1.00 24.26 ? 118 HOH A O   1 
HETATM 592 O O   . HOH D 2 .  ? -2.260  -3.960  3.694   1.00 12.23 ? 119 HOH A O   1 
HETATM 593 O O   . HOH D 2 .  ? -19.851 3.971   -3.769  1.00 6.02  ? 120 HOH A O   1 
HETATM 594 O O   . HOH D 2 .  ? 8.623   -9.785  1.294   1.00 36.22 ? 121 HOH A O   1 
HETATM 595 O O   . HOH D 2 .  ? -17.028 1.255   -0.872  1.00 2.91  ? 122 HOH A O   1 
HETATM 596 O O   . HOH D 2 .  ? -27.401 7.569   -10.473 1.00 9.81  ? 123 HOH A O   1 
HETATM 597 O O   . HOH D 2 .  ? 31.571  3.863   15.060  1.00 25.97 ? 124 HOH A O   1 
HETATM 598 O O   . HOH D 2 .  ? 3.989   -4.590  5.770   1.00 5.32  ? 125 HOH A O   1 
HETATM 599 O O   . HOH D 2 .  ? -1.309  -6.748  1.336   1.00 29.60 ? 126 HOH A O   1 
HETATM 600 O O   . HOH D 2 .  ? 4.631   -3.527  -1.789  1.00 6.47  ? 127 HOH A O   1 
HETATM 601 O O   . HOH D 2 .  ? -12.158 -1.625  0.624   1.00 19.13 ? 128 HOH A O   1 
HETATM 602 O O   . HOH D 2 .  ? -29.080 9.602   -17.863 1.00 14.85 ? 129 HOH A O   1 
HETATM 603 O O   . HOH D 2 .  ? 5.391   -6.814  0.117   1.00 16.26 ? 130 HOH A O   1 
HETATM 604 O O   . HOH D 2 .  ? -17.966 3.752   -2.000  1.00 3.83  ? 131 HOH A O   1 
HETATM 605 O O   . HOH D 2 .  ? 5.327   -8.769  4.462   1.00 4.73  ? 132 HOH A O   1 
HETATM 606 O O   . HOH D 2 .  ? 36.001  3.384   19.392  1.00 6.01  ? 133 HOH A O   1 
HETATM 607 O O   . HOH D 2 .  ? 6.032   -6.299  5.119   1.00 10.91 ? 134 HOH A O   1 
HETATM 608 O O   . HOH D 2 .  ? 7.227   -10.827 5.543   1.00 13.15 ? 135 HOH A O   1 
HETATM 609 O O   . HOH D 2 .  ? -28.053 11.568  -12.625 1.00 11.45 ? 136 HOH A O   1 
HETATM 610 O O   . HOH D 2 .  ? -13.605 -7.235  -5.658  1.00 17.61 ? 137 HOH A O   1 
HETATM 611 O O   . HOH D 2 .  ? 3.753   -9.117  -0.568  1.00 33.75 ? 138 HOH A O   1 
HETATM 612 O O   . HOH D 2 .  ? -10.417 -5.919  -8.958  1.00 19.54 ? 139 HOH A O   1 
HETATM 613 O O   . HOH D 2 .  ? 21.587  2.784   7.075   1.00 17.15 ? 140 HOH A O   1 
HETATM 614 O O   . HOH D 2 .  ? 37.447  2.032   21.605  1.00 16.82 ? 141 HOH A O   1 
HETATM 615 O O   . HOH D 2 .  ? -7.959  -6.476  -6.640  1.00 38.67 ? 142 HOH A O   1 
HETATM 616 O O   . HOH D 2 .  ? -31.328 10.508  -16.331 1.00 12.28 ? 143 HOH A O   1 
HETATM 617 O O   . HOH E 2 .  ? 19.651  -3.174  18.316  1.00 40.24 ? 101 HOH B O   1 
HETATM 618 O O   . HOH E 2 .  ? 7.824   1.904   5.308   1.00 11.01 ? 102 HOH B O   1 
HETATM 619 O O   . HOH E 2 .  ? 38.653  -2.825  21.359  1.00 27.77 ? 103 HOH B O   1 
HETATM 620 O O   . HOH E 2 .  ? 0.183   4.549   -6.447  1.00 3.86  ? 104 HOH B O   1 
HETATM 621 O O   . HOH E 2 .  ? 32.881  -7.189  20.577  1.00 8.94  ? 105 HOH B O   1 
HETATM 622 O O   . HOH E 2 .  ? 30.601  -6.826  18.592  1.00 25.89 ? 106 HOH B O   1 
HETATM 623 O O   . HOH E 2 .  ? -36.146 5.697   -13.355 1.00 16.81 ? 107 HOH B O   1 
HETATM 624 O O   . HOH E 2 .  ? -9.429  -3.277  -9.355  1.00 9.13  ? 108 HOH B O   1 
HETATM 625 O O   . HOH E 2 .  ? 15.987  -4.114  16.285  1.00 21.02 ? 109 HOH B O   1 
HETATM 626 O O   . HOH E 2 .  ? 34.203  -3.578  22.016  1.00 25.78 ? 110 HOH B O   1 
HETATM 627 O O   . HOH E 2 .  ? -38.795 6.148   -17.144 1.00 19.50 ? 111 HOH B O   1 
HETATM 628 O O   . HOH E 2 .  ? 24.800  -2.762  19.646  1.00 13.55 ? 112 HOH B O   1 
HETATM 629 O O   . HOH E 2 .  ? -30.543 -0.704  -11.598 1.00 20.61 ? 113 HOH B O   1 
HETATM 630 O O   . HOH E 2 .  ? -27.157 3.451   -8.111  1.00 21.57 ? 114 HOH B O   1 
HETATM 631 O O   . HOH E 2 .  ? -21.969 -2.674  -10.614 1.00 12.40 ? 115 HOH B O   1 
HETATM 632 O O   . HOH E 2 .  ? 2.058   2.511   -5.430  1.00 5.57  ? 116 HOH B O   1 
HETATM 633 O O   . HOH E 2 .  ? 5.422   2.201   -2.230  1.00 37.56 ? 117 HOH B O   1 
HETATM 634 O O   . HOH E 2 .  ? -4.303  1.058   -8.083  1.00 15.37 ? 118 HOH B O   1 
HETATM 635 O O   . HOH E 2 .  ? -11.592 -1.699  -10.738 1.00 5.75  ? 119 HOH B O   1 
HETATM 636 O O   . HOH E 2 .  ? -6.653  -2.513  -9.662  1.00 12.06 ? 120 HOH B O   1 
HETATM 637 O O   . HOH E 2 .  ? -1.697  1.183   -7.169  1.00 33.79 ? 121 HOH B O   1 
HETATM 638 O O   . HOH E 2 .  ? 35.981  -8.290  13.947  1.00 11.11 ? 122 HOH B O   1 
HETATM 639 O O   . HOH E 2 .  ? 0.448   1.002   -6.607  1.00 20.91 ? 123 HOH B O   1 
HETATM 640 O O   . HOH E 2 .  ? 12.604  -1.299  1.243   1.00 20.57 ? 124 HOH B O   1 
HETATM 641 O O   . HOH E 2 .  ? 22.514  -3.999  17.837  1.00 16.40 ? 125 HOH B O   1 
HETATM 642 O O   . HOH E 2 .  ? 10.690  4.984   1.303   1.00 27.07 ? 126 HOH B O   1 
HETATM 643 O O   . HOH E 2 .  ? 6.856   -2.084  -1.973  1.00 16.19 ? 127 HOH B O   1 
HETATM 644 O O   . HOH E 2 .  ? -18.837 -2.784  -14.509 1.00 12.92 ? 128 HOH B O   1 
HETATM 645 O O   . HOH E 2 .  ? 8.113   -0.617  -3.957  1.00 23.78 ? 129 HOH B O   1 
HETATM 646 O O   . HOH E 2 .  ? -38.166 3.879   -13.989 1.00 26.87 ? 130 HOH B O   1 
HETATM 647 O O   . HOH E 2 .  ? 18.413  5.088   6.537   1.00 35.93 ? 131 HOH B O   1 
HETATM 648 O O   . HOH E 2 .  ? -27.531 1.770   -5.970  1.00 6.00  ? 132 HOH B O   1 
HETATM 649 O O   . HOH E 2 .  ? -33.776 -0.814  -9.742  1.00 13.58 ? 133 HOH B O   1 
HETATM 650 O O   . HOH E 2 .  ? -37.474 2.426   -12.279 1.00 33.55 ? 134 HOH B O   1 
HETATM 651 O O   . HOH E 2 .  ? 40.611  -1.484  22.554  1.00 11.47 ? 135 HOH B O   1 
HETATM 652 O O   . HOH E 2 .  ? 39.123  -10.235 21.650  1.00 25.55 ? 136 HOH B O   1 
HETATM 653 O O   . HOH E 2 .  ? -16.429 -6.353  -10.669 1.00 17.75 ? 137 HOH B O   1 
HETATM 654 O O   . HOH E 2 .  ? 44.831  -4.043  22.337  1.00 24.89 ? 138 HOH B O   1 
HETATM 655 O O   . HOH F 2 .  ? -17.974 2.476   -15.241 1.00 8.15  ? 101 HOH C O   1 
HETATM 656 O O   . HOH F 2 .  ? 4.197   6.916   8.483   1.00 32.24 ? 102 HOH C O   1 
HETATM 657 O O   . HOH F 2 .  ? -21.156 4.839   -19.230 1.00 29.08 ? 103 HOH C O   1 
HETATM 658 O O   . HOH F 2 .  ? 7.742   -2.943  13.503  1.00 14.67 ? 104 HOH C O   1 
HETATM 659 O O   . HOH F 2 .  ? -32.319 2.390   -24.653 1.00 23.71 ? 105 HOH C O   1 
HETATM 660 O O   . HOH F 2 .  ? 18.468  -7.664  5.703   1.00 15.80 ? 106 HOH C O   1 
HETATM 661 O O   . HOH F 2 .  ? -11.072 6.558   -8.860  1.00 2.99  ? 107 HOH C O   1 
HETATM 662 O O   . HOH F 2 .  ? -5.228  6.232   -0.953  1.00 20.90 ? 108 HOH C O   1 
HETATM 663 O O   . HOH F 2 .  ? 35.699  -4.753  11.526  1.00 12.21 ? 109 HOH C O   1 
HETATM 664 O O   . HOH F 2 .  ? 23.540  -7.245  9.903   1.00 19.56 ? 110 HOH C O   1 
HETATM 665 O O   . HOH F 2 .  ? -25.817 -0.869  -18.823 1.00 13.66 ? 111 HOH C O   1 
HETATM 666 O O   . HOH F 2 .  ? 7.576   -4.058  10.511  1.00 13.58 ? 112 HOH C O   1 
HETATM 667 O O   . HOH F 2 .  ? 1.397   3.479   -0.606  1.00 9.09  ? 113 HOH C O   1 
HETATM 668 O O   . HOH F 2 .  ? 11.611  1.792   12.059  1.00 15.49 ? 114 HOH C O   1 
HETATM 669 O O   . HOH F 2 .  ? -10.461 7.493   -6.298  1.00 5.94  ? 115 HOH C O   1 
HETATM 670 O O   . HOH F 2 .  ? -4.179  0.303   2.862   1.00 8.73  ? 116 HOH C O   1 
HETATM 671 O O   . HOH F 2 .  ? 7.219   0.000   9.188   1.00 25.88 ? 117 HOH C O   1 
HETATM 672 O O   . HOH F 2 .  ? -1.345  2.211   4.848   1.00 8.45  ? 118 HOH C O   1 
HETATM 673 O O   . HOH F 2 .  ? -12.822 1.806   2.208   1.00 12.02 ? 119 HOH C O   1 
HETATM 674 O O   . HOH F 2 .  ? -21.027 3.811   -16.420 1.00 11.05 ? 120 HOH C O   1 
HETATM 675 O O   . HOH F 2 .  ? -5.042  4.712   2.584   1.00 19.48 ? 121 HOH C O   1 
HETATM 676 O O   . HOH F 2 .  ? -13.667 6.810   -9.693  1.00 7.74  ? 122 HOH C O   1 
HETATM 677 O O   . HOH F 2 .  ? 16.339  -7.565  12.109  1.00 23.61 ? 123 HOH C O   1 
HETATM 678 O O   . HOH F 2 .  ? 4.967   -3.065  9.054   1.00 11.43 ? 124 HOH C O   1 
HETATM 679 O O   . HOH F 2 .  ? 13.537  -0.215  11.086  1.00 11.48 ? 125 HOH C O   1 
HETATM 680 O O   . HOH F 2 .  ? 21.909  -9.100  8.616   1.00 24.64 ? 126 HOH C O   1 
HETATM 681 O O   . HOH F 2 .  ? 37.588  -6.988  12.009  1.00 6.20  ? 127 HOH C O   1 
HETATM 682 O O   . HOH F 2 .  ? 13.912  -1.371  13.931  1.00 12.24 ? 128 HOH C O   1 
HETATM 683 O O   . HOH F 2 .  ? 34.471  1.974   11.472  1.00 25.27 ? 129 HOH C O   1 
HETATM 684 O O   . HOH F 2 .  ? -8.810  5.933   -1.604  1.00 31.88 ? 130 HOH C O   1 
HETATM 685 O O   . HOH F 2 .  ? 38.914  0.727   14.669  1.00 23.89 ? 131 HOH C O   1 
HETATM 686 O O   . HOH F 2 .  ? -28.897 0.379   -20.817 1.00 31.81 ? 132 HOH C O   1 
HETATM 687 O O   . HOH F 2 .  ? 14.906  -4.026  13.946  1.00 15.57 ? 133 HOH C O   1 
HETATM 688 O O   . HOH F 2 .  ? 6.269   7.892   7.169   1.00 28.94 ? 134 HOH C O   1 
HETATM 689 O O   . HOH F 2 .  ? -16.297 9.837   -10.995 1.00 12.69 ? 135 HOH C O   1 
HETATM 690 O O   . HOH F 2 .  ? 17.655  -10.165 6.202   1.00 3.80  ? 136 HOH C O   1 
HETATM 691 O O   . HOH F 2 .  ? -6.198  2.150   3.828   1.00 18.29 ? 137 HOH C O   1 
HETATM 692 O O   . HOH F 2 .  ? 4.615   0.711   9.975   1.00 31.13 ? 138 HOH C O   1 
HETATM 693 O O   . HOH F 2 .  ? -15.713 3.712   -16.130 1.00 29.33 ? 139 HOH C O   1 
HETATM 694 O O   . HOH F 2 .  ? 2.672   5.080   1.409   1.00 16.14 ? 140 HOH C O   1 
HETATM 695 O O   . HOH F 2 .  ? 20.985  -11.735 8.927   1.00 7.71  ? 141 HOH C O   1 
HETATM 696 O O   . HOH F 2 .  ? -19.897 -2.134  -17.026 1.00 16.91 ? 142 HOH C O   1 
HETATM 697 O O   . HOH F 2 .  ? 15.415  -9.725  7.964   1.00 10.53 ? 143 HOH C O   1 
HETATM 698 O O   . HOH F 2 .  ? -27.585 2.269   -22.794 1.00 31.87 ? 144 HOH C O   1 
HETATM 699 O O   . HOH F 2 .  ? 7.142   -4.249  17.629  1.00 32.56 ? 145 HOH C O   1 
HETATM 700 O O   . HOH F 2 .  ? 19.357  -12.258 6.938   1.00 6.10  ? 146 HOH C O   1 
# 
loop_
_atom_site_anisotrop.id 
_atom_site_anisotrop.type_symbol 
_atom_site_anisotrop.pdbx_label_atom_id 
_atom_site_anisotrop.pdbx_label_alt_id 
_atom_site_anisotrop.pdbx_label_comp_id 
_atom_site_anisotrop.pdbx_label_asym_id 
_atom_site_anisotrop.pdbx_label_seq_id 
_atom_site_anisotrop.pdbx_PDB_ins_code 
_atom_site_anisotrop.U[1][1] 
_atom_site_anisotrop.U[2][2] 
_atom_site_anisotrop.U[3][3] 
_atom_site_anisotrop.U[1][2] 
_atom_site_anisotrop.U[1][3] 
_atom_site_anisotrop.U[2][3] 
_atom_site_anisotrop.pdbx_auth_seq_id 
_atom_site_anisotrop.pdbx_auth_comp_id 
_atom_site_anisotrop.pdbx_auth_asym_id 
_atom_site_anisotrop.pdbx_auth_atom_id 
1   C C   . ACE A 1  ? 0.1484 0.2212 0.2178 -0.0082 0.0180  0.0471  0  ACE A C   
2   O O   . ACE A 1  ? 0.0528 0.1257 0.1189 -0.0088 0.0157  0.0467  0  ACE A O   
3   N N   . PRO A 2  ? 0.0875 0.1592 0.1565 -0.0078 0.0201  0.0465  1  PRO A N   
4   C CA  . PRO A 2  ? 0.0548 0.1251 0.1197 -0.0083 0.0194  0.0453  1  PRO A CA  
5   C C   . PRO A 2  ? 0.1242 0.1928 0.1846 -0.0078 0.0190  0.0445  1  PRO A C   
6   O O   . PRO A 2  ? 0.0951 0.1632 0.1557 -0.0069 0.0203  0.0448  1  PRO A O   
7   C CB  . PRO A 2  ? 0.0570 0.1270 0.1236 -0.0082 0.0217  0.0454  1  PRO A CB  
8   C CG  . PRO A 2  ? 0.1026 0.1732 0.1721 -0.0074 0.0242  0.0460  1  PRO A CG  
9   C CD  . PRO A 2  ? 0.0594 0.1315 0.1317 -0.0073 0.0230  0.0468  1  PRO A CD  
10  N N   . HYP A 3  ? 0.0577 0.1255 0.1142 -0.0083 0.0174  0.0432  2  HYP A N   
11  C CA  . HYP A 3  ? 0.0742 0.1405 0.1263 -0.0080 0.0168  0.0424  2  HYP A CA  
12  C C   . HYP A 3  ? 0.0916 0.1557 0.1427 -0.0071 0.0193  0.0420  2  HYP A C   
13  O O   . HYP A 3  ? 0.2593 0.3232 0.3119 -0.0073 0.0211  0.0421  2  HYP A O   
14  C CB  . HYP A 3  ? 0.1147 0.1809 0.1633 -0.0090 0.0147  0.0409  2  HYP A CB  
15  C CG  . HYP A 3  ? 0.0623 0.1303 0.1136 -0.0100 0.0138  0.0411  2  HYP A CG  
16  C CD  . HYP A 3  ? 0.0636 0.1322 0.1200 -0.0095 0.0159  0.0426  2  HYP A CD  
17  O OD1 . HYP A 3  ? 0.0960 0.1658 0.1466 -0.0109 0.0116  0.0413  2  HYP A OD1 
18  N N   . GLY A 4  ? 0.0686 0.1316 0.1171 -0.0064 0.0195  0.0417  3  GLY A N   
19  C CA  . GLY A 4  ? 0.1022 0.1632 0.1494 -0.0058 0.0219  0.0412  3  GLY A CA  
20  C C   . GLY A 4  ? 0.0958 0.1553 0.1400 -0.0063 0.0218  0.0401  3  GLY A C   
21  O O   . GLY A 4  ? 0.0523 0.1121 0.0953 -0.0070 0.0198  0.0395  3  GLY A O   
22  N N   . PRO A 5  ? 0.1158 0.1736 0.1588 -0.0059 0.0241  0.0398  4  PRO A N   
23  C CA  . PRO A 5  ? 0.1715 0.2274 0.2115 -0.0064 0.0241  0.0388  4  PRO A CA  
24  C C   . PRO A 5  ? 0.1676 0.2223 0.2035 -0.0063 0.0221  0.0374  4  PRO A C   
25  O O   . PRO A 5  ? 0.0531 0.1080 0.0882 -0.0057 0.0213  0.0374  4  PRO A O   
26  C CB  . PRO A 5  ? 0.1362 0.1910 0.1757 -0.0061 0.0271  0.0390  4  PRO A CB  
27  C CG  . PRO A 5  ? 0.2001 0.2566 0.2430 -0.0056 0.0289  0.0400  4  PRO A CG  
28  C CD  . PRO A 5  ? 0.0911 0.1488 0.1352 -0.0051 0.0268  0.0403  4  PRO A CD  
29  N N   . HYP A 6  ? 0.1150 0.1686 0.1487 -0.0070 0.0212  0.0364  5  HYP A N   
30  C CA  . HYP A 6  ? 0.0943 0.1467 0.1242 -0.0070 0.0194  0.0349  5  HYP A CA  
31  C C   . HYP A 6  ? 0.0524 0.1027 0.0796 -0.0061 0.0207  0.0345  5  HYP A C   
32  O O   . HYP A 6  ? 0.0932 0.1423 0.1206 -0.0058 0.0232  0.0350  5  HYP A O   
33  C CB  . HYP A 6  ? 0.1387 0.1903 0.1673 -0.0079 0.0186  0.0339  5  HYP A CB  
34  C CG  . HYP A 6  ? 0.0831 0.1358 0.1154 -0.0085 0.0193  0.0351  5  HYP A CG  
35  C CD  . HYP A 6  ? 0.1629 0.2165 0.1980 -0.0078 0.0214  0.0366  5  HYP A CD  
36  O OD1 . HYP A 6  ? 0.1148 0.1695 0.1484 -0.0092 0.0173  0.0349  5  HYP A OD1 
37  N N   . GLY A 7  ? 0.0890 0.1392 0.1138 -0.0059 0.0190  0.0335  6  GLY A N   
38  C CA  . GLY A 7  ? 0.0513 0.0995 0.0737 -0.0051 0.0199  0.0331  6  GLY A CA  
39  C C   . GLY A 7  ? 0.0533 0.0988 0.0732 -0.0051 0.0215  0.0322  6  GLY A C   
40  O O   . GLY A 7  ? 0.0563 0.1013 0.0762 -0.0058 0.0215  0.0320  6  GLY A O   
41  N N   . PRO A 8  ? 0.1065 0.1499 0.1243 -0.0043 0.0230  0.0320  7  PRO A N   
42  C CA  . PRO A 8  ? 0.1163 0.1570 0.1314 -0.0044 0.0244  0.0312  7  PRO A CA  
43  C C   . PRO A 8  ? 0.1285 0.1679 0.1406 -0.0050 0.0224  0.0296  7  PRO A C   
44  O O   . PRO A 8  ? 0.0793 0.1201 0.0914 -0.0051 0.0200  0.0290  7  PRO A O   
45  C CB  . PRO A 8  ? 0.1388 0.1781 0.1526 -0.0033 0.0261  0.0312  7  PRO A CB  
46  C CG  . PRO A 8  ? 0.2395 0.2804 0.2546 -0.0028 0.0246  0.0316  7  PRO A CG  
47  C CD  . PRO A 8  ? 0.1874 0.2311 0.2056 -0.0033 0.0231  0.0324  7  PRO A CD  
48  N N   . HYP A 9  ? 0.0716 0.1086 0.0814 -0.0054 0.0233  0.0289  8  HYP A N   
49  C CA  . HYP A 9  ? 0.0624 0.0979 0.0696 -0.0059 0.0216  0.0273  8  HYP A CA  
50  C C   . HYP A 9  ? 0.0534 0.0879 0.0583 -0.0054 0.0207  0.0262  8  HYP A C   
51  O O   . HYP A 9  ? 0.1431 0.1767 0.1474 -0.0045 0.0220  0.0266  8  HYP A O   
52  C CB  . HYP A 9  ? 0.0672 0.1002 0.0725 -0.0066 0.0230  0.0271  8  HYP A CB  
53  C CG  . HYP A 9  ? 0.1489 0.1829 0.1566 -0.0068 0.0252  0.0289  8  HYP A CG  
54  C CD  . HYP A 9  ? 0.2373 0.2736 0.2477 -0.0059 0.0256  0.0299  8  HYP A CD  
55  O OD1 . HYP A 9  ? 0.3104 0.3456 0.3201 -0.0078 0.0244  0.0294  8  HYP A OD1 
56  N N   . GLY A 10 ? 0.0928 0.1275 0.0962 -0.0059 0.0184  0.0247  9  GLY A N   
57  C CA  . GLY A 10 ? 0.0868 0.1206 0.0880 -0.0057 0.0173  0.0235  9  GLY A CA  
58  C C   . GLY A 10 ? 0.1292 0.1589 0.1271 -0.0053 0.0191  0.0229  9  GLY A C   
59  O O   . GLY A 10 ? 0.0629 0.0910 0.0604 -0.0056 0.0207  0.0232  9  GLY A O   
60  N N   . ARG A 11 ? 0.0591 0.0875 0.0550 -0.0050 0.0185  0.0219  10 ARG A N   
61  C CA  . ARG A 11 ? 0.0544 0.0790 0.0471 -0.0049 0.0200  0.0212  10 ARG A CA  
62  C C   . ARG A 11 ? 0.1591 0.1820 0.1501 -0.0057 0.0192  0.0198  10 ARG A C   
63  O O   . ARG A 11 ? 0.1173 0.1422 0.1095 -0.0063 0.0172  0.0192  10 ARG A O   
64  C CB  . ARG A 11 ? 0.0543 0.0779 0.0454 -0.0042 0.0196  0.0207  10 ARG A CB  
65  C CG  . ARG A 11 ? 0.1006 0.1253 0.0915 -0.0048 0.0170  0.0194  10 ARG A CG  
66  C CD  . ARG A 11 ? 0.2008 0.2240 0.1898 -0.0044 0.0170  0.0189  10 ARG A CD  
67  N NE  . ARG A 11 ? 0.1844 0.2095 0.1750 -0.0038 0.0170  0.0202  10 ARG A NE  
68  C CZ  . ARG A 11 ? 0.2029 0.2264 0.1923 -0.0030 0.0178  0.0204  10 ARG A CZ  
69  N NH1 . ARG A 11 ? 0.0547 0.0748 0.0412 -0.0029 0.0187  0.0194  10 ARG A NH1 
70  N NH2 . ARG A 11 ? 0.2173 0.2428 0.2085 -0.0025 0.0177  0.0217  10 ARG A NH2 
71  N N   . ALA A 12 ? 0.1167 0.1361 0.1049 -0.0059 0.0206  0.0195  11 ALA A N   
72  C CA  . ALA A 12 ? 0.1285 0.1458 0.1148 -0.0067 0.0201  0.0184  11 ALA A CA  
73  C C   . ALA A 12 ? 0.1314 0.1484 0.1169 -0.0066 0.0182  0.0167  11 ALA A C   
74  O O   . ALA A 12 ? 0.0525 0.0697 0.0376 -0.0061 0.0176  0.0164  11 ALA A O   
75  C CB  . ALA A 12 ? 0.1338 0.1477 0.1170 -0.0070 0.0219  0.0185  11 ALA A CB  
76  N N   . GLY A 13 ? 0.0514 0.0682 0.0367 -0.0071 0.0170  0.0158  12 GLY A N   
77  C CA  . GLY A 13 ? 0.1253 0.1432 0.1106 -0.0073 0.0146  0.0143  12 GLY A CA  
78  C C   . GLY A 13 ? 0.1351 0.1489 0.1172 -0.0068 0.0154  0.0134  12 GLY A C   
79  O O   . GLY A 13 ? 0.0786 0.0881 0.0578 -0.0067 0.0176  0.0137  12 GLY A O   
80  N N   . GLU A 14 ? 0.1244 0.1071 0.1253 0.0003  0.0011  0.0253  13 GLU A N   
81  C CA  . GLU A 14 ? 0.0894 0.0724 0.0903 0.0008  0.0035  0.0244  13 GLU A CA  
82  C C   . GLU A 14 ? 0.0504 0.0351 0.0543 0.0019  0.0038  0.0237  13 GLU A C   
83  O O   . GLU A 14 ? 0.0523 0.0353 0.0571 0.0019  0.0017  0.0230  13 GLU A O   
84  C CB  . GLU A 14 ? 0.1044 0.0875 0.1028 -0.0007 0.0050  0.0245  13 GLU A CB  
85  C CG  . GLU A 14 ? 0.0812 0.0625 0.0777 -0.0020 0.0045  0.0267  13 GLU A CG  
86  C CD  . GLU A 14 ? 0.1057 0.0829 0.1042 -0.0023 0.0035  0.0265  13 GLU A CD  
87  O OE1 . GLU A 14 ? 0.0595 0.0364 0.0612 -0.0016 0.0038  0.0254  13 GLU A OE1 
88  O OE2 . GLU A 14 ? 0.1017 0.0750 0.0993 -0.0025 0.0019  0.0278  13 GLU A OE2 
89  N N   . PRO A 15 ? 0.0484 0.0358 0.0535 0.0033  0.0050  0.0230  14 PRO A N   
90  C CA  . PRO A 15 ? 0.1615 0.1518 0.1686 0.0047  0.0052  0.0222  14 PRO A CA  
91  C C   . PRO A 15 ? 0.0485 0.0383 0.0542 0.0044  0.0057  0.0188  14 PRO A C   
92  O O   . PRO A 15 ? 0.0648 0.0554 0.0683 0.0028  0.0068  0.0178  14 PRO A O   
93  C CB  . PRO A 15 ? 0.1074 0.1022 0.1148 0.0071  0.0059  0.0206  14 PRO A CB  
94  C CG  . PRO A 15 ? 0.1371 0.1275 0.1431 0.0059  0.0053  0.0189  14 PRO A CG  
95  C CD  . PRO A 15 ? 0.0495 0.0367 0.0542 0.0046  0.0050  0.0219  14 PRO A CD  
96  N N   . GLY A 16 ? 0.0492 0.0397 0.0565 0.0065  0.0048  0.0180  15 GLY A N   
97  C CA  . GLY A 16 ? 0.0924 0.0844 0.0979 0.0086  0.0046  0.0139  15 GLY A CA  
98  C C   . GLY A 16 ? 0.0836 0.0838 0.0895 0.0085  0.0074  0.0123  15 GLY A C   
99  O O   . GLY A 16 ? 0.0511 0.0534 0.0591 0.0071  0.0082  0.0131  15 GLY A O   
100 N N   . LEU A 17 ? 0.1211 0.1273 0.1252 0.0108  0.0081  0.0093  16 LEU A N   
101 C CA  . LEU A 17 ? 0.0735 0.0911 0.0797 0.0102  0.0105  0.0089  16 LEU A CA  
102 C C   . LEU A 17 ? 0.1113 0.1307 0.1204 0.0128  0.0099  0.0075  16 LEU A C   
103 O O   . LEU A 17 ? 0.0528 0.0664 0.0616 0.0166  0.0076  0.0071  16 LEU A O   
104 C CB  . LEU A 17 ? 0.0551 0.0836 0.0584 0.0141  0.0116  0.0065  16 LEU A CB  
105 C CG  . LEU A 17 ? 0.1621 0.2079 0.1685 0.0143  0.0142  0.0070  16 LEU A CG  
106 C CD1 . LEU A 17 ? 0.1374 0.1931 0.1471 0.0072  0.0167  0.0134  16 LEU A CD1 
107 C CD2 . LEU A 17 ? 0.1906 0.2467 0.1930 0.0236  0.0140  0.0017  16 LEU A CD2 
108 N N   . GLN A 18 ? 0.1715 0.1993 0.1843 0.0103  0.0109  0.0077  17 GLN A N   
109 C CA  . GLN A 18 ? 0.0906 0.1232 0.1056 0.0135  0.0102  0.0060  17 GLN A CA  
110 C C   . GLN A 18 ? 0.0483 0.0867 0.0622 0.0198  0.0102  0.0036  17 GLN A C   
111 O O   . GLN A 18 ? 0.1332 0.1792 0.1456 0.0214  0.0115  0.0021  17 GLN A O   
112 C CB  . GLN A 18 ? 0.0442 0.0853 0.0643 0.0092  0.0099  0.0055  17 GLN A CB  
113 C CG  . GLN A 18 ? 0.0435 0.0940 0.0661 0.0129  0.0090  0.0032  17 GLN A CG  
114 C CD  . GLN A 18 ? 0.1740 0.2329 0.2034 0.0078  0.0070  0.0020  17 GLN A CD  
115 O OE1 . GLN A 18 ? 0.1496 0.2126 0.1837 0.0013  0.0069  0.0046  17 GLN A OE1 
116 N NE2 . GLN A 18 ? 0.0759 0.1381 0.1063 0.0108  0.0044  -0.0014 17 GLN A NE2 
117 N N   . GLY A 19 ? 0.0831 0.1194 0.0880 0.0542  -0.0127 -0.0140 18 GLY A N   
118 C CA  . GLY A 19 ? 0.0973 0.1349 0.0956 0.0521  -0.0128 -0.0155 18 GLY A CA  
119 C C   . GLY A 19 ? 0.1990 0.2345 0.1909 0.0518  -0.0125 -0.0148 18 GLY A C   
120 O O   . GLY A 19 ? 0.1257 0.1582 0.1180 0.0529  -0.0121 -0.0135 18 GLY A O   
121 N N   . PRO A 20 ? 0.1372 0.1740 0.1238 0.0503  -0.0125 -0.0158 19 PRO A N   
122 C CA  . PRO A 20 ? 0.1116 0.1466 0.0926 0.0499  -0.0120 -0.0153 19 PRO A CA  
123 C C   . PRO A 20 ? 0.0981 0.1307 0.0786 0.0482  -0.0109 -0.0154 19 PRO A C   
124 O O   . PRO A 20 ? 0.1596 0.1918 0.1433 0.0471  -0.0102 -0.0161 19 PRO A O   
125 C CB  . PRO A 20 ? 0.1034 0.1413 0.0807 0.0489  -0.0121 -0.0164 19 PRO A CB  
126 C CG  . PRO A 20 ? 0.0751 0.1148 0.0553 0.0475  -0.0121 -0.0178 19 PRO A CG  
127 C CD  . PRO A 20 ? 0.0727 0.1125 0.0585 0.0490  -0.0127 -0.0175 19 PRO A CD  
128 N N   . ALA A 21 ? 0.1035 0.1346 0.0801 0.0482  -0.0107 -0.0148 20 ALA A N   
129 C CA  . ALA A 21 ? 0.0724 0.1022 0.0487 0.0467  -0.0100 -0.0149 20 ALA A CA  
130 C C   . ALA A 21 ? 0.1058 0.1372 0.0819 0.0443  -0.0100 -0.0153 20 ALA A C   
131 O O   . ALA A 21 ? 0.0635 0.0968 0.0382 0.0436  -0.0104 -0.0154 20 ALA A O   
132 C CB  . ALA A 21 ? 0.0723 0.1008 0.0449 0.0474  -0.0100 -0.0142 20 ALA A CB  
133 N N   . GLY A 22 ? 0.1509 0.1817 0.1284 0.0434  -0.0095 -0.0156 21 GLY A N   
134 C CA  . GLY A 22 ? 0.0712 0.1041 0.0485 0.0422  -0.0097 -0.0157 21 GLY A CA  
135 C C   . GLY A 22 ? 0.0594 0.0929 0.0353 0.0408  -0.0097 -0.0144 21 GLY A C   
136 O O   . GLY A 22 ? 0.1045 0.1366 0.0798 0.0403  -0.0094 -0.0136 21 GLY A O   
137 N N   . PRO A 23 ? 0.1086 0.1433 0.0857 0.0396  -0.0094 -0.0140 22 PRO A N   
138 C CA  . PRO A 23 ? 0.0553 0.0900 0.0331 0.0379  -0.0086 -0.0127 22 PRO A CA  
139 C C   . PRO A 23 ? 0.1013 0.1353 0.0789 0.0376  -0.0084 -0.0122 22 PRO A C   
140 O O   . PRO A 23 ? 0.0563 0.0903 0.0335 0.0386  -0.0088 -0.0129 22 PRO A O   
141 C CB  . PRO A 23 ? 0.0547 0.0909 0.0330 0.0378  -0.0083 -0.0127 22 PRO A CB  
142 C CG  . PRO A 23 ? 0.1534 0.1907 0.1318 0.0392  -0.0089 -0.0140 22 PRO A CG  
143 C CD  . PRO A 23 ? 0.0580 0.0944 0.0355 0.0404  -0.0097 -0.0150 22 PRO A CD  
144 N N   . HYP A 24 ? 0.0631 0.1753 0.1396 -0.0215 -0.0060 -0.0297 23 HYP A N   
145 C CA  . HYP A 24 ? 0.1777 0.5372 0.1840 -0.0939 0.0316  -0.1092 23 HYP A CA  
146 C C   . HYP A 24 ? 0.1067 0.2156 0.2824 -0.0246 0.0308  -0.1439 23 HYP A C   
147 O O   . HYP A 24 ? 0.1323 0.3060 0.2227 -0.0721 0.0126  -0.0285 23 HYP A O   
148 C CB  . HYP A 24 ? 0.1874 0.3373 0.2454 0.0454  0.0528  -0.0791 23 HYP A CB  
149 C CG  . HYP A 24 ? 0.1876 0.4484 0.3697 -0.0633 0.0385  -0.2305 23 HYP A CG  
150 C CD  . HYP A 24 ? 0.1506 0.3031 0.2269 0.0108  0.0413  -0.0431 23 HYP A CD  
151 O OD1 . HYP A 24 ? 0.1626 0.6049 0.2179 -0.0061 0.0018  -0.1339 23 HYP A OD1 
152 N N   . GLY A 25 ? 0.0907 0.0806 0.1281 -0.0106 -0.0367 0.0052  24 GLY A N   
153 C CA  . GLY A 25 ? 0.0719 0.0558 0.1045 -0.0100 -0.0333 0.0058  24 GLY A CA  
154 C C   . GLY A 25 ? 0.1112 0.0901 0.1366 -0.0094 -0.0349 0.0041  24 GLY A C   
155 O O   . GLY A 25 ? 0.1452 0.1256 0.1692 -0.0091 -0.0385 0.0021  24 GLY A O   
156 N N   . PRO A 26 ? 0.0821 0.0543 0.1026 -0.0088 -0.0320 0.0053  25 PRO A N   
157 C CA  . PRO A 26 ? 0.1201 0.0861 0.1325 -0.0076 -0.0339 0.0040  25 PRO A CA  
158 C C   . PRO A 26 ? 0.0932 0.0587 0.1003 -0.0056 -0.0370 0.0014  25 PRO A C   
159 O O   . PRO A 26 ? 0.0864 0.0528 0.0932 -0.0051 -0.0360 0.0011  25 PRO A O   
160 C CB  . PRO A 26 ? 0.1195 0.0777 0.1261 -0.0068 -0.0292 0.0066  25 PRO A CB  
161 C CG  . PRO A 26 ? 0.1395 0.1000 0.1495 -0.0068 -0.0246 0.0082  25 PRO A CG  
162 C CD  . PRO A 26 ? 0.0863 0.0560 0.1074 -0.0085 -0.0264 0.0079  25 PRO A CD  
163 N N   . HYP A 27 ? 0.2043 0.1687 0.2085 -0.0047 -0.0409 -0.0007 26 HYP A N   
164 C CA  . HYP A 27 ? 0.1365 0.1011 0.1380 -0.0029 -0.0441 -0.0033 26 HYP A CA  
165 C C   . HYP A 27 ? 0.1910 0.1475 0.1834 -0.0008 -0.0436 -0.0033 26 HYP A C   
166 O O   . HYP A 27 ? 0.1051 0.0545 0.0909 0.0000  -0.0411 -0.0014 26 HYP A O   
167 C CB  . HYP A 27 ? 0.1970 0.1621 0.1983 -0.0017 -0.0480 -0.0055 26 HYP A CB  
168 C CG  . HYP A 27 ? 0.1689 0.1345 0.1730 -0.0032 -0.0472 -0.0043 26 HYP A CG  
169 C CD  . HYP A 27 ? 0.1204 0.0836 0.1254 -0.0050 -0.0428 -0.0011 26 HYP A CD  
170 O OD1 . HYP A 27 ? 0.0811 0.0545 0.0916 -0.0042 -0.0479 -0.0053 26 HYP A OD1 
171 N N   . GLY A 28 ? 0.1010 0.0583 0.0929 0.0001  -0.0458 -0.0055 27 GLY A N   
172 C CA  . GLY A 28 ? 0.1073 0.0564 0.0896 0.0024  -0.0463 -0.0064 27 GLY A CA  
173 C C   . GLY A 28 ? 0.2057 0.1464 0.1776 0.0054  -0.0495 -0.0071 27 GLY A C   
174 O O   . GLY A 28 ? 0.1167 0.0583 0.0899 0.0056  -0.0516 -0.0072 27 GLY A O   
175 N N   . PRO A 29 ? 0.1386 0.0701 0.0987 0.0082  -0.0499 -0.0077 28 PRO A N   
176 C CA  . PRO A 29 ? 0.1512 0.0730 0.0986 0.0121  -0.0540 -0.0088 28 PRO A CA  
177 C C   . PRO A 29 ? 0.2910 0.2164 0.2428 0.0133  -0.0623 -0.0130 28 PRO A C   
178 O O   . PRO A 29 ? 0.1692 0.1044 0.1339 0.0110  -0.0628 -0.0147 28 PRO A O   
179 C CB  . PRO A 29 ? 0.2954 0.2077 0.2297 0.0148  -0.0521 -0.0090 28 PRO A CB  
180 C CG  . PRO A 29 ? 0.2785 0.1947 0.2185 0.0123  -0.0445 -0.0064 28 PRO A CG  
181 C CD  . PRO A 29 ? 0.1330 0.0618 0.0899 0.0083  -0.0456 -0.0071 28 PRO A CD  
182 N N   . HYP A 30 ? 0.1337 0.0778 0.1192 0.0206  -0.0007 -0.0507 29 HYP A N   
183 C CA  . HYP A 30 ? 0.1598 0.0685 0.1873 0.0149  -0.0745 0.0027  29 HYP A CA  
184 C C   . HYP A 30 ? 0.1634 0.2135 0.1083 -0.0855 -0.0433 0.0088  29 HYP A C   
185 O O   . HYP A 30 ? 0.0754 0.0684 0.1598 0.0158  0.0136  -0.0357 29 HYP A O   
186 C CB  . HYP A 30 ? 0.1648 0.2202 0.1834 -0.0493 -0.0627 -0.0652 29 HYP A CB  
187 C CG  . HYP A 30 ? 0.1342 0.2558 0.1411 -0.0500 0.0073  -0.0938 29 HYP A CG  
188 C CD  . HYP A 30 ? 0.1359 0.0883 0.0692 0.0316  -0.0363 -0.0314 29 HYP A CD  
189 O OD1 . HYP A 30 ? 0.1071 0.0693 0.1401 -0.0115 -0.0138 0.0027  29 HYP A OD1 
190 N N   . PRO B 2  ? 0.1648 0.2294 0.2560 -0.0119 0.0171  0.0630  1  PRO B N   
191 C CA  . PRO B 2  ? 0.1374 0.1981 0.2259 -0.0094 0.0182  0.0618  1  PRO B CA  
192 C C   . PRO B 2  ? 0.2091 0.2663 0.2930 -0.0097 0.0199  0.0594  1  PRO B C   
193 O O   . PRO B 2  ? 0.2014 0.2578 0.2841 -0.0123 0.0192  0.0593  1  PRO B O   
194 C CB  . PRO B 2  ? 0.0654 0.1243 0.1513 -0.0104 0.0159  0.0617  1  PRO B CB  
195 C CG  . PRO B 2  ? 0.1586 0.2223 0.2469 -0.0123 0.0140  0.0637  1  PRO B CG  
196 C CD  . PRO B 2  ? 0.2028 0.2679 0.2937 -0.0138 0.0145  0.0633  1  PRO B CD  
197 N N   . HYP B 3  ? 0.1502 0.2058 0.2335 -0.0071 0.0215  0.0587  2  HYP B N   
198 C CA  . HYP B 3  ? 0.1754 0.2281 0.2541 -0.0072 0.0229  0.0570  2  HYP B CA  
199 C C   . HYP B 3  ? 0.1199 0.1672 0.1943 -0.0091 0.0212  0.0548  2  HYP B C   
200 O O   . HYP B 3  ? 0.0640 0.1109 0.1379 -0.0095 0.0198  0.0542  2  HYP B O   
201 C CB  . HYP B 3  ? 0.1549 0.2082 0.2358 -0.0037 0.0249  0.0571  2  HYP B CB  
202 C CG  . HYP B 3  ? 0.1925 0.2505 0.2827 -0.0014 0.0249  0.0598  2  HYP B CG  
203 C CD  . HYP B 3  ? 0.1463 0.2052 0.2368 -0.0038 0.0225  0.0610  2  HYP B CD  
204 O OD1 . HYP B 3  ? 0.2082 0.2769 0.3037 0.0016  0.0282  0.0600  2  HYP B OD1 
205 N N   . GLY B 4  ? 0.1004 0.1455 0.1729 -0.0105 0.0212  0.0548  3  GLY B N   
206 C CA  . GLY B 4  ? 0.1055 0.1472 0.1776 -0.0119 0.0196  0.0538  3  GLY B CA  
207 C C   . GLY B 4  ? 0.1705 0.2108 0.2394 -0.0099 0.0206  0.0512  3  GLY B C   
208 O O   . GLY B 4  ? 0.0632 0.1029 0.1307 -0.0078 0.0218  0.0507  3  GLY B O   
209 N N   . PRO B 5  ? 0.0634 0.1047 0.1335 -0.0107 0.0199  0.0506  4  PRO B N   
210 C CA  . PRO B 5  ? 0.0613 0.1042 0.1288 -0.0096 0.0209  0.0486  4  PRO B CA  
211 C C   . PRO B 5  ? 0.0616 0.0994 0.1275 -0.0080 0.0221  0.0480  4  PRO B C   
212 O O   . PRO B 5  ? 0.1005 0.1348 0.1668 -0.0083 0.0220  0.0496  4  PRO B O   
213 C CB  . PRO B 5  ? 0.0674 0.1191 0.1401 -0.0106 0.0204  0.0483  4  PRO B CB  
214 C CG  . PRO B 5  ? 0.1928 0.2424 0.2738 -0.0126 0.0182  0.0507  4  PRO B CG  
215 C CD  . PRO B 5  ? 0.0648 0.1081 0.1421 -0.0132 0.0176  0.0524  4  PRO B CD  
216 N N   . HYP B 6  ? 0.1394 0.1779 0.2033 -0.0069 0.0229  0.0466  5  HYP B N   
217 C CA  . HYP B 6  ? 0.2057 0.2402 0.2688 -0.0053 0.0241  0.0462  5  HYP B CA  
218 C C   . HYP B 6  ? 0.1380 0.1723 0.2042 -0.0056 0.0241  0.0470  5  HYP B C   
219 O O   . HYP B 6  ? 0.1217 0.1622 0.1935 -0.0065 0.0235  0.0468  5  HYP B O   
220 C CB  . HYP B 6  ? 0.0631 0.0994 0.1258 -0.0048 0.0241  0.0454  5  HYP B CB  
221 C CG  . HYP B 6  ? 0.1147 0.1550 0.1781 -0.0066 0.0224  0.0466  5  HYP B CG  
222 C CD  . HYP B 6  ? 0.0676 0.1107 0.1308 -0.0078 0.0220  0.0467  5  HYP B CD  
223 O OD1 . HYP B 6  ? 0.0899 0.1271 0.1565 -0.0056 0.0218  0.0486  5  HYP B OD1 
224 N N   . GLY B 7  ? 0.1481 0.1772 0.2132 -0.0048 0.0246  0.0483  6  GLY B N   
225 C CA  . GLY B 7  ? 0.0751 0.1008 0.1451 -0.0054 0.0235  0.0507  6  GLY B CA  
226 C C   . GLY B 7  ? 0.0649 0.0947 0.1336 -0.0018 0.0219  0.0433  6  GLY B C   
227 O O   . GLY B 7  ? 0.0614 0.1000 0.1309 -0.0020 0.0254  0.0429  6  GLY B O   
228 N N   . PRO B 8  ? 0.1431 0.1674 0.2106 0.0014  0.0156  0.0378  7  PRO B N   
229 C CA  . PRO B 8  ? 0.0712 0.1025 0.1377 0.0061  0.0138  0.0292  7  PRO B CA  
230 C C   . PRO B 8  ? 0.0820 0.1118 0.1456 0.0068  0.0170  0.0304  7  PRO B C   
231 O O   . PRO B 8  ? 0.0697 0.0925 0.1314 0.0048  0.0197  0.0365  7  PRO B O   
232 C CB  . PRO B 8  ? 0.2579 0.2804 0.3251 0.0104  0.0038  0.0223  7  PRO B CB  
233 C CG  . PRO B 8  ? 0.1627 0.1695 0.2301 0.0062  0.0011  0.0308  7  PRO B CG  
234 C CD  . PRO B 8  ? 0.1275 0.1388 0.1957 0.0006  0.0086  0.0398  7  PRO B CD  
235 N N   . HYP B 9  ? 0.1846 0.2231 0.2482 0.0101  0.0163  0.0242  8  HYP B N   
236 C CA  . HYP B 9  ? 0.1356 0.1723 0.1974 0.0108  0.0181  0.0247  8  HYP B CA  
237 C C   . HYP B 9  ? 0.1639 0.1864 0.2217 0.0137  0.0137  0.0239  8  HYP B C   
238 O O   . HYP B 9  ? 0.2082 0.2237 0.2660 0.0162  0.0071  0.0208  8  HYP B O   
239 C CB  . HYP B 9  ? 0.1678 0.2207 0.2320 0.0126  0.0180  0.0190  8  HYP B CB  
240 C CG  . HYP B 9  ? 0.0612 0.1296 0.1282 0.0117  0.0183  0.0175  8  HYP B CG  
241 C CD  . HYP B 9  ? 0.0655 0.1222 0.1316 0.0122  0.0154  0.0176  8  HYP B CD  
242 O OD1 . HYP B 9  ? 0.1593 0.2354 0.2293 0.0054  0.0231  0.0257  8  HYP B OD1 
243 N N   . GLY B 10 ? 0.0753 0.0936 0.1301 0.0136  0.0162  0.0270  9  GLY B N   
244 C CA  . GLY B 10 ? 0.0836 0.0912 0.1337 0.0156  0.0124  0.0282  9  GLY B CA  
245 C C   . GLY B 10 ? 0.1007 0.1067 0.1506 0.0207  0.0061  0.0205  9  GLY B C   
246 O O   . GLY B 10 ? 0.0848 0.1012 0.1383 0.0232  0.0054  0.0132  9  GLY B O   
247 N N   . ARG B 11 ? 0.0977 0.0932 0.1434 0.0225  0.0012  0.0223  10 ARG B N   
248 C CA  . ARG B 11 ? 0.1089 0.1015 0.1548 0.0282  -0.0061 0.0145  10 ARG B CA  
249 C C   . ARG B 11 ? 0.1081 0.1088 0.1530 0.0307  -0.0025 0.0103  10 ARG B C   
250 O O   . ARG B 11 ? 0.2303 0.2347 0.2738 0.0281  0.0037  0.0141  10 ARG B O   
251 C CB  . ARG B 11 ? 0.1180 0.0949 0.1606 0.0285  -0.0148 0.0195  10 ARG B CB  
252 C CG  . ARG B 11 ? 0.3642 0.3336 0.4105 0.0348  -0.0269 0.0106  10 ARG B CG  
253 C CD  . ARG B 11 ? 0.2858 0.2626 0.3385 0.0380  -0.0292 0.0009  10 ARG B CD  
254 N NE  . ARG B 11 ? 0.4376 0.4071 0.4947 0.0460  -0.0432 -0.0098 10 ARG B NE  
255 C CZ  . ARG B 11 ? 0.3238 0.2732 0.3834 0.0457  -0.0565 -0.0065 10 ARG B CZ  
256 N NH1 . ARG B 11 ? 0.3407 0.2787 0.3985 0.0366  -0.0560 0.0088  10 ARG B NH1 
257 N NH2 . ARG B 11 ? 0.3297 0.2720 0.3944 0.0543  -0.0709 -0.0186 10 ARG B NH2 
258 N N   . ALA B 12 ? 0.1017 0.1058 0.1487 0.0364  -0.0080 0.0014  11 ALA B N   
259 C CA  . ALA B 12 ? 0.2161 0.2283 0.2634 0.0384  -0.0061 -0.0026 11 ALA B CA  
260 C C   . ALA B 12 ? 0.2550 0.2560 0.2956 0.0391  -0.0076 0.0017  11 ALA B C   
261 O O   . ALA B 12 ? 0.1708 0.1593 0.2071 0.0396  -0.0130 0.0061  11 ALA B O   
262 C CB  . ALA B 12 ? 0.0999 0.1221 0.1518 0.0450  -0.0117 -0.0139 11 ALA B CB  
263 N N   . GLY B 13 ? 0.1536 0.1604 0.1941 0.0388  -0.0038 0.0010  12 GLY B N   
264 C CA  . GLY B 13 ? 0.1071 0.1073 0.1409 0.0407  -0.0053 0.0030  12 GLY B CA  
265 C C   . GLY B 13 ? 0.1165 0.1109 0.1479 0.0462  -0.0134 -0.0010 12 GLY B C   
266 O O   . GLY B 13 ? 0.1263 0.1230 0.1626 0.0497  -0.0184 -0.0080 12 GLY B O   
267 N N   . GLU B 14 ? 0.1276 0.1161 0.1516 0.0476  -0.0155 0.0027  13 GLU B N   
268 C CA  . GLU B 14 ? 0.2470 0.2289 0.2682 0.0526  -0.0242 0.0001  13 GLU B CA  
269 C C   . GLU B 14 ? 0.1363 0.1271 0.1634 0.0572  -0.0256 -0.0109 13 GLU B C   
270 O O   . GLU B 14 ? 0.1491 0.1499 0.1800 0.0554  -0.0200 -0.0135 13 GLU B O   
271 C CB  . GLU B 14 ? 0.2296 0.2077 0.2406 0.0527  -0.0253 0.0075  13 GLU B CB  
272 C CG  . GLU B 14 ? 0.2967 0.2654 0.3037 0.0564  -0.0357 0.0087  13 GLU B CG  
273 C CD  . GLU B 14 ? 0.3981 0.3648 0.3943 0.0538  -0.0372 0.0214  13 GLU B CD  
274 O OE1 . GLU B 14 ? 0.4093 0.3862 0.3991 0.0546  -0.0315 0.0219  13 GLU B OE1 
275 O OE2 . GLU B 14 ? 0.3743 0.3306 0.3692 0.0508  -0.0451 0.0309  13 GLU B OE2 
276 N N   . PRO B 15 ? 0.0515 0.1036 0.0929 0.0154  -0.0058 -0.0351 14 PRO B N   
277 C CA  . PRO B 15 ? 0.0806 0.1309 0.1198 0.0144  -0.0073 -0.0343 14 PRO B CA  
278 C C   . PRO B 15 ? 0.1748 0.2142 0.2078 0.0135  -0.0068 -0.0315 14 PRO B C   
279 O O   . PRO B 15 ? 0.0598 0.0922 0.0902 0.0133  -0.0058 -0.0308 14 PRO B O   
280 C CB  . PRO B 15 ? 0.1592 0.2112 0.2028 0.0130  -0.0094 -0.0376 14 PRO B CB  
281 C CG  . PRO B 15 ? 0.1823 0.2336 0.2295 0.0129  -0.0085 -0.0395 14 PRO B CG  
282 C CD  . PRO B 15 ? 0.1183 0.1741 0.1659 0.0147  -0.0068 -0.0390 14 PRO B CD  
283 N N   . GLY B 16 ? 0.0822 0.1204 0.1131 0.0130  -0.0075 -0.0301 15 GLY B N   
284 C CA  . GLY B 16 ? 0.0626 0.0912 0.0882 0.0120  -0.0073 -0.0282 15 GLY B CA  
285 C C   . GLY B 16 ? 0.0882 0.1109 0.1128 0.0103  -0.0091 -0.0295 15 GLY B C   
286 O O   . GLY B 16 ? 0.2029 0.2288 0.2315 0.0098  -0.0104 -0.0318 15 GLY B O   
287 N N   . LEU B 17 ? 0.0691 0.0829 0.0884 0.0096  -0.0088 -0.0282 16 LEU B N   
288 C CA  . LEU B 17 ? 0.1014 0.1098 0.1188 0.0084  -0.0105 -0.0291 16 LEU B CA  
289 C C   . LEU B 17 ? 0.0716 0.0822 0.0911 0.0070  -0.0132 -0.0302 16 LEU B C   
290 O O   . LEU B 17 ? 0.0704 0.0849 0.0916 0.0067  -0.0135 -0.0298 16 LEU B O   
291 C CB  . LEU B 17 ? 0.1045 0.1037 0.1151 0.0081  -0.0098 -0.0277 16 LEU B CB  
292 C CG  . LEU B 17 ? 0.1390 0.1344 0.1466 0.0096  -0.0070 -0.0264 16 LEU B CG  
293 C CD1 . LEU B 17 ? 0.0869 0.0732 0.0878 0.0092  -0.0065 -0.0257 16 LEU B CD1 
294 C CD2 . LEU B 17 ? 0.0776 0.0757 0.0888 0.0105  -0.0062 -0.0271 16 LEU B CD2 
295 N N   . GLN B 18 ? 0.0702 0.0787 0.0902 0.0062  -0.0149 -0.0312 17 GLN B N   
296 C CA  . GLN B 18 ? 0.0910 0.1010 0.1129 0.0048  -0.0174 -0.0320 17 GLN B CA  
297 C C   . GLN B 18 ? 0.0733 0.0786 0.0909 0.0037  -0.0183 -0.0311 17 GLN B C   
298 O O   . GLN B 18 ? 0.0782 0.0770 0.0905 0.0037  -0.0176 -0.0303 17 GLN B O   
299 C CB  . GLN B 18 ? 0.0695 0.0780 0.0926 0.0046  -0.0188 -0.0328 17 GLN B CB  
300 C CG  . GLN B 18 ? 0.0932 0.1038 0.1189 0.0032  -0.0214 -0.0335 17 GLN B CG  
301 C CD  . GLN B 18 ? 0.1109 0.1205 0.1385 0.0034  -0.0222 -0.0339 17 GLN B CD  
302 O OE1 . GLN B 18 ? 0.2030 0.2158 0.2346 0.0027  -0.0239 -0.0347 17 GLN B OE1 
303 N NE2 . GLN B 18 ? 0.0712 0.0764 0.0961 0.0044  -0.0209 -0.0331 17 GLN B NE2 
304 N N   . GLY B 19 ? 0.0976 0.1063 0.1179 0.0028  -0.0197 -0.0313 18 GLY B N   
305 C CA  . GLY B 19 ? 0.0748 0.0800 0.0929 0.0015  -0.0203 -0.0307 18 GLY B CA  
306 C C   . GLY B 19 ? 0.1125 0.1122 0.1270 0.0002  -0.0226 -0.0314 18 GLY B C   
307 O O   . GLY B 19 ? 0.0796 0.0782 0.0933 0.0006  -0.0236 -0.0319 18 GLY B O   
308 N N   . PRO B 20 ? 0.1431 0.1392 0.1556 -0.0011 -0.0234 -0.0315 19 PRO B N   
309 C CA  . PRO B 20 ? 0.0878 0.0791 0.0966 -0.0022 -0.0258 -0.0325 19 PRO B CA  
310 C C   . PRO B 20 ? 0.0855 0.0806 0.0978 -0.0031 -0.0289 -0.0332 19 PRO B C   
311 O O   . PRO B 20 ? 0.0806 0.0813 0.0984 -0.0033 -0.0290 -0.0331 19 PRO B O   
312 C CB  . PRO B 20 ? 0.1089 0.0963 0.1157 -0.0035 -0.0255 -0.0328 19 PRO B CB  
313 C CG  . PRO B 20 ? 0.0883 0.0801 0.1001 -0.0035 -0.0238 -0.0318 19 PRO B CG  
314 C CD  . PRO B 20 ? 0.0834 0.0798 0.0972 -0.0016 -0.0220 -0.0307 19 PRO B CD  
315 N N   . ALA B 21 ? 0.2227 0.2148 0.2319 -0.0036 -0.0311 -0.0339 20 ALA B N   
316 C CA  . ALA B 21 ? 0.1734 0.1686 0.1854 -0.0042 -0.0340 -0.0343 20 ALA B CA  
317 C C   . ALA B 21 ? 0.0872 0.0847 0.1030 -0.0062 -0.0355 -0.0350 20 ALA B C   
318 O O   . ALA B 21 ? 0.1374 0.1317 0.1515 -0.0072 -0.0350 -0.0355 20 ALA B O   
319 C CB  . ALA B 21 ? 0.1328 0.1246 0.1401 -0.0039 -0.0360 -0.0346 20 ALA B CB  
320 N N   . GLY B 22 ? 0.0834 0.0857 0.1043 -0.0065 -0.0371 -0.0349 21 GLY B N   
321 C CA  . GLY B 22 ? 0.0908 0.0956 0.1158 -0.0082 -0.0385 -0.0353 21 GLY B CA  
322 C C   . GLY B 22 ? 0.1919 0.1933 0.2138 -0.0097 -0.0404 -0.0358 21 GLY B C   
323 O O   . GLY B 22 ? 0.1174 0.1155 0.1341 -0.0093 -0.0416 -0.0364 21 GLY B O   
324 N N   . PRO B 23 ? 0.0957 0.0982 0.1208 -0.0113 -0.0407 -0.0359 22 PRO B N   
325 C CA  . PRO B 23 ? 0.1601 0.1606 0.1834 -0.0129 -0.0425 -0.0367 22 PRO B CA  
326 C C   . PRO B 23 ? 0.0943 0.0976 0.1175 -0.0126 -0.0444 -0.0358 22 PRO B C   
327 O O   . PRO B 23 ? 0.1517 0.1584 0.1775 -0.0114 -0.0440 -0.0343 22 PRO B O   
328 C CB  . PRO B 23 ? 0.0930 0.0949 0.1220 -0.0145 -0.0419 -0.0368 22 PRO B CB  
329 C CG  . PRO B 23 ? 0.0864 0.0933 0.1204 -0.0134 -0.0407 -0.0352 22 PRO B CG  
330 C CD  . PRO B 23 ? 0.1057 0.1124 0.1373 -0.0116 -0.0396 -0.0351 22 PRO B CD  
331 N N   . HYP B 24 ? 0.1487 0.1508 0.1690 -0.0136 -0.0464 -0.0368 23 HYP B N   
332 C CA  . HYP B 24 ? 0.1016 0.1066 0.1220 -0.0133 -0.0485 -0.0360 23 HYP B CA  
333 C C   . HYP B 24 ? 0.1904 0.2002 0.2175 -0.0138 -0.0482 -0.0344 23 HYP B C   
334 O O   . HYP B 24 ? 0.1041 0.1144 0.1349 -0.0151 -0.0472 -0.0345 23 HYP B O   
335 C CB  . HYP B 24 ? 0.1442 0.1477 0.1606 -0.0143 -0.0507 -0.0377 23 HYP B CB  
336 C CG  . HYP B 24 ? 0.1653 0.1638 0.1782 -0.0150 -0.0496 -0.0397 23 HYP B CG  
337 C CD  . HYP B 24 ? 0.1787 0.1764 0.1951 -0.0149 -0.0468 -0.0390 23 HYP B CD  
338 O OD1 . HYP B 24 ? 0.1228 0.1183 0.1293 -0.0133 -0.0500 -0.0402 23 HYP B OD1 
339 N N   . GLY B 25 ? 0.0939 0.1068 0.1224 -0.0128 -0.0490 -0.0330 24 GLY B N   
340 C CA  . GLY B 25 ? 0.0902 0.1073 0.1245 -0.0131 -0.0487 -0.0316 24 GLY B CA  
341 C C   . GLY B 25 ? 0.1328 0.1508 0.1684 -0.0150 -0.0503 -0.0322 24 GLY B C   
342 O O   . GLY B 25 ? 0.0989 0.1146 0.1311 -0.0160 -0.0516 -0.0339 24 GLY B O   
343 N N   . PRO B 26 ? 0.1359 0.0471 0.0681 0.0262  0.0099  0.0118  25 PRO B N   
344 C CA  . PRO B 26 ? 0.1365 0.0469 0.0680 0.0260  0.0086  0.0117  25 PRO B CA  
345 C C   . PRO B 26 ? 0.1691 0.0781 0.0968 0.0266  0.0096  0.0111  25 PRO B C   
346 O O   . PRO B 26 ? 0.1683 0.0770 0.0930 0.0273  0.0114  0.0106  25 PRO B O   
347 C CB  . PRO B 26 ? 0.1751 0.0871 0.1075 0.0255  0.0086  0.0118  25 PRO B CB  
348 C CG  . PRO B 26 ? 0.1755 0.0882 0.1066 0.0258  0.0106  0.0115  25 PRO B CG  
349 C CD  . PRO B 26 ? 0.1619 0.0745 0.0944 0.0258  0.0105  0.0118  25 PRO B CD  
350 N N   . HYP B 27 ? 0.1404 0.0476 0.0674 0.0262  0.0081  0.0111  26 HYP B N   
351 C CA  . HYP B 27 ? 0.1432 0.0482 0.0665 0.0266  0.0081  0.0107  26 HYP B CA  
352 C C   . HYP B 27 ? 0.1427 0.0490 0.0660 0.0275  0.0085  0.0111  26 HYP B C   
353 O O   . HYP B 27 ? 0.1946 0.1032 0.1211 0.0276  0.0084  0.0117  26 HYP B O   
354 C CB  . HYP B 27 ? 0.2817 0.1840 0.2044 0.0257  0.0062  0.0109  26 HYP B CB  
355 C CG  . HYP B 27 ? 0.2188 0.1205 0.1442 0.0251  0.0055  0.0115  26 HYP B CG  
356 C CD  . HYP B 27 ? 0.1829 0.0883 0.1118 0.0254  0.0062  0.0118  26 HYP B CD  
357 O OD1 . HYP B 27 ? 0.2210 0.1193 0.1450 0.0256  0.0064  0.0115  26 HYP B OD1 
358 N N   . GLY B 28 ? 0.1465 0.0504 0.0662 0.0285  0.0090  0.0111  27 GLY B N   
359 C CA  . GLY B 28 ? 0.1488 0.0524 0.0692 0.0301  0.0091  0.0123  27 GLY B CA  
360 C C   . GLY B 28 ? 0.1932 0.0982 0.1180 0.0303  0.0066  0.0139  27 GLY B C   
361 O O   . GLY B 28 ? 0.1928 0.0973 0.1179 0.0288  0.0046  0.0137  27 GLY B O   
362 N N   . PRO B 29 ? 0.1494 0.0558 0.0779 0.0321  0.0069  0.0158  28 PRO B N   
363 C CA  . PRO B 29 ? 0.2101 0.1184 0.1442 0.0327  0.0044  0.0182  28 PRO B CA  
364 C C   . PRO B 29 ? 0.1546 0.0608 0.0887 0.0335  0.0017  0.0203  28 PRO B C   
365 O O   . PRO B 29 ? 0.1913 0.0937 0.1201 0.0338  0.0021  0.0196  28 PRO B O   
366 C CB  . PRO B 29 ? 0.2465 0.1563 0.1840 0.0353  0.0062  0.0199  28 PRO B CB  
367 C CG  . PRO B 29 ? 0.1610 0.0672 0.0932 0.0367  0.0088  0.0193  28 PRO B CG  
368 C CD  . PRO B 29 ? 0.1523 0.0577 0.0794 0.0341  0.0095  0.0163  28 PRO B CD  
369 N N   . HYP B 30 ? 0.2777 0.1863 0.2176 0.0338  -0.0011 0.0233  29 HYP B N   
370 C CA  . HYP B 30 ? 0.2568 0.1642 0.1975 0.0346  -0.0044 0.0268  29 HYP B CA  
371 C C   . HYP B 30 ? 0.3952 0.3012 0.3365 0.0385  -0.0046 0.0300  29 HYP B C   
372 O O   . HYP B 30 ? 0.2490 0.1556 0.1921 0.0412  -0.0025 0.0303  29 HYP B O   
373 C CB  . HYP B 30 ? 0.2411 0.1529 0.1887 0.0339  -0.0077 0.0305  29 HYP B CB  
374 C CG  . HYP B 30 ? 0.1683 0.0809 0.1158 0.0312  -0.0058 0.0271  29 HYP B CG  
375 C CD  . HYP B 30 ? 0.2416 0.1531 0.1854 0.0317  -0.0020 0.0233  29 HYP B CD  
376 O OD1 . HYP B 30 ? 0.2210 0.1298 0.1628 0.0276  -0.0066 0.0249  29 HYP B OD1 
377 N N   . GLY B 31 ? 0.3694 0.2725 0.3081 0.0389  -0.0072 0.0326  30 GLY B N   
378 C CA  . GLY B 31 ? 0.2992 0.1992 0.2373 0.0427  -0.0079 0.0364  30 GLY B CA  
379 C C   . GLY B 31 ? 0.3023 0.2070 0.2495 0.0470  -0.0114 0.0430  30 GLY B C   
380 O O   . GLY B 31 ? 0.3706 0.2814 0.3248 0.0465  -0.0135 0.0449  30 GLY B O   
381 C C   . ACE C 1  ? 0.3419 0.4137 0.3572 -0.0818 -0.0308 -0.0944 0  ACE C C   
382 O O   . ACE C 1  ? 0.3798 0.4535 0.4143 -0.0745 -0.0350 -0.0973 0  ACE C O   
383 N N   . PRO C 2  ? 0.2592 0.3309 0.2704 -0.0848 -0.0344 -0.0910 1  PRO C N   
384 C CA  . PRO C 2  ? 0.3569 0.4180 0.3532 -0.0855 -0.0386 -0.0861 1  PRO C CA  
385 C C   . PRO C 2  ? 0.2170 0.2634 0.1986 -0.0870 -0.0361 -0.0827 1  PRO C C   
386 O O   . PRO C 2  ? 0.3597 0.4021 0.3332 -0.0830 -0.0395 -0.0812 1  PRO C O   
387 C CB  . PRO C 2  ? 0.2422 0.3085 0.2439 -0.0921 -0.0403 -0.0899 1  PRO C CB  
388 C CG  . PRO C 2  ? 0.3204 0.4031 0.3386 -0.0916 -0.0397 -0.0933 1  PRO C CG  
389 C CD  . PRO C 2  ? 0.3413 0.4278 0.3689 -0.0858 -0.0366 -0.0956 1  PRO C CD  
390 N N   . HYP C 3  ? 0.2189 0.2633 0.1980 -0.0938 -0.0311 -0.0806 2  HYP C N   
391 C CA  . HYP C 3  ? 0.2475 0.2781 0.2158 -0.0948 -0.0309 -0.0749 2  HYP C CA  
392 C C   . HYP C 3  ? 0.2660 0.2920 0.2268 -0.0871 -0.0295 -0.0743 2  HYP C C   
393 O O   . HYP C 3  ? 0.2225 0.2561 0.1897 -0.0847 -0.0266 -0.0777 2  HYP C O   
394 C CB  . HYP C 3  ? 0.2617 0.2988 0.2296 -0.1065 -0.0277 -0.0678 2  HYP C CB  
395 C CG  . HYP C 3  ? 0.2959 0.3513 0.2749 -0.1140 -0.0267 -0.0693 2  HYP C CG  
396 C CD  . HYP C 3  ? 0.3182 0.3774 0.3041 -0.1040 -0.0272 -0.0800 2  HYP C CD  
397 O OD1 . HYP C 3  ? 0.3679 0.4143 0.3567 -0.1215 -0.0344 -0.0621 2  HYP C OD1 
398 N N   . GLY C 4  ? 0.2166 0.2329 0.1696 -0.0832 -0.0325 -0.0717 3  GLY C N   
399 C CA  . GLY C 4  ? 0.2588 0.2725 0.2058 -0.0778 -0.0327 -0.0680 3  GLY C CA  
400 C C   . GLY C 4  ? 0.2517 0.2591 0.1938 -0.0798 -0.0283 -0.0656 3  GLY C C   
401 O O   . GLY C 4  ? 0.2200 0.2280 0.1598 -0.0871 -0.0254 -0.0643 3  GLY C O   
402 N N   . PRO C 5  ? 0.2105 0.2154 0.1531 -0.0750 -0.0293 -0.0629 4  PRO C N   
403 C CA  . PRO C 5  ? 0.2632 0.2643 0.2017 -0.0766 -0.0258 -0.0631 4  PRO C CA  
404 C C   . PRO C 5  ? 0.2130 0.2045 0.1375 -0.0795 -0.0256 -0.0565 4  PRO C C   
405 O O   . PRO C 5  ? 0.2175 0.2054 0.1401 -0.0771 -0.0287 -0.0550 4  PRO C O   
406 C CB  . PRO C 5  ? 0.2113 0.2100 0.1610 -0.0704 -0.0306 -0.0607 4  PRO C CB  
407 C CG  . PRO C 5  ? 0.2315 0.2334 0.1811 -0.0681 -0.0368 -0.0515 4  PRO C CG  
408 C CD  . PRO C 5  ? 0.2091 0.2180 0.1583 -0.0700 -0.0358 -0.0568 4  PRO C CD  
409 N N   . HYP C 6  ? 0.2149 0.2071 0.1345 -0.0837 -0.0223 -0.0540 5  HYP C N   
410 C CA  . HYP C 6  ? 0.2624 0.2451 0.1742 -0.0866 -0.0243 -0.0460 5  HYP C CA  
411 C C   . HYP C 6  ? 0.2292 0.2039 0.1379 -0.0788 -0.0267 -0.0445 5  HYP C C   
412 O O   . HYP C 6  ? 0.2114 0.1884 0.1220 -0.0746 -0.0273 -0.0452 5  HYP C O   
413 C CB  . HYP C 6  ? 0.2793 0.2720 0.1853 -0.0952 -0.0213 -0.0425 5  HYP C CB  
414 C CG  . HYP C 6  ? 0.3234 0.3379 0.2354 -0.0983 -0.0159 -0.0518 5  HYP C CG  
415 C CD  . HYP C 6  ? 0.3562 0.3662 0.2794 -0.0891 -0.0171 -0.0603 5  HYP C CD  
416 O OD1 . HYP C 6  ? 0.4413 0.4701 0.3511 -0.1124 -0.0164 -0.0450 5  HYP C OD1 
417 N N   . GLY C 7  ? 0.2172 0.1852 0.1257 -0.0783 -0.0300 -0.0424 6  GLY C N   
418 C CA  . GLY C 7  ? 0.2263 0.1957 0.1319 -0.0723 -0.0313 -0.0427 6  GLY C CA  
419 C C   . GLY C 7  ? 0.2984 0.2646 0.1975 -0.0725 -0.0300 -0.0359 6  GLY C C   
420 O O   . GLY C 7  ? 0.2190 0.1834 0.1159 -0.0770 -0.0278 -0.0343 6  GLY C O   
421 N N   . PRO C 8  ? 0.2481 0.2369 0.1815 0.0139  -0.0570 -0.0371 7  PRO C N   
422 C CA  . PRO C 8  ? 0.1563 0.1446 0.0921 0.0160  -0.0565 -0.0367 7  PRO C CA  
423 C C   . PRO C 8  ? 0.1605 0.1476 0.0983 0.0183  -0.0557 -0.0371 7  PRO C C   
424 O O   . PRO C 8  ? 0.1557 0.1415 0.0919 0.0178  -0.0558 -0.0376 7  PRO C O   
425 C CB  . PRO C 8  ? 0.2287 0.2188 0.1619 0.0144  -0.0565 -0.0366 7  PRO C CB  
426 C CG  . PRO C 8  ? 0.1826 0.1745 0.1121 0.0118  -0.0569 -0.0372 7  PRO C CG  
427 C CD  . PRO C 8  ? 0.1640 0.1539 0.0938 0.0121  -0.0572 -0.0380 7  PRO C CD  
428 N N   . HYP C 9  ? 0.1909 0.1775 0.1318 0.0209  -0.0554 -0.0369 8  HYP C N   
429 C CA  . HYP C 9  ? 0.1476 0.1335 0.0905 0.0231  -0.0546 -0.0372 8  HYP C CA  
430 C C   . HYP C 9  ? 0.1731 0.1578 0.1140 0.0229  -0.0542 -0.0376 8  HYP C C   
431 O O   . HYP C 9  ? 0.2413 0.2272 0.1800 0.0216  -0.0543 -0.0379 8  HYP C O   
432 C CB  . HYP C 9  ? 0.1630 0.1490 0.1096 0.0262  -0.0547 -0.0374 8  HYP C CB  
433 C CG  . HYP C 9  ? 0.1452 0.1318 0.0925 0.0260  -0.0559 -0.0375 8  HYP C CG  
434 C CD  . HYP C 9  ? 0.2199 0.2068 0.1633 0.0223  -0.0563 -0.0368 8  HYP C CD  
435 O OD1 . HYP C 9  ? 0.1693 0.1584 0.1190 0.0276  -0.0561 -0.0385 8  HYP C OD1 
436 N N   . GLY C 10 ? 0.1487 0.1321 0.0903 0.0241  -0.0540 -0.0380 9  GLY C N   
437 C CA  . GLY C 10 ? 0.1515 0.1339 0.0917 0.0249  -0.0541 -0.0390 9  GLY C CA  
438 C C   . GLY C 10 ? 0.1540 0.1375 0.0957 0.0267  -0.0531 -0.0390 9  GLY C C   
439 O O   . GLY C 10 ? 0.1449 0.1287 0.0888 0.0275  -0.0528 -0.0382 9  GLY C O   
440 N N   . ARG C 11 ? 0.1500 0.1339 0.0906 0.0275  -0.0531 -0.0403 10 ARG C N   
441 C CA  . ARG C 11 ? 0.1479 0.1335 0.0895 0.0286  -0.0522 -0.0402 10 ARG C CA  
442 C C   . ARG C 11 ? 0.1435 0.1270 0.0889 0.0316  -0.0517 -0.0398 10 ARG C C   
443 O O   . ARG C 11 ? 0.1721 0.1533 0.1182 0.0325  -0.0522 -0.0399 10 ARG C O   
444 C CB  . ARG C 11 ? 0.1538 0.1426 0.0928 0.0285  -0.0522 -0.0421 10 ARG C CB  
445 C CG  . ARG C 11 ? 0.2379 0.2247 0.1779 0.0314  -0.0528 -0.0438 10 ARG C CG  
446 C CD  . ARG C 11 ? 0.1887 0.1790 0.1261 0.0320  -0.0535 -0.0468 10 ARG C CD  
447 N NE  . ARG C 11 ? 0.3943 0.3854 0.3289 0.0303  -0.0547 -0.0482 10 ARG C NE  
448 C CZ  . ARG C 11 ? 0.3215 0.3182 0.2530 0.0285  -0.0544 -0.0492 10 ARG C CZ  
449 N NH1 . ARG C 11 ? 0.2241 0.2265 0.1546 0.0274  -0.0531 -0.0486 10 ARG C NH1 
450 N NH2 . ARG C 11 ? 0.2869 0.2841 0.2160 0.0274  -0.0556 -0.0507 10 ARG C NH2 
451 N N   . ALA C 12 ? 0.1900 0.1744 0.1372 0.0329  -0.0511 -0.0394 11 ALA C N   
452 C CA  . ALA C 12 ? 0.1367 0.1198 0.0873 0.0360  -0.0507 -0.0394 11 ALA C CA  
453 C C   . ALA C 12 ? 0.1383 0.1208 0.0883 0.0373  -0.0507 -0.0405 11 ALA C C   
454 O O   . ALA C 12 ? 0.1421 0.1264 0.0895 0.0365  -0.0510 -0.0418 11 ALA C O   
455 C CB  . ALA C 12 ? 0.1343 0.1182 0.0868 0.0369  -0.0504 -0.0390 11 ALA C CB  
456 N N   . GLY C 13 ? 0.3042 0.2847 0.2566 0.0394  -0.0508 -0.0402 12 GLY C N   
457 C CA  . GLY C 13 ? 0.1697 0.1485 0.1215 0.0406  -0.0517 -0.0412 12 GLY C CA  
458 C C   . GLY C 13 ? 0.1377 0.1182 0.0902 0.0427  -0.0512 -0.0423 12 GLY C C   
459 O O   . GLY C 13 ? 0.1353 0.1184 0.0887 0.0429  -0.0501 -0.0420 12 GLY C O   
460 N N   . GLU C 14 ? 0.1156 0.0909 0.1942 -0.0391 -0.0061 -0.0400 13 GLU C N   
461 C CA  . GLU C 14 ? 0.1167 0.0903 0.1893 -0.0380 -0.0027 -0.0432 13 GLU C CA  
462 C C   . GLU C 14 ? 0.1068 0.0859 0.1844 -0.0335 0.0023  -0.0441 13 GLU C C   
463 O O   . GLU C 14 ? 0.0999 0.0833 0.1849 -0.0305 0.0034  -0.0432 13 GLU C O   
464 C CB  . GLU C 14 ? 0.1187 0.0916 0.1925 -0.0380 -0.0027 -0.0452 13 GLU C CB  
465 C CG  . GLU C 14 ? 0.1721 0.1366 0.2380 -0.0426 -0.0086 -0.0463 13 GLU C CG  
466 C CD  . GLU C 14 ? 0.2555 0.2173 0.3224 -0.0420 -0.0092 -0.0492 13 GLU C CD  
467 O OE1 . GLU C 14 ? 0.3421 0.3008 0.4123 -0.0447 -0.0141 -0.0480 13 GLU C OE1 
468 O OE2 . GLU C 14 ? 0.2508 0.2136 0.3166 -0.0393 -0.0049 -0.0526 13 GLU C OE2 
469 N N   . PRO C 15 ? 0.1690 0.1473 0.2426 -0.0336 0.0050  -0.0461 14 PRO C N   
470 C CA  . PRO C 15 ? 0.1007 0.0838 0.1797 -0.0300 0.0086  -0.0473 14 PRO C CA  
471 C C   . PRO C 15 ? 0.0962 0.0842 0.1815 -0.0268 0.0112  -0.0488 14 PRO C C   
472 O O   . PRO C 15 ? 0.0974 0.0844 0.1822 -0.0279 0.0109  -0.0496 14 PRO C O   
473 C CB  . PRO C 15 ? 0.1052 0.0863 0.1802 -0.0324 0.0104  -0.0486 14 PRO C CB  
474 C CG  . PRO C 15 ? 0.1568 0.1340 0.2247 -0.0362 0.0098  -0.0495 14 PRO C CG  
475 C CD  . PRO C 15 ? 0.1455 0.1186 0.2103 -0.0376 0.0047  -0.0474 14 PRO C CD  
476 N N   . GLY C 16 ? 0.0887 0.0802 0.1790 -0.0234 0.0124  -0.0492 15 GLY C N   
477 C CA  . GLY C 16 ? 0.0883 0.0832 0.1838 -0.0212 0.0137  -0.0497 15 GLY C CA  
478 C C   . GLY C 16 ? 0.0842 0.0809 0.1812 -0.0208 0.0158  -0.0521 15 GLY C C   
479 O O   . GLY C 16 ? 0.0865 0.0833 0.1818 -0.0221 0.0172  -0.0539 15 GLY C O   
480 N N   . LEU C 17 ? 0.0826 0.0801 0.1834 -0.0194 0.0158  -0.0520 16 LEU C N   
481 C CA  . LEU C 17 ? 0.0829 0.0820 0.1869 -0.0187 0.0169  -0.0545 16 LEU C CA  
482 C C   . LEU C 17 ? 0.0816 0.0846 0.1887 -0.0171 0.0179  -0.0562 16 LEU C C   
483 O O   . LEU C 17 ? 0.0780 0.0810 0.1847 -0.0158 0.0164  -0.0555 16 LEU C O   
484 C CB  . LEU C 17 ? 0.0833 0.0808 0.1909 -0.0179 0.0153  -0.0531 16 LEU C CB  
485 C CG  . LEU C 17 ? 0.1401 0.1322 0.2470 -0.0203 0.0126  -0.0513 16 LEU C CG  
486 C CD1 . LEU C 17 ? 0.1112 0.1002 0.2222 -0.0199 0.0106  -0.0511 16 LEU C CD1 
487 C CD2 . LEU C 17 ? 0.2022 0.1916 0.3041 -0.0225 0.0119  -0.0537 16 LEU C CD2 
488 N N   . GLN C 18 ? 0.0869 0.0922 0.1975 -0.0175 0.0197  -0.0590 17 GLN C N   
489 C CA  . GLN C 18 ? 0.0790 0.0873 0.1951 -0.0161 0.0194  -0.0607 17 GLN C CA  
490 C C   . GLN C 18 ? 0.0771 0.0856 0.1957 -0.0136 0.0161  -0.0601 17 GLN C C   
491 O O   . GLN C 18 ? 0.0979 0.1048 0.2166 -0.0130 0.0154  -0.0592 17 GLN C O   
492 C CB  . GLN C 18 ? 0.0804 0.0917 0.2021 -0.0169 0.0222  -0.0642 17 GLN C CB  
493 C CG  . GLN C 18 ? 0.1180 0.1324 0.2478 -0.0160 0.0216  -0.0661 17 GLN C CG  
494 C CD  . GLN C 18 ? 0.1184 0.1372 0.2577 -0.0173 0.0265  -0.0711 17 GLN C CD  
495 O OE1 . GLN C 18 ? 0.1960 0.2169 0.3380 -0.0177 0.0292  -0.0744 17 GLN C OE1 
496 N NE2 . GLN C 18 ? 0.2072 0.2276 0.3549 -0.0185 0.0277  -0.0733 17 GLN C NE2 
497 N N   . GLY C 19 ? 0.0708 0.1246 0.1178 0.0019  0.0203  0.0404  18 GLY C N   
498 C CA  . GLY C 19 ? 0.0478 0.0954 0.0944 0.0035  0.0217  0.0406  18 GLY C CA  
499 C C   . GLY C 19 ? 0.0914 0.1371 0.1370 0.0017  0.0214  0.0374  18 GLY C C   
500 O O   . GLY C 19 ? 0.1022 0.1510 0.1472 -0.0007 0.0202  0.0345  18 GLY C O   
501 N N   . PRO C 20 ? 0.1289 0.1698 0.1748 0.0029  0.0229  0.0378  19 PRO C N   
502 C CA  . PRO C 20 ? 0.0612 0.1003 0.1067 0.0013  0.0226  0.0352  19 PRO C CA  
503 C C   . PRO C 20 ? 0.1146 0.1519 0.1565 0.0013  0.0214  0.0337  19 PRO C C   
504 O O   . PRO C 20 ? 0.0551 0.0914 0.0949 0.0029  0.0213  0.0350  19 PRO C O   
505 C CB  . PRO C 20 ? 0.0692 0.1037 0.1157 0.0033  0.0247  0.0371  19 PRO C CB  
506 C CG  . PRO C 20 ? 0.0818 0.1145 0.1271 0.0065  0.0263  0.0398  19 PRO C CG  
507 C CD  . PRO C 20 ? 0.0504 0.0875 0.0967 0.0060  0.0251  0.0407  19 PRO C CD  
508 N N   . ALA C 21 ? 0.0787 0.1158 0.1207 -0.0008 0.0207  0.0310  20 ALA C N   
509 C CA  . ALA C 21 ? 0.0911 0.1266 0.1307 -0.0011 0.0196  0.0296  20 ALA C CA  
510 C C   . ALA C 21 ? 0.0809 0.1114 0.1182 0.0013  0.0206  0.0313  20 ALA C C   
511 O O   . ALA C 21 ? 0.0942 0.1220 0.1317 0.0029  0.0223  0.0329  20 ALA C O   
512 C CB  . ALA C 21 ? 0.0787 0.1148 0.1200 -0.0035 0.0190  0.0264  20 ALA C CB  
513 N N   . GLY C 22 ? 0.0509 0.0801 0.0861 0.0016  0.0199  0.0309  21 GLY C N   
514 C CA  . GLY C 22 ? 0.1442 0.1691 0.1767 0.0035  0.0210  0.0318  21 GLY C CA  
515 C C   . GLY C 22 ? 0.0460 0.0675 0.0772 0.0030  0.0213  0.0311  21 GLY C C   
516 O O   . GLY C 22 ? 0.1218 0.1442 0.1553 0.0013  0.0205  0.0299  21 GLY C O   
517 N N   . PRO C 23 ? 0.0950 0.1120 0.1221 0.0043  0.0226  0.0318  22 PRO C N   
518 C CA  . PRO C 23 ? 0.0566 0.0695 0.0808 0.0037  0.0227  0.0316  22 PRO C CA  
519 C C   . PRO C 23 ? 0.0790 0.0924 0.1048 0.0012  0.0203  0.0297  22 PRO C C   
520 O O   . PRO C 23 ? 0.0937 0.1100 0.1217 0.0006  0.0191  0.0287  22 PRO C O   
521 C CB  . PRO C 23 ? 0.0560 0.0632 0.0731 0.0054  0.0244  0.0326  22 PRO C CB  
522 C CG  . PRO C 23 ? 0.0644 0.0736 0.0828 0.0072  0.0256  0.0331  22 PRO C CG  
523 C CD  . PRO C 23 ? 0.0498 0.0650 0.0742 0.0061  0.0238  0.0325  22 PRO C CD  
524 N N   . HYP C 24 ? 0.0760 0.0866 0.1014 0.0004  0.0197  0.0302  23 HYP C N   
525 C CA  . HYP C 24 ? 0.0500 0.0612 0.0799 -0.0010 0.0178  0.0299  23 HYP C CA  
526 C C   . HYP C 24 ? 0.1324 0.1401 0.1596 -0.0003 0.0175  0.0312  23 HYP C C   
527 O O   . HYP C 24 ? 0.0660 0.0688 0.0859 0.0016  0.0189  0.0325  23 HYP C O   
528 C CB  . HYP C 24 ? 0.0478 0.0560 0.0799 -0.0013 0.0171  0.0318  23 HYP C CB  
529 C CG  . HYP C 24 ? 0.2297 0.2366 0.2586 0.0000  0.0193  0.0330  23 HYP C CG  
530 C CD  . HYP C 24 ? 0.0759 0.0834 0.1000 0.0013  0.0210  0.0321  23 HYP C CD  
531 O OD1 . HYP C 24 ? 0.1431 0.1545 0.1787 -0.0013 0.0187  0.0313  23 HYP C OD1 
532 N N   . GLY C 25 ? 0.0452 0.0553 0.0785 -0.0019 0.0155  0.0303  24 GLY C N   
533 C CA  . GLY C 25 ? 0.0556 0.0613 0.0882 -0.0015 0.0146  0.0319  24 GLY C CA  
534 C C   . GLY C 25 ? 0.0570 0.0510 0.0829 -0.0001 0.0121  0.0343  24 GLY C C   
535 O O   . GLY C 25 ? 0.0600 0.0512 0.0839 0.0003  0.0113  0.0349  24 GLY C O   
536 N N   . PRO C 26 ? 0.0640 0.0496 0.0853 0.0016  0.0097  0.0348  25 PRO C N   
537 C CA  . PRO C 26 ? 0.1127 0.0856 0.1243 0.0046  0.0046  0.0343  25 PRO C CA  
538 C C   . PRO C 26 ? 0.1654 0.1378 0.1833 0.0032  -0.0013 0.0317  25 PRO C C   
539 O O   . PRO C 26 ? 0.1300 0.1110 0.1612 -0.0001 -0.0017 0.0301  25 PRO C O   
540 C CB  . PRO C 26 ? 0.0816 0.0492 0.0907 0.0060  0.0017  0.0320  25 PRO C CB  
541 C CG  . PRO C 26 ? 0.0696 0.0476 0.0922 0.0028  0.0041  0.0320  25 PRO C CG  
542 C CD  . PRO C 26 ? 0.0815 0.0701 0.1075 0.0010  0.0104  0.0344  25 PRO C CD  
543 N N   . HYP C 27 ? 0.1253 0.0879 0.1337 0.0059  -0.0057 0.0315  26 HYP C N   
544 C CA  . HYP C 27 ? 0.1849 0.1458 0.1994 0.0050  -0.0122 0.0290  26 HYP C CA  
545 C C   . HYP C 27 ? 0.1397 0.1003 0.1620 0.0039  -0.0178 0.0248  26 HYP C C   
546 O O   . HYP C 27 ? 0.0894 0.0465 0.1075 0.0051  -0.0181 0.0238  26 HYP C O   
547 C CB  . HYP C 27 ? 0.2462 0.1961 0.2470 0.0087  -0.0157 0.0304  26 HYP C CB  
548 C CG  . HYP C 27 ? 0.1851 0.1320 0.1725 0.0114  -0.0093 0.0343  26 HYP C CG  
549 C CD  . HYP C 27 ? 0.1009 0.0545 0.0927 0.0099  -0.0039 0.0343  26 HYP C CD  
550 O OD1 . HYP C 27 ? 0.1537 0.1042 0.1425 0.0107  -0.0046 0.0380  26 HYP C OD1 
551 N N   . GLY C 28 ? 0.1445 0.1087 0.1794 0.0015  -0.0217 0.0223  27 GLY C N   
552 C CA  . GLY C 28 ? 0.1293 0.0937 0.1739 0.0003  -0.0268 0.0187  27 GLY C CA  
553 C C   . GLY C 28 ? 0.1185 0.0709 0.1546 0.0034  -0.0349 0.0163  27 GLY C C   
554 O O   . GLY C 28 ? 0.1240 0.0685 0.1467 0.0064  -0.0369 0.0176  27 GLY C O   
555 N N   . PRO C 29 ? 0.1225 0.0749 0.1657 0.0026  -0.0389 0.0127  28 PRO C N   
556 C CA  . PRO C 29 ? 0.1266 0.0706 0.1646 0.0047  -0.0473 0.0089  28 PRO C CA  
557 C C   . PRO C 29 ? 0.1066 0.0495 0.1459 0.0045  -0.0528 0.0078  28 PRO C C   
558 O O   . PRO C 29 ? 0.1201 0.0701 0.1680 0.0024  -0.0500 0.0091  28 PRO C O   
559 C CB  . PRO C 29 ? 0.0977 0.0469 0.1497 0.0024  -0.0490 0.0058  28 PRO C CB  
560 C CG  . PRO C 29 ? 0.2161 0.1768 0.2802 -0.0008 -0.0415 0.0081  28 PRO C CG  
561 C CD  . PRO C 29 ? 0.1783 0.1391 0.2341 -0.0002 -0.0351 0.0124  28 PRO C CD  
562 N N   . HYP C 30 ? 0.3061 0.2401 0.3375 0.0070  -0.0607 0.0052  29 HYP C N   
563 C CA  . HYP C 30 ? 0.3075 0.2400 0.3398 0.0069  -0.0663 0.0045  29 HYP C CA  
564 C C   . HYP C 30 ? 0.2496 0.1910 0.3018 0.0035  -0.0696 0.0017  29 HYP C C   
565 O O   . HYP C 30 ? 0.2077 0.1551 0.2711 0.0020  -0.0695 -0.0001 29 HYP C O   
566 C CB  . HYP C 30 ? 0.2662 0.1861 0.2828 0.0109  -0.0741 0.0026  29 HYP C CB  
567 C CG  . HYP C 30 ? 0.2614 0.1755 0.2663 0.0136  -0.0719 0.0024  29 HYP C CG  
568 C CD  . HYP C 30 ? 0.2776 0.2012 0.2949 0.0106  -0.0644 0.0035  29 HYP C CD  
569 O OD1 . HYP C 30 ? 0.2816 0.1900 0.2683 0.0172  -0.0678 0.0063  29 HYP C OD1 
570 N N   . GLY C 31 ? 0.1256 0.0688 0.1827 0.0025  -0.0719 0.0020  30 GLY C N   
571 C CA  . GLY C 31 ? 0.1684 0.1213 0.2445 0.0002  -0.0748 0.0001  30 GLY C CA  
572 C C   . GLY C 31 ? 0.1548 0.1038 0.2325 0.0017  -0.0819 -0.0029 30 GLY C C   
573 O O   . GLY C 31 ? 0.1767 0.1156 0.2434 0.0034  -0.0888 -0.0050 30 GLY C O   
# 
